data_1SK4
# 
_entry.id   1SK4 
# 
_audit_conform.dict_name       mmcif_pdbx.dic 
_audit_conform.dict_version    5.398 
_audit_conform.dict_location   http://mmcif.pdb.org/dictionaries/ascii/mmcif_pdbx.dic 
# 
loop_
_database_2.database_id 
_database_2.database_code 
_database_2.pdbx_database_accession 
_database_2.pdbx_DOI 
PDB   1SK4         pdb_00001sk4 10.2210/pdb1sk4/pdb 
RCSB  RCSB021780   ?            ?                   
WWPDB D_1000021780 ?            ?                   
# 
loop_
_pdbx_audit_revision_history.ordinal 
_pdbx_audit_revision_history.data_content_type 
_pdbx_audit_revision_history.major_revision 
_pdbx_audit_revision_history.minor_revision 
_pdbx_audit_revision_history.revision_date 
1 'Structure model' 1 0 2004-07-13 
2 'Structure model' 1 1 2008-04-29 
3 'Structure model' 1 2 2011-07-13 
4 'Structure model' 1 3 2023-08-23 
5 'Structure model' 1 4 2023-11-15 
6 'Structure model' 1 5 2024-11-13 
# 
_pdbx_audit_revision_details.ordinal             1 
_pdbx_audit_revision_details.revision_ordinal    1 
_pdbx_audit_revision_details.data_content_type   'Structure model' 
_pdbx_audit_revision_details.provider            repository 
_pdbx_audit_revision_details.type                'Initial release' 
_pdbx_audit_revision_details.description         ? 
_pdbx_audit_revision_details.details             ? 
# 
loop_
_pdbx_audit_revision_group.ordinal 
_pdbx_audit_revision_group.revision_ordinal 
_pdbx_audit_revision_group.data_content_type 
_pdbx_audit_revision_group.group 
1 2 'Structure model' 'Version format compliance' 
2 3 'Structure model' 'Derived calculations'      
3 3 'Structure model' 'Version format compliance' 
4 4 'Structure model' 'Data collection'           
5 4 'Structure model' 'Database references'       
6 4 'Structure model' 'Derived calculations'      
7 4 'Structure model' 'Refinement description'    
8 5 'Structure model' 'Data collection'           
9 6 'Structure model' 'Structure summary'         
# 
loop_
_pdbx_audit_revision_category.ordinal 
_pdbx_audit_revision_category.revision_ordinal 
_pdbx_audit_revision_category.data_content_type 
_pdbx_audit_revision_category.category 
1  4 'Structure model' chem_comp_atom                
2  4 'Structure model' chem_comp_bond                
3  4 'Structure model' database_2                    
4  4 'Structure model' pdbx_initial_refinement_model 
5  4 'Structure model' pdbx_struct_conn_angle        
6  4 'Structure model' struct_conn                   
7  4 'Structure model' struct_ref_seq_dif            
8  4 'Structure model' struct_site                   
9  5 'Structure model' chem_comp_atom                
10 5 'Structure model' chem_comp_bond                
11 6 'Structure model' pdbx_entry_details            
12 6 'Structure model' pdbx_modification_feature     
# 
loop_
_pdbx_audit_revision_item.ordinal 
_pdbx_audit_revision_item.revision_ordinal 
_pdbx_audit_revision_item.data_content_type 
_pdbx_audit_revision_item.item 
1  4 'Structure model' '_database_2.pdbx_DOI'                        
2  4 'Structure model' '_database_2.pdbx_database_accession'         
3  4 'Structure model' '_pdbx_struct_conn_angle.ptnr1_auth_comp_id'  
4  4 'Structure model' '_pdbx_struct_conn_angle.ptnr1_auth_seq_id'   
5  4 'Structure model' '_pdbx_struct_conn_angle.ptnr1_label_asym_id' 
6  4 'Structure model' '_pdbx_struct_conn_angle.ptnr1_label_atom_id' 
7  4 'Structure model' '_pdbx_struct_conn_angle.ptnr1_label_comp_id' 
8  4 'Structure model' '_pdbx_struct_conn_angle.ptnr1_label_seq_id'  
9  4 'Structure model' '_pdbx_struct_conn_angle.ptnr3_auth_comp_id'  
10 4 'Structure model' '_pdbx_struct_conn_angle.ptnr3_auth_seq_id'   
11 4 'Structure model' '_pdbx_struct_conn_angle.ptnr3_label_asym_id' 
12 4 'Structure model' '_pdbx_struct_conn_angle.ptnr3_label_atom_id' 
13 4 'Structure model' '_pdbx_struct_conn_angle.ptnr3_label_comp_id' 
14 4 'Structure model' '_pdbx_struct_conn_angle.ptnr3_label_seq_id'  
15 4 'Structure model' '_pdbx_struct_conn_angle.value'               
16 4 'Structure model' '_struct_conn.pdbx_dist_value'                
17 4 'Structure model' '_struct_conn.pdbx_leaving_atom_flag'         
18 4 'Structure model' '_struct_conn.ptnr1_auth_comp_id'             
19 4 'Structure model' '_struct_conn.ptnr1_auth_seq_id'              
20 4 'Structure model' '_struct_conn.ptnr1_label_asym_id'            
21 4 'Structure model' '_struct_conn.ptnr1_label_atom_id'            
22 4 'Structure model' '_struct_conn.ptnr1_label_comp_id'            
23 4 'Structure model' '_struct_conn.ptnr1_label_seq_id'             
24 4 'Structure model' '_struct_conn.ptnr2_auth_comp_id'             
25 4 'Structure model' '_struct_conn.ptnr2_auth_seq_id'              
26 4 'Structure model' '_struct_conn.ptnr2_label_asym_id'            
27 4 'Structure model' '_struct_conn.ptnr2_label_atom_id'            
28 4 'Structure model' '_struct_conn.ptnr2_label_comp_id'            
29 4 'Structure model' '_struct_conn.ptnr2_label_seq_id'             
30 4 'Structure model' '_struct_ref_seq_dif.details'                 
31 4 'Structure model' '_struct_site.pdbx_auth_asym_id'              
32 4 'Structure model' '_struct_site.pdbx_auth_comp_id'              
33 4 'Structure model' '_struct_site.pdbx_auth_seq_id'               
34 5 'Structure model' '_chem_comp_atom.atom_id'                     
35 5 'Structure model' '_chem_comp_bond.atom_id_2'                   
# 
_pdbx_database_status.status_code                     REL 
_pdbx_database_status.entry_id                        1SK4 
_pdbx_database_status.recvd_initial_deposition_date   2004-03-04 
_pdbx_database_status.deposit_site                    RCSB 
_pdbx_database_status.process_site                    RCSB 
_pdbx_database_status.status_code_sf                  REL 
_pdbx_database_status.SG_entry                        . 
_pdbx_database_status.pdb_format_compatible           Y 
_pdbx_database_status.status_code_mr                  ? 
_pdbx_database_status.status_code_cs                  ? 
_pdbx_database_status.status_code_nmr_data            ? 
_pdbx_database_status.methods_development_category    ? 
# 
loop_
_pdbx_database_related.db_name 
_pdbx_database_related.db_id 
_pdbx_database_related.details 
_pdbx_database_related.content_type 
PDB 1OHT 'peptidoglycan recognition protein-Lb'                                                                                  
unspecified 
PDB 1SK3 
;crystal structure of the C-terminal peptidoglycan-binding   
domain of human peptidoglycan recognition protein Ialpha
;
unspecified 
# 
loop_
_audit_author.name 
_audit_author.pdbx_ordinal 
'Guan, R.'        1 
'Malchiodi, E.L.' 2 
'Qian, W.'        3 
'Schuck, P.'      4 
'Mariuzza, R.A.'  5 
# 
_citation.id                        primary 
_citation.title                     
'Crystal structure of the C-terminal peptidoglycan-binding domain of human peptidoglycan recognition protein Ialpha' 
_citation.journal_abbrev            J.Biol.Chem. 
_citation.journal_volume            279 
_citation.page_first                31873 
_citation.page_last                 31882 
_citation.year                      2004 
_citation.journal_id_ASTM           JBCHA3 
_citation.country                   US 
_citation.journal_id_ISSN           0021-9258 
_citation.journal_id_CSD            0071 
_citation.book_publisher            ? 
_citation.pdbx_database_id_PubMed   15140887 
_citation.pdbx_database_id_DOI      10.1074/jbc.M404920200 
# 
loop_
_citation_author.citation_id 
_citation_author.name 
_citation_author.ordinal 
_citation_author.identifier_ORCID 
primary 'Guan, R.'        1 ? 
primary 'Malchiodi, E.L.' 2 ? 
primary 'Qian, W.'        3 ? 
primary 'Schuck, P.'      4 ? 
primary 'Mariuzza, R.A.'  5 ? 
# 
loop_
_entity.id 
_entity.type 
_entity.src_method 
_entity.pdbx_description 
_entity.formula_weight 
_entity.pdbx_number_of_molecules 
_entity.pdbx_ec 
_entity.pdbx_mutation 
_entity.pdbx_fragment 
_entity.details 
1 polymer     man 'Peptidoglycan recognition protein I-alpha' 18085.520 1   ? ? ? ? 
2 non-polymer syn 'SODIUM ION'                                22.990    1   ? ? ? ? 
3 water       nat water                                       18.015    137 ? ? ? ? 
# 
_entity_name_com.entity_id   1 
_entity_name_com.name        'Peptidoglycan recognition protein intermediate alpha, PGRP-I-alpha, PGLYRPIalpha' 
# 
_entity_poly.entity_id                      1 
_entity_poly.type                           'polypeptide(L)' 
_entity_poly.nstd_linkage                   no 
_entity_poly.nstd_monomer                   yes 
_entity_poly.pdbx_seq_one_letter_code       
;PNIIKRSAWEARETHCPKMNLPAKYVIIIHTAGTSCTVSTDCQTVVRNIQSFHMDTRNFCDIGYHFLVGQDGGVYEGVGW
HIQGSHTYGFNDIALGIAFIGYFVEKPPNAAALEAAQDLIQ(CSO)AVVEGYLTPNYLLMGHSDVVNILSPGQALYNIIS
TWPHFKH
;
_entity_poly.pdbx_seq_one_letter_code_can   
;PNIIKRSAWEARETHCPKMNLPAKYVIIIHTAGTSCTVSTDCQTVVRNIQSFHMDTRNFCDIGYHFLVGQDGGVYEGVGW
HIQGSHTYGFNDIALGIAFIGYFVEKPPNAAALEAAQDLIQCAVVEGYLTPNYLLMGHSDVVNILSPGQALYNIISTWPH
FKH
;
_entity_poly.pdbx_strand_id                 A 
_entity_poly.pdbx_target_identifier         ? 
# 
loop_
_pdbx_entity_nonpoly.entity_id 
_pdbx_entity_nonpoly.name 
_pdbx_entity_nonpoly.comp_id 
2 'SODIUM ION' NA  
3 water        HOH 
# 
loop_
_entity_poly_seq.entity_id 
_entity_poly_seq.num 
_entity_poly_seq.mon_id 
_entity_poly_seq.hetero 
1 1   PRO n 
1 2   ASN n 
1 3   ILE n 
1 4   ILE n 
1 5   LYS n 
1 6   ARG n 
1 7   SER n 
1 8   ALA n 
1 9   TRP n 
1 10  GLU n 
1 11  ALA n 
1 12  ARG n 
1 13  GLU n 
1 14  THR n 
1 15  HIS n 
1 16  CYS n 
1 17  PRO n 
1 18  LYS n 
1 19  MET n 
1 20  ASN n 
1 21  LEU n 
1 22  PRO n 
1 23  ALA n 
1 24  LYS n 
1 25  TYR n 
1 26  VAL n 
1 27  ILE n 
1 28  ILE n 
1 29  ILE n 
1 30  HIS n 
1 31  THR n 
1 32  ALA n 
1 33  GLY n 
1 34  THR n 
1 35  SER n 
1 36  CYS n 
1 37  THR n 
1 38  VAL n 
1 39  SER n 
1 40  THR n 
1 41  ASP n 
1 42  CYS n 
1 43  GLN n 
1 44  THR n 
1 45  VAL n 
1 46  VAL n 
1 47  ARG n 
1 48  ASN n 
1 49  ILE n 
1 50  GLN n 
1 51  SER n 
1 52  PHE n 
1 53  HIS n 
1 54  MET n 
1 55  ASP n 
1 56  THR n 
1 57  ARG n 
1 58  ASN n 
1 59  PHE n 
1 60  CYS n 
1 61  ASP n 
1 62  ILE n 
1 63  GLY n 
1 64  TYR n 
1 65  HIS n 
1 66  PHE n 
1 67  LEU n 
1 68  VAL n 
1 69  GLY n 
1 70  GLN n 
1 71  ASP n 
1 72  GLY n 
1 73  GLY n 
1 74  VAL n 
1 75  TYR n 
1 76  GLU n 
1 77  GLY n 
1 78  VAL n 
1 79  GLY n 
1 80  TRP n 
1 81  HIS n 
1 82  ILE n 
1 83  GLN n 
1 84  GLY n 
1 85  SER n 
1 86  HIS n 
1 87  THR n 
1 88  TYR n 
1 89  GLY n 
1 90  PHE n 
1 91  ASN n 
1 92  ASP n 
1 93  ILE n 
1 94  ALA n 
1 95  LEU n 
1 96  GLY n 
1 97  ILE n 
1 98  ALA n 
1 99  PHE n 
1 100 ILE n 
1 101 GLY n 
1 102 TYR n 
1 103 PHE n 
1 104 VAL n 
1 105 GLU n 
1 106 LYS n 
1 107 PRO n 
1 108 PRO n 
1 109 ASN n 
1 110 ALA n 
1 111 ALA n 
1 112 ALA n 
1 113 LEU n 
1 114 GLU n 
1 115 ALA n 
1 116 ALA n 
1 117 GLN n 
1 118 ASP n 
1 119 LEU n 
1 120 ILE n 
1 121 GLN n 
1 122 CSO n 
1 123 ALA n 
1 124 VAL n 
1 125 VAL n 
1 126 GLU n 
1 127 GLY n 
1 128 TYR n 
1 129 LEU n 
1 130 THR n 
1 131 PRO n 
1 132 ASN n 
1 133 TYR n 
1 134 LEU n 
1 135 LEU n 
1 136 MET n 
1 137 GLY n 
1 138 HIS n 
1 139 SER n 
1 140 ASP n 
1 141 VAL n 
1 142 VAL n 
1 143 ASN n 
1 144 ILE n 
1 145 LEU n 
1 146 SER n 
1 147 PRO n 
1 148 GLY n 
1 149 GLN n 
1 150 ALA n 
1 151 LEU n 
1 152 TYR n 
1 153 ASN n 
1 154 ILE n 
1 155 ILE n 
1 156 SER n 
1 157 THR n 
1 158 TRP n 
1 159 PRO n 
1 160 HIS n 
1 161 PHE n 
1 162 LYS n 
1 163 HIS n 
# 
_entity_src_gen.entity_id                          1 
_entity_src_gen.pdbx_src_id                        1 
_entity_src_gen.pdbx_alt_source_flag               sample 
_entity_src_gen.pdbx_seq_type                      ? 
_entity_src_gen.pdbx_beg_seq_num                   ? 
_entity_src_gen.pdbx_end_seq_num                   ? 
_entity_src_gen.gene_src_common_name               human 
_entity_src_gen.gene_src_genus                     Homo 
_entity_src_gen.pdbx_gene_src_gene                 PGRPIA 
_entity_src_gen.gene_src_species                   ? 
_entity_src_gen.gene_src_strain                    ? 
_entity_src_gen.gene_src_tissue                    ? 
_entity_src_gen.gene_src_tissue_fraction           ? 
_entity_src_gen.gene_src_details                   ? 
_entity_src_gen.pdbx_gene_src_fragment             ? 
_entity_src_gen.pdbx_gene_src_scientific_name      'Homo sapiens' 
_entity_src_gen.pdbx_gene_src_ncbi_taxonomy_id     9606 
_entity_src_gen.pdbx_gene_src_variant              ? 
_entity_src_gen.pdbx_gene_src_cell_line            ? 
_entity_src_gen.pdbx_gene_src_atcc                 ? 
_entity_src_gen.pdbx_gene_src_organ                ? 
_entity_src_gen.pdbx_gene_src_organelle            ? 
_entity_src_gen.pdbx_gene_src_cell                 ? 
_entity_src_gen.pdbx_gene_src_cellular_location    ? 
_entity_src_gen.host_org_common_name               ? 
_entity_src_gen.pdbx_host_org_scientific_name      'Escherichia coli BL21(DE3)' 
_entity_src_gen.pdbx_host_org_ncbi_taxonomy_id     469008 
_entity_src_gen.host_org_genus                     Escherichia 
_entity_src_gen.pdbx_host_org_gene                 ? 
_entity_src_gen.pdbx_host_org_organ                ? 
_entity_src_gen.host_org_species                   'Escherichia coli' 
_entity_src_gen.pdbx_host_org_tissue               ? 
_entity_src_gen.pdbx_host_org_tissue_fraction      ? 
_entity_src_gen.pdbx_host_org_strain               'BL21 DE3' 
_entity_src_gen.pdbx_host_org_variant              ? 
_entity_src_gen.pdbx_host_org_cell_line            ? 
_entity_src_gen.pdbx_host_org_atcc                 ? 
_entity_src_gen.pdbx_host_org_culture_collection   ? 
_entity_src_gen.pdbx_host_org_cell                 ? 
_entity_src_gen.pdbx_host_org_organelle            ? 
_entity_src_gen.pdbx_host_org_cellular_location    ? 
_entity_src_gen.pdbx_host_org_vector_type          plasmid 
_entity_src_gen.pdbx_host_org_vector               ? 
_entity_src_gen.host_org_details                   ? 
_entity_src_gen.expression_system_id               ? 
_entity_src_gen.plasmid_name                       pT7-7 
_entity_src_gen.plasmid_details                    ? 
_entity_src_gen.pdbx_description                   ? 
# 
loop_
_chem_comp.id 
_chem_comp.type 
_chem_comp.mon_nstd_flag 
_chem_comp.name 
_chem_comp.pdbx_synonyms 
_chem_comp.formula 
_chem_comp.formula_weight 
ALA 'L-peptide linking' y ALANINE           ? 'C3 H7 N O2'     89.093  
ARG 'L-peptide linking' y ARGININE          ? 'C6 H15 N4 O2 1' 175.209 
ASN 'L-peptide linking' y ASPARAGINE        ? 'C4 H8 N2 O3'    132.118 
ASP 'L-peptide linking' y 'ASPARTIC ACID'   ? 'C4 H7 N O4'     133.103 
CSO 'L-peptide linking' n S-HYDROXYCYSTEINE ? 'C3 H7 N O3 S'   137.158 
CYS 'L-peptide linking' y CYSTEINE          ? 'C3 H7 N O2 S'   121.158 
GLN 'L-peptide linking' y GLUTAMINE         ? 'C5 H10 N2 O3'   146.144 
GLU 'L-peptide linking' y 'GLUTAMIC ACID'   ? 'C5 H9 N O4'     147.129 
GLY 'peptide linking'   y GLYCINE           ? 'C2 H5 N O2'     75.067  
HIS 'L-peptide linking' y HISTIDINE         ? 'C6 H10 N3 O2 1' 156.162 
HOH non-polymer         . WATER             ? 'H2 O'           18.015  
ILE 'L-peptide linking' y ISOLEUCINE        ? 'C6 H13 N O2'    131.173 
LEU 'L-peptide linking' y LEUCINE           ? 'C6 H13 N O2'    131.173 
LYS 'L-peptide linking' y LYSINE            ? 'C6 H15 N2 O2 1' 147.195 
MET 'L-peptide linking' y METHIONINE        ? 'C5 H11 N O2 S'  149.211 
NA  non-polymer         . 'SODIUM ION'      ? 'Na 1'           22.990  
PHE 'L-peptide linking' y PHENYLALANINE     ? 'C9 H11 N O2'    165.189 
PRO 'L-peptide linking' y PROLINE           ? 'C5 H9 N O2'     115.130 
SER 'L-peptide linking' y SERINE            ? 'C3 H7 N O3'     105.093 
THR 'L-peptide linking' y THREONINE         ? 'C4 H9 N O3'     119.119 
TRP 'L-peptide linking' y TRYPTOPHAN        ? 'C11 H12 N2 O2'  204.225 
TYR 'L-peptide linking' y TYROSINE          ? 'C9 H11 N O3'    181.189 
VAL 'L-peptide linking' y VALINE            ? 'C5 H11 N O2'    117.146 
# 
loop_
_pdbx_poly_seq_scheme.asym_id 
_pdbx_poly_seq_scheme.entity_id 
_pdbx_poly_seq_scheme.seq_id 
_pdbx_poly_seq_scheme.mon_id 
_pdbx_poly_seq_scheme.ndb_seq_num 
_pdbx_poly_seq_scheme.pdb_seq_num 
_pdbx_poly_seq_scheme.auth_seq_num 
_pdbx_poly_seq_scheme.pdb_mon_id 
_pdbx_poly_seq_scheme.auth_mon_id 
_pdbx_poly_seq_scheme.pdb_strand_id 
_pdbx_poly_seq_scheme.pdb_ins_code 
_pdbx_poly_seq_scheme.hetero 
A 1 1   PRO 1   179 179 PRO PRO A . n 
A 1 2   ASN 2   180 180 ASN ASN A . n 
A 1 3   ILE 3   181 181 ILE ILE A . n 
A 1 4   ILE 4   182 182 ILE ILE A . n 
A 1 5   LYS 5   183 183 LYS LYS A . n 
A 1 6   ARG 6   184 184 ARG ARG A . n 
A 1 7   SER 7   185 185 SER SER A . n 
A 1 8   ALA 8   186 186 ALA ALA A . n 
A 1 9   TRP 9   187 187 TRP TRP A . n 
A 1 10  GLU 10  188 188 GLU GLU A . n 
A 1 11  ALA 11  189 189 ALA ALA A . n 
A 1 12  ARG 12  190 190 ARG ARG A . n 
A 1 13  GLU 13  191 191 GLU GLU A . n 
A 1 14  THR 14  192 192 THR THR A . n 
A 1 15  HIS 15  193 193 HIS HIS A . n 
A 1 16  CYS 16  194 194 CYS CYS A . n 
A 1 17  PRO 17  195 195 PRO PRO A . n 
A 1 18  LYS 18  196 196 LYS LYS A . n 
A 1 19  MET 19  197 197 MET MET A . n 
A 1 20  ASN 20  198 198 ASN ASN A . n 
A 1 21  LEU 21  199 199 LEU LEU A . n 
A 1 22  PRO 22  200 200 PRO PRO A . n 
A 1 23  ALA 23  201 201 ALA ALA A . n 
A 1 24  LYS 24  202 202 LYS LYS A . n 
A 1 25  TYR 25  203 203 TYR TYR A . n 
A 1 26  VAL 26  204 204 VAL VAL A . n 
A 1 27  ILE 27  205 205 ILE ILE A . n 
A 1 28  ILE 28  206 206 ILE ILE A . n 
A 1 29  ILE 29  207 207 ILE ILE A . n 
A 1 30  HIS 30  208 208 HIS HIS A . n 
A 1 31  THR 31  209 209 THR THR A . n 
A 1 32  ALA 32  210 210 ALA ALA A . n 
A 1 33  GLY 33  211 211 GLY GLY A . n 
A 1 34  THR 34  212 212 THR THR A . n 
A 1 35  SER 35  213 213 SER SER A . n 
A 1 36  CYS 36  214 214 CYS CYS A . n 
A 1 37  THR 37  215 215 THR THR A . n 
A 1 38  VAL 38  216 216 VAL VAL A . n 
A 1 39  SER 39  217 217 SER SER A . n 
A 1 40  THR 40  218 218 THR THR A . n 
A 1 41  ASP 41  219 219 ASP ASP A . n 
A 1 42  CYS 42  220 220 CYS CYS A . n 
A 1 43  GLN 43  221 221 GLN GLN A . n 
A 1 44  THR 44  222 222 THR THR A . n 
A 1 45  VAL 45  223 223 VAL VAL A . n 
A 1 46  VAL 46  224 224 VAL VAL A . n 
A 1 47  ARG 47  225 225 ARG ARG A . n 
A 1 48  ASN 48  226 226 ASN ASN A . n 
A 1 49  ILE 49  227 227 ILE ILE A . n 
A 1 50  GLN 50  228 228 GLN GLN A . n 
A 1 51  SER 51  229 229 SER SER A . n 
A 1 52  PHE 52  230 230 PHE PHE A . n 
A 1 53  HIS 53  231 231 HIS HIS A . n 
A 1 54  MET 54  232 232 MET MET A . n 
A 1 55  ASP 55  233 233 ASP ASP A . n 
A 1 56  THR 56  234 234 THR THR A . n 
A 1 57  ARG 57  235 235 ARG ARG A . n 
A 1 58  ASN 58  236 236 ASN ASN A . n 
A 1 59  PHE 59  237 237 PHE PHE A . n 
A 1 60  CYS 60  238 238 CYS CYS A . n 
A 1 61  ASP 61  239 239 ASP ASP A . n 
A 1 62  ILE 62  240 240 ILE ILE A . n 
A 1 63  GLY 63  241 241 GLY GLY A . n 
A 1 64  TYR 64  242 242 TYR TYR A . n 
A 1 65  HIS 65  243 243 HIS HIS A . n 
A 1 66  PHE 66  244 244 PHE PHE A . n 
A 1 67  LEU 67  245 245 LEU LEU A . n 
A 1 68  VAL 68  246 246 VAL VAL A . n 
A 1 69  GLY 69  247 247 GLY GLY A . n 
A 1 70  GLN 70  248 248 GLN GLN A . n 
A 1 71  ASP 71  249 249 ASP ASP A . n 
A 1 72  GLY 72  250 250 GLY GLY A . n 
A 1 73  GLY 73  251 251 GLY GLY A . n 
A 1 74  VAL 74  252 252 VAL VAL A . n 
A 1 75  TYR 75  253 253 TYR TYR A . n 
A 1 76  GLU 76  254 254 GLU GLU A . n 
A 1 77  GLY 77  255 255 GLY GLY A . n 
A 1 78  VAL 78  256 256 VAL VAL A . n 
A 1 79  GLY 79  257 257 GLY GLY A . n 
A 1 80  TRP 80  258 258 TRP TRP A . n 
A 1 81  HIS 81  259 259 HIS HIS A . n 
A 1 82  ILE 82  260 260 ILE ILE A . n 
A 1 83  GLN 83  261 261 GLN GLN A . n 
A 1 84  GLY 84  262 262 GLY GLY A . n 
A 1 85  SER 85  263 263 SER SER A . n 
A 1 86  HIS 86  264 264 HIS HIS A . n 
A 1 87  THR 87  265 265 THR THR A . n 
A 1 88  TYR 88  266 266 TYR TYR A . n 
A 1 89  GLY 89  267 267 GLY GLY A . n 
A 1 90  PHE 90  268 268 PHE PHE A . n 
A 1 91  ASN 91  269 269 ASN ASN A . n 
A 1 92  ASP 92  270 270 ASP ASP A . n 
A 1 93  ILE 93  271 271 ILE ILE A . n 
A 1 94  ALA 94  272 272 ALA ALA A . n 
A 1 95  LEU 95  273 273 LEU LEU A . n 
A 1 96  GLY 96  274 274 GLY GLY A . n 
A 1 97  ILE 97  275 275 ILE ILE A . n 
A 1 98  ALA 98  276 276 ALA ALA A . n 
A 1 99  PHE 99  277 277 PHE PHE A . n 
A 1 100 ILE 100 278 278 ILE ILE A . n 
A 1 101 GLY 101 279 279 GLY GLY A . n 
A 1 102 TYR 102 280 280 TYR TYR A . n 
A 1 103 PHE 103 281 281 PHE PHE A . n 
A 1 104 VAL 104 282 282 VAL VAL A . n 
A 1 105 GLU 105 283 283 GLU GLU A . n 
A 1 106 LYS 106 284 284 LYS LYS A . n 
A 1 107 PRO 107 285 285 PRO PRO A . n 
A 1 108 PRO 108 286 286 PRO PRO A . n 
A 1 109 ASN 109 287 287 ASN ASN A . n 
A 1 110 ALA 110 288 288 ALA ALA A . n 
A 1 111 ALA 111 289 289 ALA ALA A . n 
A 1 112 ALA 112 290 290 ALA ALA A . n 
A 1 113 LEU 113 291 291 LEU LEU A . n 
A 1 114 GLU 114 292 292 GLU GLU A . n 
A 1 115 ALA 115 293 293 ALA ALA A . n 
A 1 116 ALA 116 294 294 ALA ALA A . n 
A 1 117 GLN 117 295 295 GLN GLN A . n 
A 1 118 ASP 118 296 296 ASP ASP A . n 
A 1 119 LEU 119 297 297 LEU LEU A . n 
A 1 120 ILE 120 298 298 ILE ILE A . n 
A 1 121 GLN 121 299 299 GLN GLN A . n 
A 1 122 CSO 122 300 300 CSO CEA A . n 
A 1 123 ALA 123 301 301 ALA ALA A . n 
A 1 124 VAL 124 302 302 VAL VAL A . n 
A 1 125 VAL 125 303 303 VAL VAL A . n 
A 1 126 GLU 126 304 304 GLU GLU A . n 
A 1 127 GLY 127 305 305 GLY GLY A . n 
A 1 128 TYR 128 306 306 TYR TYR A . n 
A 1 129 LEU 129 307 307 LEU LEU A . n 
A 1 130 THR 130 308 308 THR THR A . n 
A 1 131 PRO 131 309 309 PRO PRO A . n 
A 1 132 ASN 132 310 310 ASN ASN A . n 
A 1 133 TYR 133 311 311 TYR TYR A . n 
A 1 134 LEU 134 312 312 LEU LEU A . n 
A 1 135 LEU 135 313 313 LEU LEU A . n 
A 1 136 MET 136 314 314 MET MET A . n 
A 1 137 GLY 137 315 315 GLY GLY A . n 
A 1 138 HIS 138 316 316 HIS HIS A . n 
A 1 139 SER 139 317 317 SER SER A . n 
A 1 140 ASP 140 318 318 ASP ASP A . n 
A 1 141 VAL 141 319 319 VAL VAL A . n 
A 1 142 VAL 142 320 320 VAL VAL A . n 
A 1 143 ASN 143 321 321 ASN ASN A . n 
A 1 144 ILE 144 322 322 ILE ILE A . n 
A 1 145 LEU 145 323 323 LEU LEU A . n 
A 1 146 SER 146 324 324 SER SER A . n 
A 1 147 PRO 147 325 325 PRO PRO A . n 
A 1 148 GLY 148 326 326 GLY GLY A . n 
A 1 149 GLN 149 327 327 GLN GLN A . n 
A 1 150 ALA 150 328 328 ALA ALA A . n 
A 1 151 LEU 151 329 329 LEU LEU A . n 
A 1 152 TYR 152 330 330 TYR TYR A . n 
A 1 153 ASN 153 331 331 ASN ASN A . n 
A 1 154 ILE 154 332 332 ILE ILE A . n 
A 1 155 ILE 155 333 333 ILE ILE A . n 
A 1 156 SER 156 334 334 SER SER A . n 
A 1 157 THR 157 335 335 THR THR A . n 
A 1 158 TRP 158 336 336 TRP TRP A . n 
A 1 159 PRO 159 337 337 PRO PRO A . n 
A 1 160 HIS 160 338 338 HIS HIS A . n 
A 1 161 PHE 161 339 339 PHE PHE A . n 
A 1 162 LYS 162 340 340 LYS LYS A . n 
A 1 163 HIS 163 341 341 HIS HIS A . n 
# 
loop_
_pdbx_nonpoly_scheme.asym_id 
_pdbx_nonpoly_scheme.entity_id 
_pdbx_nonpoly_scheme.mon_id 
_pdbx_nonpoly_scheme.ndb_seq_num 
_pdbx_nonpoly_scheme.pdb_seq_num 
_pdbx_nonpoly_scheme.auth_seq_num 
_pdbx_nonpoly_scheme.pdb_mon_id 
_pdbx_nonpoly_scheme.auth_mon_id 
_pdbx_nonpoly_scheme.pdb_strand_id 
_pdbx_nonpoly_scheme.pdb_ins_code 
B 2 NA  1   342 201 NA  NA  A . 
C 3 HOH 1   1   1   HOH HOH A . 
C 3 HOH 2   2   2   HOH HOH A . 
C 3 HOH 3   3   3   HOH HOH A . 
C 3 HOH 4   4   4   HOH HOH A . 
C 3 HOH 5   5   5   HOH HOH A . 
C 3 HOH 6   6   6   HOH HOH A . 
C 3 HOH 7   7   7   HOH HOH A . 
C 3 HOH 8   8   8   HOH HOH A . 
C 3 HOH 9   9   9   HOH HOH A . 
C 3 HOH 10  10  10  HOH HOH A . 
C 3 HOH 11  11  11  HOH HOH A . 
C 3 HOH 12  12  12  HOH HOH A . 
C 3 HOH 13  13  13  HOH HOH A . 
C 3 HOH 14  14  14  HOH HOH A . 
C 3 HOH 15  15  15  HOH HOH A . 
C 3 HOH 16  16  16  HOH HOH A . 
C 3 HOH 17  17  17  HOH HOH A . 
C 3 HOH 18  18  18  HOH HOH A . 
C 3 HOH 19  19  19  HOH HOH A . 
C 3 HOH 20  20  20  HOH HOH A . 
C 3 HOH 21  21  21  HOH HOH A . 
C 3 HOH 22  22  22  HOH HOH A . 
C 3 HOH 23  23  23  HOH HOH A . 
C 3 HOH 24  24  24  HOH HOH A . 
C 3 HOH 25  25  25  HOH HOH A . 
C 3 HOH 26  26  26  HOH HOH A . 
C 3 HOH 27  27  27  HOH HOH A . 
C 3 HOH 28  28  28  HOH HOH A . 
C 3 HOH 29  29  29  HOH HOH A . 
C 3 HOH 30  30  30  HOH HOH A . 
C 3 HOH 31  31  31  HOH HOH A . 
C 3 HOH 32  32  32  HOH HOH A . 
C 3 HOH 33  33  33  HOH HOH A . 
C 3 HOH 34  34  34  HOH HOH A . 
C 3 HOH 35  35  35  HOH HOH A . 
C 3 HOH 36  36  36  HOH HOH A . 
C 3 HOH 37  37  37  HOH HOH A . 
C 3 HOH 38  38  38  HOH HOH A . 
C 3 HOH 39  39  39  HOH HOH A . 
C 3 HOH 40  40  40  HOH HOH A . 
C 3 HOH 41  41  41  HOH HOH A . 
C 3 HOH 42  42  42  HOH HOH A . 
C 3 HOH 43  43  43  HOH HOH A . 
C 3 HOH 44  44  44  HOH HOH A . 
C 3 HOH 45  45  45  HOH HOH A . 
C 3 HOH 46  46  46  HOH HOH A . 
C 3 HOH 47  47  47  HOH HOH A . 
C 3 HOH 48  48  48  HOH HOH A . 
C 3 HOH 49  49  49  HOH HOH A . 
C 3 HOH 50  50  50  HOH HOH A . 
C 3 HOH 51  51  51  HOH HOH A . 
C 3 HOH 52  52  52  HOH HOH A . 
C 3 HOH 53  53  53  HOH HOH A . 
C 3 HOH 54  54  54  HOH HOH A . 
C 3 HOH 55  55  55  HOH HOH A . 
C 3 HOH 56  56  56  HOH HOH A . 
C 3 HOH 57  57  57  HOH HOH A . 
C 3 HOH 58  58  58  HOH HOH A . 
C 3 HOH 59  59  59  HOH HOH A . 
C 3 HOH 60  60  60  HOH HOH A . 
C 3 HOH 61  61  61  HOH HOH A . 
C 3 HOH 62  62  62  HOH HOH A . 
C 3 HOH 63  63  63  HOH HOH A . 
C 3 HOH 64  64  64  HOH HOH A . 
C 3 HOH 65  65  65  HOH HOH A . 
C 3 HOH 66  66  66  HOH HOH A . 
C 3 HOH 67  67  67  HOH HOH A . 
C 3 HOH 68  68  68  HOH HOH A . 
C 3 HOH 69  69  69  HOH HOH A . 
C 3 HOH 70  70  70  HOH HOH A . 
C 3 HOH 71  71  71  HOH HOH A . 
C 3 HOH 72  72  72  HOH HOH A . 
C 3 HOH 73  73  73  HOH HOH A . 
C 3 HOH 74  74  74  HOH HOH A . 
C 3 HOH 75  75  75  HOH HOH A . 
C 3 HOH 76  76  76  HOH HOH A . 
C 3 HOH 77  77  77  HOH HOH A . 
C 3 HOH 78  78  78  HOH HOH A . 
C 3 HOH 79  79  79  HOH HOH A . 
C 3 HOH 80  80  80  HOH HOH A . 
C 3 HOH 81  81  81  HOH HOH A . 
C 3 HOH 82  82  82  HOH HOH A . 
C 3 HOH 83  83  83  HOH HOH A . 
C 3 HOH 84  84  84  HOH HOH A . 
C 3 HOH 85  85  85  HOH HOH A . 
C 3 HOH 86  86  86  HOH HOH A . 
C 3 HOH 87  87  87  HOH HOH A . 
C 3 HOH 88  88  88  HOH HOH A . 
C 3 HOH 89  89  89  HOH HOH A . 
C 3 HOH 90  90  90  HOH HOH A . 
C 3 HOH 91  91  91  HOH HOH A . 
C 3 HOH 92  92  92  HOH HOH A . 
C 3 HOH 93  93  93  HOH HOH A . 
C 3 HOH 94  94  94  HOH HOH A . 
C 3 HOH 95  95  95  HOH HOH A . 
C 3 HOH 96  96  96  HOH HOH A . 
C 3 HOH 97  97  97  HOH HOH A . 
C 3 HOH 98  98  98  HOH HOH A . 
C 3 HOH 99  99  99  HOH HOH A . 
C 3 HOH 100 100 100 HOH HOH A . 
C 3 HOH 101 101 101 HOH HOH A . 
C 3 HOH 102 102 102 HOH HOH A . 
C 3 HOH 103 103 103 HOH HOH A . 
C 3 HOH 104 104 104 HOH HOH A . 
C 3 HOH 105 105 105 HOH HOH A . 
C 3 HOH 106 106 106 HOH HOH A . 
C 3 HOH 107 107 107 HOH HOH A . 
C 3 HOH 108 108 108 HOH HOH A . 
C 3 HOH 109 109 109 HOH HOH A . 
C 3 HOH 110 110 110 HOH HOH A . 
C 3 HOH 111 111 111 HOH HOH A . 
C 3 HOH 112 112 112 HOH HOH A . 
C 3 HOH 113 113 113 HOH HOH A . 
C 3 HOH 114 114 114 HOH HOH A . 
C 3 HOH 115 115 115 HOH HOH A . 
C 3 HOH 116 116 116 HOH HOH A . 
C 3 HOH 117 117 117 HOH HOH A . 
C 3 HOH 118 118 118 HOH HOH A . 
C 3 HOH 119 119 119 HOH HOH A . 
C 3 HOH 120 120 120 HOH HOH A . 
C 3 HOH 121 121 121 HOH HOH A . 
C 3 HOH 122 122 122 HOH HOH A . 
C 3 HOH 123 123 123 HOH HOH A . 
C 3 HOH 124 124 124 HOH HOH A . 
C 3 HOH 125 125 125 HOH HOH A . 
C 3 HOH 126 126 126 HOH HOH A . 
C 3 HOH 127 127 127 HOH HOH A . 
C 3 HOH 128 128 128 HOH HOH A . 
C 3 HOH 129 129 129 HOH HOH A . 
C 3 HOH 130 130 130 HOH HOH A . 
C 3 HOH 131 131 131 HOH HOH A . 
C 3 HOH 132 132 132 HOH HOH A . 
C 3 HOH 133 133 133 HOH HOH A . 
C 3 HOH 134 134 134 HOH HOH A . 
C 3 HOH 135 135 135 HOH HOH A . 
C 3 HOH 136 136 136 HOH HOH A . 
C 3 HOH 137 137 137 HOH HOH A . 
# 
loop_
_software.name 
_software.classification 
_software.version 
_software.citation_id 
_software.pdbx_ordinal 
CNS       refinement       1.1 ? 1 
HKL-2000  'data reduction' .   ? 2 
SCALEPACK 'data scaling'   .   ? 3 
AMoRE     phasing          .   ? 4 
# 
_cell.entry_id           1SK4 
_cell.length_a           64.464 
_cell.length_b           64.464 
_cell.length_c           63.996 
_cell.angle_alpha        90.00 
_cell.angle_beta         90.00 
_cell.angle_gamma        120.00 
_cell.Z_PDB              6 
_cell.pdbx_unique_axis   ? 
# 
_symmetry.entry_id                         1SK4 
_symmetry.space_group_name_H-M             'P 32 2 1' 
_symmetry.pdbx_full_space_group_name_H-M   ? 
_symmetry.cell_setting                     ? 
_symmetry.Int_Tables_number                154 
_symmetry.space_group_name_Hall            ? 
# 
_exptl.entry_id          1SK4 
_exptl.method            'X-RAY DIFFRACTION' 
_exptl.crystals_number   1 
# 
_exptl_crystal.id                    1 
_exptl_crystal.density_meas          ? 
_exptl_crystal.density_percent_sol   42.35 
_exptl_crystal.description           ? 
_exptl_crystal.density_Matthews      2.15 
_exptl_crystal.F_000                 ? 
_exptl_crystal.preparation           ? 
# 
_exptl_crystal_grow.crystal_id      1 
_exptl_crystal_grow.method          'VAPOR DIFFUSION, HANGING DROP' 
_exptl_crystal_grow.temp            298 
_exptl_crystal_grow.temp_details    ? 
_exptl_crystal_grow.pH              7.0 
_exptl_crystal_grow.pdbx_details    
'sodium potassium tartrate, Zinc chloride, Tritox x-100, pH 7.0, VAPOR DIFFUSION, HANGING DROP, temperature 298K' 
_exptl_crystal_grow.pdbx_pH_range   . 
# 
_diffrn.id                     1 
_diffrn.ambient_temp           100 
_diffrn.ambient_temp_details   ? 
_diffrn.crystal_id             1 
# 
_diffrn_detector.diffrn_id              1 
_diffrn_detector.detector               CCD 
_diffrn_detector.type                   'ADSC QUANTUM 4' 
_diffrn_detector.pdbx_collection_date   2003-11-18 
_diffrn_detector.details                ? 
# 
_diffrn_radiation.diffrn_id                        1 
_diffrn_radiation.wavelength_id                    1 
_diffrn_radiation.pdbx_monochromatic_or_laue_m_l   M 
_diffrn_radiation.monochromator                    Si 
_diffrn_radiation.pdbx_diffrn_protocol             'SINGLE WAVELENGTH' 
_diffrn_radiation.pdbx_scattering_type             x-ray 
# 
_diffrn_radiation_wavelength.id           1 
_diffrn_radiation_wavelength.wavelength   1.0 
_diffrn_radiation_wavelength.wt           1.0 
# 
_diffrn_source.diffrn_id                   1 
_diffrn_source.source                      SYNCHROTRON 
_diffrn_source.type                        'NSLS BEAMLINE X26C' 
_diffrn_source.pdbx_synchrotron_site       NSLS 
_diffrn_source.pdbx_synchrotron_beamline   X26C 
_diffrn_source.pdbx_wavelength             ? 
_diffrn_source.pdbx_wavelength_list        1.0 
# 
_reflns.entry_id                     1SK4 
_reflns.observed_criterion_sigma_I   0 
_reflns.observed_criterion_sigma_F   0 
_reflns.d_resolution_low             30 
_reflns.d_resolution_high            1.65 
_reflns.number_obs                   18925 
_reflns.number_all                   18925 
_reflns.percent_possible_obs         99.9 
_reflns.pdbx_Rmerge_I_obs            0.066 
_reflns.pdbx_Rsym_value              ? 
_reflns.pdbx_netI_over_sigmaI        ? 
_reflns.B_iso_Wilson_estimate        19.5 
_reflns.pdbx_redundancy              ? 
_reflns.R_free_details               ? 
_reflns.limit_h_max                  ? 
_reflns.limit_h_min                  ? 
_reflns.limit_k_max                  ? 
_reflns.limit_k_min                  ? 
_reflns.limit_l_max                  ? 
_reflns.limit_l_min                  ? 
_reflns.observed_criterion_F_max     ? 
_reflns.observed_criterion_F_min     ? 
_reflns.pdbx_chi_squared             ? 
_reflns.pdbx_scaling_rejects         ? 
_reflns.pdbx_ordinal                 1 
_reflns.pdbx_diffrn_id               1 
# 
_reflns_shell.d_res_high             1.65 
_reflns_shell.d_res_low              1.71 
_reflns_shell.percent_possible_all   99.8 
_reflns_shell.Rmerge_I_obs           0.5 
_reflns_shell.pdbx_Rsym_value        ? 
_reflns_shell.meanI_over_sigI_obs    ? 
_reflns_shell.pdbx_redundancy        ? 
_reflns_shell.percent_possible_obs   ? 
_reflns_shell.number_unique_all      1837 
_reflns_shell.number_measured_all    ? 
_reflns_shell.number_measured_obs    ? 
_reflns_shell.number_unique_obs      ? 
_reflns_shell.pdbx_chi_squared       ? 
_reflns_shell.pdbx_ordinal           1 
_reflns_shell.pdbx_diffrn_id         1 
# 
_refine.entry_id                                 1SK4 
_refine.ls_number_reflns_obs                     18900 
_refine.ls_number_reflns_all                     18900 
_refine.pdbx_ls_sigma_I                          ? 
_refine.pdbx_ls_sigma_F                          0.0 
_refine.pdbx_data_cutoff_high_absF               1237895.30 
_refine.pdbx_data_cutoff_low_absF                0.000000 
_refine.pdbx_data_cutoff_high_rms_absF           ? 
_refine.ls_d_res_low                             28.79 
_refine.ls_d_res_high                            1.65 
_refine.ls_percent_reflns_obs                    99.8 
_refine.ls_R_factor_obs                          0.196 
_refine.ls_R_factor_all                          0.196 
_refine.ls_R_factor_R_work                       0.196 
_refine.ls_R_factor_R_free                       0.212 
_refine.ls_R_factor_R_free_error                 0.008 
_refine.ls_R_factor_R_free_error_details         ? 
_refine.ls_percent_reflns_R_free                 4.0 
_refine.ls_number_reflns_R_free                  753 
_refine.ls_number_parameters                     ? 
_refine.ls_number_restraints                     ? 
_refine.occupancy_min                            ? 
_refine.occupancy_max                            ? 
_refine.correlation_coeff_Fo_to_Fc               ? 
_refine.correlation_coeff_Fo_to_Fc_free          ? 
_refine.B_iso_mean                               21.8 
_refine.aniso_B[1][1]                            -2.46 
_refine.aniso_B[2][2]                            -2.46 
_refine.aniso_B[3][3]                            4.92 
_refine.aniso_B[1][2]                            -0.84 
_refine.aniso_B[1][3]                            0.00 
_refine.aniso_B[2][3]                            0.00 
_refine.solvent_model_details                    'FLAT MODEL' 
_refine.solvent_model_param_ksol                 0.357945 
_refine.solvent_model_param_bsol                 40.9213 
_refine.pdbx_solvent_vdw_probe_radii             ? 
_refine.pdbx_solvent_ion_probe_radii             ? 
_refine.pdbx_solvent_shrinkage_radii             ? 
_refine.pdbx_ls_cross_valid_method               THROUGHOUT 
_refine.details                                  ? 
_refine.pdbx_starting_model                      1OHT 
_refine.pdbx_method_to_determine_struct          'MOLECULAR REPLACEMENT' 
_refine.pdbx_isotropic_thermal_model             RESTRAINED 
_refine.pdbx_stereochemistry_target_values       'Engh & Huber' 
_refine.pdbx_stereochem_target_val_spec_case     ? 
_refine.pdbx_R_Free_selection_details            RANDOM 
_refine.pdbx_overall_ESU_R                       ? 
_refine.pdbx_overall_ESU_R_Free                  ? 
_refine.overall_SU_ML                            ? 
_refine.overall_SU_B                             ? 
_refine.ls_redundancy_reflns_obs                 ? 
_refine.B_iso_min                                ? 
_refine.B_iso_max                                ? 
_refine.overall_SU_R_Cruickshank_DPI             ? 
_refine.overall_SU_R_free                        ? 
_refine.ls_wR_factor_R_free                      ? 
_refine.ls_wR_factor_R_work                      ? 
_refine.overall_FOM_free_R_set                   ? 
_refine.overall_FOM_work_R_set                   ? 
_refine.pdbx_refine_id                           'X-RAY DIFFRACTION' 
_refine.pdbx_diffrn_id                           1 
_refine.pdbx_TLS_residual_ADP_flag               ? 
_refine.pdbx_overall_phase_error                 ? 
_refine.pdbx_overall_SU_R_free_Cruickshank_DPI   ? 
_refine.pdbx_overall_SU_R_Blow_DPI               ? 
_refine.pdbx_overall_SU_R_free_Blow_DPI          ? 
# 
_refine_analyze.entry_id                        1SK4 
_refine_analyze.Luzzati_coordinate_error_obs    0.19 
_refine_analyze.Luzzati_sigma_a_obs             0.13 
_refine_analyze.Luzzati_d_res_low_obs           5.00 
_refine_analyze.Luzzati_coordinate_error_free   0.22 
_refine_analyze.Luzzati_sigma_a_free            0.14 
_refine_analyze.Luzzati_d_res_low_free          ? 
_refine_analyze.number_disordered_residues      ? 
_refine_analyze.occupancy_sum_hydrogen          ? 
_refine_analyze.occupancy_sum_non_hydrogen      ? 
_refine_analyze.pdbx_Luzzati_d_res_high_obs     ? 
_refine_analyze.pdbx_refine_id                  'X-RAY DIFFRACTION' 
# 
_refine_hist.pdbx_refine_id                   'X-RAY DIFFRACTION' 
_refine_hist.cycle_id                         LAST 
_refine_hist.pdbx_number_atoms_protein        1274 
_refine_hist.pdbx_number_atoms_nucleic_acid   0 
_refine_hist.pdbx_number_atoms_ligand         1 
_refine_hist.number_atoms_solvent             137 
_refine_hist.number_atoms_total               1412 
_refine_hist.d_res_high                       1.65 
_refine_hist.d_res_low                        28.79 
# 
loop_
_refine_ls_restr.type 
_refine_ls_restr.dev_ideal 
_refine_ls_restr.dev_ideal_target 
_refine_ls_restr.weight 
_refine_ls_restr.number 
_refine_ls_restr.pdbx_refine_id 
_refine_ls_restr.pdbx_restraint_function 
c_bond_d           0.006 ? ? ? 'X-RAY DIFFRACTION' ? 
c_angle_deg        1.4   ? ? ? 'X-RAY DIFFRACTION' ? 
c_dihedral_angle_d 23.2  ? ? ? 'X-RAY DIFFRACTION' ? 
c_improper_angle_d 0.81  ? ? ? 'X-RAY DIFFRACTION' ? 
# 
_refine_ls_shell.pdbx_total_number_of_bins_used   6 
_refine_ls_shell.d_res_high                       1.65 
_refine_ls_shell.d_res_low                        1.75 
_refine_ls_shell.number_reflns_R_work             2934 
_refine_ls_shell.R_factor_R_work                  0.236 
_refine_ls_shell.percent_reflns_obs               99.8 
_refine_ls_shell.R_factor_R_free                  0.265 
_refine_ls_shell.R_factor_R_free_error            0.023 
_refine_ls_shell.percent_reflns_R_free            4.5 
_refine_ls_shell.number_reflns_R_free             138 
_refine_ls_shell.number_reflns_obs                ? 
_refine_ls_shell.redundancy_reflns_obs            ? 
_refine_ls_shell.number_reflns_all                ? 
_refine_ls_shell.pdbx_refine_id                   'X-RAY DIFFRACTION' 
_refine_ls_shell.R_factor_all                     ? 
# 
loop_
_pdbx_xplor_file.serial_no 
_pdbx_xplor_file.param_file 
_pdbx_xplor_file.topol_file 
_pdbx_xplor_file.pdbx_refine_id 
1 PROTEIN_OCYS_REP.PARAM PROTEIN_OCYS.TOP 'X-RAY DIFFRACTION' 
2 ION.PARAM              ?                'X-RAY DIFFRACTION' 
3 WATER_REP.PARAM        ?                'X-RAY DIFFRACTION' 
# 
_struct.entry_id                  1SK4 
_struct.title                     
'crystal structure of the C-terminal peptidoglycan-binding domain of human peptidoglycan recognition protein Ialpha' 
_struct.pdbx_model_details        ? 
_struct.pdbx_CASP_flag            ? 
_struct.pdbx_model_type_details   ? 
# 
_struct_keywords.entry_id        1SK4 
_struct_keywords.pdbx_keywords   'IMMUNE SYSTEM' 
_struct_keywords.text            'alpha/beta mix, IMMUNE SYSTEM' 
# 
loop_
_struct_asym.id 
_struct_asym.pdbx_blank_PDB_chainid_flag 
_struct_asym.pdbx_modified 
_struct_asym.entity_id 
_struct_asym.details 
A N N 1 ? 
B N N 2 ? 
C N N 3 ? 
# 
_struct_ref.id                         1 
_struct_ref.db_name                    UNP 
_struct_ref.db_code                    PGRP3_HUMAN 
_struct_ref.pdbx_db_accession          Q96LB9 
_struct_ref.entity_id                  1 
_struct_ref.pdbx_align_begin           179 
_struct_ref.pdbx_db_isoform            ? 
_struct_ref.pdbx_seq_one_letter_code   ? 
# 
_struct_ref_seq.align_id                      1 
_struct_ref_seq.ref_id                        1 
_struct_ref_seq.pdbx_PDB_id_code              1SK4 
_struct_ref_seq.pdbx_strand_id                A 
_struct_ref_seq.seq_align_beg                 1 
_struct_ref_seq.pdbx_seq_align_beg_ins_code   ? 
_struct_ref_seq.seq_align_end                 163 
_struct_ref_seq.pdbx_seq_align_end_ins_code   ? 
_struct_ref_seq.pdbx_db_accession             Q96LB9 
_struct_ref_seq.db_align_beg                  179 
_struct_ref_seq.pdbx_db_align_beg_ins_code    ? 
_struct_ref_seq.db_align_end                  341 
_struct_ref_seq.pdbx_db_align_end_ins_code    ? 
_struct_ref_seq.pdbx_auth_seq_align_beg       179 
_struct_ref_seq.pdbx_auth_seq_align_end       341 
# 
_struct_ref_seq_dif.align_id                     1 
_struct_ref_seq_dif.pdbx_pdb_id_code             1SK4 
_struct_ref_seq_dif.mon_id                       CSO 
_struct_ref_seq_dif.pdbx_pdb_strand_id           A 
_struct_ref_seq_dif.seq_num                      122 
_struct_ref_seq_dif.pdbx_pdb_ins_code            ? 
_struct_ref_seq_dif.pdbx_seq_db_name             UNP 
_struct_ref_seq_dif.pdbx_seq_db_accession_code   Q96LB9 
_struct_ref_seq_dif.db_mon_id                    CYS 
_struct_ref_seq_dif.pdbx_seq_db_seq_num          300 
_struct_ref_seq_dif.details                      'modified residue' 
_struct_ref_seq_dif.pdbx_auth_seq_num            300 
_struct_ref_seq_dif.pdbx_ordinal                 1 
# 
loop_
_pdbx_struct_assembly.id 
_pdbx_struct_assembly.details 
_pdbx_struct_assembly.method_details 
_pdbx_struct_assembly.oligomeric_details 
_pdbx_struct_assembly.oligomeric_count 
1 author_and_software_defined_assembly PQS  monomeric 1 
2 software_defined_assembly            PISA dimeric   2 
# 
loop_
_pdbx_struct_assembly_prop.biol_id 
_pdbx_struct_assembly_prop.type 
_pdbx_struct_assembly_prop.value 
_pdbx_struct_assembly_prop.details 
2 'ABSA (A^2)' 4220  ? 
2 MORE         -56   ? 
2 'SSA (A^2)'  14180 ? 
# 
loop_
_pdbx_struct_assembly_gen.assembly_id 
_pdbx_struct_assembly_gen.oper_expression 
_pdbx_struct_assembly_gen.asym_id_list 
1 1   A,B,C 
2 1,2 A,B,C 
# 
loop_
_pdbx_struct_oper_list.id 
_pdbx_struct_oper_list.type 
_pdbx_struct_oper_list.name 
_pdbx_struct_oper_list.symmetry_operation 
_pdbx_struct_oper_list.matrix[1][1] 
_pdbx_struct_oper_list.matrix[1][2] 
_pdbx_struct_oper_list.matrix[1][3] 
_pdbx_struct_oper_list.vector[1] 
_pdbx_struct_oper_list.matrix[2][1] 
_pdbx_struct_oper_list.matrix[2][2] 
_pdbx_struct_oper_list.matrix[2][3] 
_pdbx_struct_oper_list.vector[2] 
_pdbx_struct_oper_list.matrix[3][1] 
_pdbx_struct_oper_list.matrix[3][2] 
_pdbx_struct_oper_list.matrix[3][3] 
_pdbx_struct_oper_list.vector[3] 
1 'identity operation'         1_555 x,y,z              1.0000000000 0.0000000000 0.0000000000  0.0000000000  0.0000000000 1.0000000000  0.0000000000  0.0000000000   0.0000000000  0.0000000000  1.0000000000  0.0000000000  
2 'crystal symmetry operation' 6_765 -x+2,-x+y+1,-z+2/3 0.5277112576 0.5907143175 -0.6103912054 11.7729258847 0.5907143175 -0.7715907354 -0.2360176522 -17.4530947501 -0.6103912054 -0.2360176522 -0.7561205223 12.5752769505 
# 
_struct_biol.id                    1 
_struct_biol.pdbx_parent_biol_id   ? 
_struct_biol.details               ? 
# 
loop_
_struct_conf.conf_type_id 
_struct_conf.id 
_struct_conf.pdbx_PDB_helix_id 
_struct_conf.beg_label_comp_id 
_struct_conf.beg_label_asym_id 
_struct_conf.beg_label_seq_id 
_struct_conf.pdbx_beg_PDB_ins_code 
_struct_conf.end_label_comp_id 
_struct_conf.end_label_asym_id 
_struct_conf.end_label_seq_id 
_struct_conf.pdbx_end_PDB_ins_code 
_struct_conf.beg_auth_comp_id 
_struct_conf.beg_auth_asym_id 
_struct_conf.beg_auth_seq_id 
_struct_conf.end_auth_comp_id 
_struct_conf.end_auth_asym_id 
_struct_conf.end_auth_seq_id 
_struct_conf.pdbx_PDB_helix_class 
_struct_conf.details 
_struct_conf.pdbx_PDB_helix_length 
HELX_P HELX_P1 1 LYS A 5   ? GLU A 10  ? LYS A 183 GLU A 188 5 ? 6  
HELX_P HELX_P2 2 VAL A 38  ? THR A 56  ? VAL A 216 THR A 234 1 ? 19 
HELX_P HELX_P3 3 ASN A 109 ? GLU A 126 ? ASN A 287 GLU A 304 1 ? 18 
HELX_P HELX_P4 4 SER A 139 ? VAL A 141 ? SER A 317 VAL A 319 5 ? 3  
HELX_P HELX_P5 5 GLN A 149 ? SER A 156 ? GLN A 327 SER A 334 1 ? 8  
# 
_struct_conf_type.id          HELX_P 
_struct_conf_type.criteria    ? 
_struct_conf_type.reference   ? 
# 
loop_
_struct_conn.id 
_struct_conn.conn_type_id 
_struct_conn.pdbx_leaving_atom_flag 
_struct_conn.pdbx_PDB_id 
_struct_conn.ptnr1_label_asym_id 
_struct_conn.ptnr1_label_comp_id 
_struct_conn.ptnr1_label_seq_id 
_struct_conn.ptnr1_label_atom_id 
_struct_conn.pdbx_ptnr1_label_alt_id 
_struct_conn.pdbx_ptnr1_PDB_ins_code 
_struct_conn.pdbx_ptnr1_standard_comp_id 
_struct_conn.ptnr1_symmetry 
_struct_conn.ptnr2_label_asym_id 
_struct_conn.ptnr2_label_comp_id 
_struct_conn.ptnr2_label_seq_id 
_struct_conn.ptnr2_label_atom_id 
_struct_conn.pdbx_ptnr2_label_alt_id 
_struct_conn.pdbx_ptnr2_PDB_ins_code 
_struct_conn.ptnr1_auth_asym_id 
_struct_conn.ptnr1_auth_comp_id 
_struct_conn.ptnr1_auth_seq_id 
_struct_conn.ptnr2_auth_asym_id 
_struct_conn.ptnr2_auth_comp_id 
_struct_conn.ptnr2_auth_seq_id 
_struct_conn.ptnr2_symmetry 
_struct_conn.pdbx_ptnr3_label_atom_id 
_struct_conn.pdbx_ptnr3_label_seq_id 
_struct_conn.pdbx_ptnr3_label_comp_id 
_struct_conn.pdbx_ptnr3_label_asym_id 
_struct_conn.pdbx_ptnr3_label_alt_id 
_struct_conn.pdbx_ptnr3_PDB_ins_code 
_struct_conn.details 
_struct_conn.pdbx_dist_value 
_struct_conn.pdbx_value_order 
_struct_conn.pdbx_role 
disulf1 disulf ?    ? A CYS 16  SG ? ? ? 1_555 A CYS 60  SG ? ? A CYS 194 A CYS 238 1_555 ? ? ? ? ? ? ? 2.033 ? ? 
disulf2 disulf ?    ? A CYS 36  SG ? ? ? 1_555 A CYS 42  SG ? ? A CYS 214 A CYS 220 1_555 ? ? ? ? ? ? ? 2.034 ? ? 
covale1 covale both ? A GLN 121 C  ? ? ? 1_555 A CSO 122 N  ? ? A GLN 299 A CSO 300 1_555 ? ? ? ? ? ? ? 1.329 ? ? 
covale2 covale both ? A CSO 122 C  ? ? ? 1_555 A ALA 123 N  ? ? A CSO 300 A ALA 301 1_555 ? ? ? ? ? ? ? 1.334 ? ? 
metalc1 metalc ?    ? C HOH .   O  ? ? ? 1_555 B NA  .   NA ? ? A HOH 36  A NA  342 1_555 ? ? ? ? ? ? ? 2.408 ? ? 
metalc2 metalc ?    ? A SER 139 O  ? ? ? 1_555 B NA  .   NA ? ? A SER 317 A NA  342 1_555 ? ? ? ? ? ? ? 2.342 ? ? 
metalc3 metalc ?    ? A VAL 141 O  ? ? ? 1_555 B NA  .   NA ? ? A VAL 319 A NA  342 1_555 ? ? ? ? ? ? ? 2.430 ? ? 
metalc4 metalc ?    ? A ILE 144 O  ? ? ? 1_555 B NA  .   NA ? ? A ILE 322 A NA  342 1_555 ? ? ? ? ? ? ? 2.288 ? ? 
metalc5 metalc ?    ? A SER 146 OG ? ? ? 1_555 B NA  .   NA ? ? A SER 324 A NA  342 1_555 ? ? ? ? ? ? ? 2.351 ? ? 
# 
loop_
_struct_conn_type.id 
_struct_conn_type.criteria 
_struct_conn_type.reference 
disulf ? ? 
covale ? ? 
metalc ? ? 
# 
loop_
_pdbx_struct_conn_angle.id 
_pdbx_struct_conn_angle.ptnr1_label_atom_id 
_pdbx_struct_conn_angle.ptnr1_label_alt_id 
_pdbx_struct_conn_angle.ptnr1_label_asym_id 
_pdbx_struct_conn_angle.ptnr1_label_comp_id 
_pdbx_struct_conn_angle.ptnr1_label_seq_id 
_pdbx_struct_conn_angle.ptnr1_auth_atom_id 
_pdbx_struct_conn_angle.ptnr1_auth_asym_id 
_pdbx_struct_conn_angle.ptnr1_auth_comp_id 
_pdbx_struct_conn_angle.ptnr1_auth_seq_id 
_pdbx_struct_conn_angle.ptnr1_PDB_ins_code 
_pdbx_struct_conn_angle.ptnr1_symmetry 
_pdbx_struct_conn_angle.ptnr2_label_atom_id 
_pdbx_struct_conn_angle.ptnr2_label_alt_id 
_pdbx_struct_conn_angle.ptnr2_label_asym_id 
_pdbx_struct_conn_angle.ptnr2_label_comp_id 
_pdbx_struct_conn_angle.ptnr2_label_seq_id 
_pdbx_struct_conn_angle.ptnr2_auth_atom_id 
_pdbx_struct_conn_angle.ptnr2_auth_asym_id 
_pdbx_struct_conn_angle.ptnr2_auth_comp_id 
_pdbx_struct_conn_angle.ptnr2_auth_seq_id 
_pdbx_struct_conn_angle.ptnr2_PDB_ins_code 
_pdbx_struct_conn_angle.ptnr2_symmetry 
_pdbx_struct_conn_angle.ptnr3_label_atom_id 
_pdbx_struct_conn_angle.ptnr3_label_alt_id 
_pdbx_struct_conn_angle.ptnr3_label_asym_id 
_pdbx_struct_conn_angle.ptnr3_label_comp_id 
_pdbx_struct_conn_angle.ptnr3_label_seq_id 
_pdbx_struct_conn_angle.ptnr3_auth_atom_id 
_pdbx_struct_conn_angle.ptnr3_auth_asym_id 
_pdbx_struct_conn_angle.ptnr3_auth_comp_id 
_pdbx_struct_conn_angle.ptnr3_auth_seq_id 
_pdbx_struct_conn_angle.ptnr3_PDB_ins_code 
_pdbx_struct_conn_angle.ptnr3_symmetry 
_pdbx_struct_conn_angle.value 
_pdbx_struct_conn_angle.value_esd 
1  O ? C HOH .   ? A HOH 36  ? 1_555 NA ? B NA . ? A NA 342 ? 1_555 O  ? A SER 139 ? A SER 317 ? 1_555 108.1 ? 
2  O ? C HOH .   ? A HOH 36  ? 1_555 NA ? B NA . ? A NA 342 ? 1_555 O  ? A VAL 141 ? A VAL 319 ? 1_555 87.6  ? 
3  O ? A SER 139 ? A SER 317 ? 1_555 NA ? B NA . ? A NA 342 ? 1_555 O  ? A VAL 141 ? A VAL 319 ? 1_555 89.8  ? 
4  O ? C HOH .   ? A HOH 36  ? 1_555 NA ? B NA . ? A NA 342 ? 1_555 O  ? A ILE 144 ? A ILE 322 ? 1_555 145.1 ? 
5  O ? A SER 139 ? A SER 317 ? 1_555 NA ? B NA . ? A NA 342 ? 1_555 O  ? A ILE 144 ? A ILE 322 ? 1_555 106.7 ? 
6  O ? A VAL 141 ? A VAL 319 ? 1_555 NA ? B NA . ? A NA 342 ? 1_555 O  ? A ILE 144 ? A ILE 322 ? 1_555 95.3  ? 
7  O ? C HOH .   ? A HOH 36  ? 1_555 NA ? B NA . ? A NA 342 ? 1_555 OG ? A SER 146 ? A SER 324 ? 1_555 86.5  ? 
8  O ? A SER 139 ? A SER 317 ? 1_555 NA ? B NA . ? A NA 342 ? 1_555 OG ? A SER 146 ? A SER 324 ? 1_555 91.0  ? 
9  O ? A VAL 141 ? A VAL 319 ? 1_555 NA ? B NA . ? A NA 342 ? 1_555 OG ? A SER 146 ? A SER 324 ? 1_555 174.0 ? 
10 O ? A ILE 144 ? A ILE 322 ? 1_555 NA ? B NA . ? A NA 342 ? 1_555 OG ? A SER 146 ? A SER 324 ? 1_555 90.1  ? 
# 
loop_
_pdbx_modification_feature.ordinal 
_pdbx_modification_feature.label_comp_id 
_pdbx_modification_feature.label_asym_id 
_pdbx_modification_feature.label_seq_id 
_pdbx_modification_feature.label_alt_id 
_pdbx_modification_feature.modified_residue_label_comp_id 
_pdbx_modification_feature.modified_residue_label_asym_id 
_pdbx_modification_feature.modified_residue_label_seq_id 
_pdbx_modification_feature.modified_residue_label_alt_id 
_pdbx_modification_feature.auth_comp_id 
_pdbx_modification_feature.auth_asym_id 
_pdbx_modification_feature.auth_seq_id 
_pdbx_modification_feature.PDB_ins_code 
_pdbx_modification_feature.symmetry 
_pdbx_modification_feature.modified_residue_auth_comp_id 
_pdbx_modification_feature.modified_residue_auth_asym_id 
_pdbx_modification_feature.modified_residue_auth_seq_id 
_pdbx_modification_feature.modified_residue_PDB_ins_code 
_pdbx_modification_feature.modified_residue_symmetry 
_pdbx_modification_feature.comp_id_linking_atom 
_pdbx_modification_feature.modified_residue_id_linking_atom 
_pdbx_modification_feature.modified_residue_id 
_pdbx_modification_feature.ref_pcm_id 
_pdbx_modification_feature.ref_comp_id 
_pdbx_modification_feature.type 
_pdbx_modification_feature.category 
1 CSO A 122 ? .   . .  . CSO A 300 ? 1_555 .   . .   . .     .  .  CYS 1 CSO Hydroxylation 'Named protein modification' 
2 CYS A 16  ? CYS A 60 ? CYS A 194 ? 1_555 CYS A 238 ? 1_555 SG SG .   . .   None          'Disulfide bridge'           
3 CYS A 36  ? CYS A 42 ? CYS A 214 ? 1_555 CYS A 220 ? 1_555 SG SG .   . .   None          'Disulfide bridge'           
# 
_struct_mon_prot_cis.pdbx_id                1 
_struct_mon_prot_cis.label_comp_id          LEU 
_struct_mon_prot_cis.label_seq_id           21 
_struct_mon_prot_cis.label_asym_id          A 
_struct_mon_prot_cis.label_alt_id           . 
_struct_mon_prot_cis.pdbx_PDB_ins_code      ? 
_struct_mon_prot_cis.auth_comp_id           LEU 
_struct_mon_prot_cis.auth_seq_id            199 
_struct_mon_prot_cis.auth_asym_id           A 
_struct_mon_prot_cis.pdbx_label_comp_id_2   PRO 
_struct_mon_prot_cis.pdbx_label_seq_id_2    22 
_struct_mon_prot_cis.pdbx_label_asym_id_2   A 
_struct_mon_prot_cis.pdbx_PDB_ins_code_2    ? 
_struct_mon_prot_cis.pdbx_auth_comp_id_2    PRO 
_struct_mon_prot_cis.pdbx_auth_seq_id_2     200 
_struct_mon_prot_cis.pdbx_auth_asym_id_2    A 
_struct_mon_prot_cis.pdbx_PDB_model_num     1 
_struct_mon_prot_cis.pdbx_omega_angle       -0.04 
# 
_struct_sheet.id               A 
_struct_sheet.type             ? 
_struct_sheet.number_strands   5 
_struct_sheet.details          ? 
# 
loop_
_struct_sheet_order.sheet_id 
_struct_sheet_order.range_id_1 
_struct_sheet_order.range_id_2 
_struct_sheet_order.offset 
_struct_sheet_order.sense 
A 1 2 ? anti-parallel 
A 2 3 ? parallel      
A 3 4 ? parallel      
A 4 5 ? parallel      
# 
loop_
_struct_sheet_range.sheet_id 
_struct_sheet_range.id 
_struct_sheet_range.beg_label_comp_id 
_struct_sheet_range.beg_label_asym_id 
_struct_sheet_range.beg_label_seq_id 
_struct_sheet_range.pdbx_beg_PDB_ins_code 
_struct_sheet_range.end_label_comp_id 
_struct_sheet_range.end_label_asym_id 
_struct_sheet_range.end_label_seq_id 
_struct_sheet_range.pdbx_end_PDB_ins_code 
_struct_sheet_range.beg_auth_comp_id 
_struct_sheet_range.beg_auth_asym_id 
_struct_sheet_range.beg_auth_seq_id 
_struct_sheet_range.end_auth_comp_id 
_struct_sheet_range.end_auth_asym_id 
_struct_sheet_range.end_auth_seq_id 
A 1 VAL A 74  ? GLU A 76  ? VAL A 252 GLU A 254 
A 2 PHE A 66  ? VAL A 68  ? PHE A 244 VAL A 246 
A 3 ALA A 94  ? PHE A 99  ? ALA A 272 PHE A 277 
A 4 ALA A 23  ? HIS A 30  ? ALA A 201 HIS A 208 
A 5 LEU A 129 ? GLY A 137 ? LEU A 307 GLY A 315 
# 
loop_
_pdbx_struct_sheet_hbond.sheet_id 
_pdbx_struct_sheet_hbond.range_id_1 
_pdbx_struct_sheet_hbond.range_id_2 
_pdbx_struct_sheet_hbond.range_1_label_atom_id 
_pdbx_struct_sheet_hbond.range_1_label_comp_id 
_pdbx_struct_sheet_hbond.range_1_label_asym_id 
_pdbx_struct_sheet_hbond.range_1_label_seq_id 
_pdbx_struct_sheet_hbond.range_1_PDB_ins_code 
_pdbx_struct_sheet_hbond.range_1_auth_atom_id 
_pdbx_struct_sheet_hbond.range_1_auth_comp_id 
_pdbx_struct_sheet_hbond.range_1_auth_asym_id 
_pdbx_struct_sheet_hbond.range_1_auth_seq_id 
_pdbx_struct_sheet_hbond.range_2_label_atom_id 
_pdbx_struct_sheet_hbond.range_2_label_comp_id 
_pdbx_struct_sheet_hbond.range_2_label_asym_id 
_pdbx_struct_sheet_hbond.range_2_label_seq_id 
_pdbx_struct_sheet_hbond.range_2_PDB_ins_code 
_pdbx_struct_sheet_hbond.range_2_auth_atom_id 
_pdbx_struct_sheet_hbond.range_2_auth_comp_id 
_pdbx_struct_sheet_hbond.range_2_auth_asym_id 
_pdbx_struct_sheet_hbond.range_2_auth_seq_id 
A 1 2 O TYR A 75 ? O TYR A 253 N LEU A 67  ? N LEU A 245 
A 2 3 N PHE A 66 ? N PHE A 244 O ALA A 98  ? O ALA A 276 
A 3 4 O PHE A 99 ? O PHE A 277 N ILE A 29  ? N ILE A 207 
A 4 5 N ILE A 28 ? N ILE A 206 O MET A 136 ? O MET A 314 
# 
_struct_site.id                   AC1 
_struct_site.pdbx_evidence_code   Software 
_struct_site.pdbx_auth_asym_id    A 
_struct_site.pdbx_auth_comp_id    NA 
_struct_site.pdbx_auth_seq_id     342 
_struct_site.pdbx_auth_ins_code   ? 
_struct_site.pdbx_num_residues    7 
_struct_site.details              'BINDING SITE FOR RESIDUE NA A 342' 
# 
loop_
_struct_site_gen.id 
_struct_site_gen.site_id 
_struct_site_gen.pdbx_num_res 
_struct_site_gen.label_comp_id 
_struct_site_gen.label_asym_id 
_struct_site_gen.label_seq_id 
_struct_site_gen.pdbx_auth_ins_code 
_struct_site_gen.auth_comp_id 
_struct_site_gen.auth_asym_id 
_struct_site_gen.auth_seq_id 
_struct_site_gen.label_atom_id 
_struct_site_gen.label_alt_id 
_struct_site_gen.symmetry 
_struct_site_gen.details 
1 AC1 7 HOH C .   ? HOH A 36  . ? 1_555 ? 
2 AC1 7 SER A 139 ? SER A 317 . ? 1_555 ? 
3 AC1 7 ASP A 140 ? ASP A 318 . ? 1_555 ? 
4 AC1 7 VAL A 141 ? VAL A 319 . ? 1_555 ? 
5 AC1 7 ILE A 144 ? ILE A 322 . ? 1_555 ? 
6 AC1 7 SER A 146 ? SER A 324 . ? 1_555 ? 
7 AC1 7 GLN A 149 ? GLN A 327 . ? 1_555 ? 
# 
_pdbx_entry_details.entry_id                   1SK4 
_pdbx_entry_details.compound_details           ? 
_pdbx_entry_details.source_details             ? 
_pdbx_entry_details.nonpolymer_details         ? 
_pdbx_entry_details.sequence_details           ? 
_pdbx_entry_details.has_ligand_of_interest     ? 
_pdbx_entry_details.has_protein_modification   Y 
# 
_pdbx_validate_torsion.id              1 
_pdbx_validate_torsion.PDB_model_num   1 
_pdbx_validate_torsion.auth_comp_id    SER 
_pdbx_validate_torsion.auth_asym_id    A 
_pdbx_validate_torsion.auth_seq_id     263 
_pdbx_validate_torsion.PDB_ins_code    ? 
_pdbx_validate_torsion.label_alt_id    ? 
_pdbx_validate_torsion.phi             -147.03 
_pdbx_validate_torsion.psi             52.76 
# 
_pdbx_struct_mod_residue.id               1 
_pdbx_struct_mod_residue.label_asym_id    A 
_pdbx_struct_mod_residue.label_comp_id    CSO 
_pdbx_struct_mod_residue.label_seq_id     122 
_pdbx_struct_mod_residue.auth_asym_id     A 
_pdbx_struct_mod_residue.auth_comp_id     CSO 
_pdbx_struct_mod_residue.auth_seq_id      300 
_pdbx_struct_mod_residue.PDB_ins_code     ? 
_pdbx_struct_mod_residue.parent_comp_id   CYS 
_pdbx_struct_mod_residue.details          S-HYDROXYCYSTEINE 
# 
_pdbx_struct_special_symmetry.id              1 
_pdbx_struct_special_symmetry.PDB_model_num   1 
_pdbx_struct_special_symmetry.auth_asym_id    A 
_pdbx_struct_special_symmetry.auth_comp_id    HOH 
_pdbx_struct_special_symmetry.auth_seq_id     55 
_pdbx_struct_special_symmetry.PDB_ins_code    ? 
_pdbx_struct_special_symmetry.label_asym_id   C 
_pdbx_struct_special_symmetry.label_comp_id   HOH 
_pdbx_struct_special_symmetry.label_seq_id    . 
# 
loop_
_chem_comp_atom.comp_id 
_chem_comp_atom.atom_id 
_chem_comp_atom.type_symbol 
_chem_comp_atom.pdbx_aromatic_flag 
_chem_comp_atom.pdbx_stereo_config 
_chem_comp_atom.pdbx_ordinal 
ALA N    N  N N 1   
ALA CA   C  N S 2   
ALA C    C  N N 3   
ALA O    O  N N 4   
ALA CB   C  N N 5   
ALA OXT  O  N N 6   
ALA H    H  N N 7   
ALA H2   H  N N 8   
ALA HA   H  N N 9   
ALA HB1  H  N N 10  
ALA HB2  H  N N 11  
ALA HB3  H  N N 12  
ALA HXT  H  N N 13  
ARG N    N  N N 14  
ARG CA   C  N S 15  
ARG C    C  N N 16  
ARG O    O  N N 17  
ARG CB   C  N N 18  
ARG CG   C  N N 19  
ARG CD   C  N N 20  
ARG NE   N  N N 21  
ARG CZ   C  N N 22  
ARG NH1  N  N N 23  
ARG NH2  N  N N 24  
ARG OXT  O  N N 25  
ARG H    H  N N 26  
ARG H2   H  N N 27  
ARG HA   H  N N 28  
ARG HB2  H  N N 29  
ARG HB3  H  N N 30  
ARG HG2  H  N N 31  
ARG HG3  H  N N 32  
ARG HD2  H  N N 33  
ARG HD3  H  N N 34  
ARG HE   H  N N 35  
ARG HH11 H  N N 36  
ARG HH12 H  N N 37  
ARG HH21 H  N N 38  
ARG HH22 H  N N 39  
ARG HXT  H  N N 40  
ASN N    N  N N 41  
ASN CA   C  N S 42  
ASN C    C  N N 43  
ASN O    O  N N 44  
ASN CB   C  N N 45  
ASN CG   C  N N 46  
ASN OD1  O  N N 47  
ASN ND2  N  N N 48  
ASN OXT  O  N N 49  
ASN H    H  N N 50  
ASN H2   H  N N 51  
ASN HA   H  N N 52  
ASN HB2  H  N N 53  
ASN HB3  H  N N 54  
ASN HD21 H  N N 55  
ASN HD22 H  N N 56  
ASN HXT  H  N N 57  
ASP N    N  N N 58  
ASP CA   C  N S 59  
ASP C    C  N N 60  
ASP O    O  N N 61  
ASP CB   C  N N 62  
ASP CG   C  N N 63  
ASP OD1  O  N N 64  
ASP OD2  O  N N 65  
ASP OXT  O  N N 66  
ASP H    H  N N 67  
ASP H2   H  N N 68  
ASP HA   H  N N 69  
ASP HB2  H  N N 70  
ASP HB3  H  N N 71  
ASP HD2  H  N N 72  
ASP HXT  H  N N 73  
CSO N    N  N N 74  
CSO CA   C  N R 75  
CSO CB   C  N N 76  
CSO SG   S  N N 77  
CSO C    C  N N 78  
CSO O    O  N N 79  
CSO OXT  O  N N 80  
CSO OD   O  N N 81  
CSO H    H  N N 82  
CSO H2   H  N N 83  
CSO HA   H  N N 84  
CSO HB2  H  N N 85  
CSO HB3  H  N N 86  
CSO HXT  H  N N 87  
CSO HD   H  N N 88  
CYS N    N  N N 89  
CYS CA   C  N R 90  
CYS C    C  N N 91  
CYS O    O  N N 92  
CYS CB   C  N N 93  
CYS SG   S  N N 94  
CYS OXT  O  N N 95  
CYS H    H  N N 96  
CYS H2   H  N N 97  
CYS HA   H  N N 98  
CYS HB2  H  N N 99  
CYS HB3  H  N N 100 
CYS HG   H  N N 101 
CYS HXT  H  N N 102 
GLN N    N  N N 103 
GLN CA   C  N S 104 
GLN C    C  N N 105 
GLN O    O  N N 106 
GLN CB   C  N N 107 
GLN CG   C  N N 108 
GLN CD   C  N N 109 
GLN OE1  O  N N 110 
GLN NE2  N  N N 111 
GLN OXT  O  N N 112 
GLN H    H  N N 113 
GLN H2   H  N N 114 
GLN HA   H  N N 115 
GLN HB2  H  N N 116 
GLN HB3  H  N N 117 
GLN HG2  H  N N 118 
GLN HG3  H  N N 119 
GLN HE21 H  N N 120 
GLN HE22 H  N N 121 
GLN HXT  H  N N 122 
GLU N    N  N N 123 
GLU CA   C  N S 124 
GLU C    C  N N 125 
GLU O    O  N N 126 
GLU CB   C  N N 127 
GLU CG   C  N N 128 
GLU CD   C  N N 129 
GLU OE1  O  N N 130 
GLU OE2  O  N N 131 
GLU OXT  O  N N 132 
GLU H    H  N N 133 
GLU H2   H  N N 134 
GLU HA   H  N N 135 
GLU HB2  H  N N 136 
GLU HB3  H  N N 137 
GLU HG2  H  N N 138 
GLU HG3  H  N N 139 
GLU HE2  H  N N 140 
GLU HXT  H  N N 141 
GLY N    N  N N 142 
GLY CA   C  N N 143 
GLY C    C  N N 144 
GLY O    O  N N 145 
GLY OXT  O  N N 146 
GLY H    H  N N 147 
GLY H2   H  N N 148 
GLY HA2  H  N N 149 
GLY HA3  H  N N 150 
GLY HXT  H  N N 151 
HIS N    N  N N 152 
HIS CA   C  N S 153 
HIS C    C  N N 154 
HIS O    O  N N 155 
HIS CB   C  N N 156 
HIS CG   C  Y N 157 
HIS ND1  N  Y N 158 
HIS CD2  C  Y N 159 
HIS CE1  C  Y N 160 
HIS NE2  N  Y N 161 
HIS OXT  O  N N 162 
HIS H    H  N N 163 
HIS H2   H  N N 164 
HIS HA   H  N N 165 
HIS HB2  H  N N 166 
HIS HB3  H  N N 167 
HIS HD1  H  N N 168 
HIS HD2  H  N N 169 
HIS HE1  H  N N 170 
HIS HE2  H  N N 171 
HIS HXT  H  N N 172 
HOH O    O  N N 173 
HOH H1   H  N N 174 
HOH H2   H  N N 175 
ILE N    N  N N 176 
ILE CA   C  N S 177 
ILE C    C  N N 178 
ILE O    O  N N 179 
ILE CB   C  N S 180 
ILE CG1  C  N N 181 
ILE CG2  C  N N 182 
ILE CD1  C  N N 183 
ILE OXT  O  N N 184 
ILE H    H  N N 185 
ILE H2   H  N N 186 
ILE HA   H  N N 187 
ILE HB   H  N N 188 
ILE HG12 H  N N 189 
ILE HG13 H  N N 190 
ILE HG21 H  N N 191 
ILE HG22 H  N N 192 
ILE HG23 H  N N 193 
ILE HD11 H  N N 194 
ILE HD12 H  N N 195 
ILE HD13 H  N N 196 
ILE HXT  H  N N 197 
LEU N    N  N N 198 
LEU CA   C  N S 199 
LEU C    C  N N 200 
LEU O    O  N N 201 
LEU CB   C  N N 202 
LEU CG   C  N N 203 
LEU CD1  C  N N 204 
LEU CD2  C  N N 205 
LEU OXT  O  N N 206 
LEU H    H  N N 207 
LEU H2   H  N N 208 
LEU HA   H  N N 209 
LEU HB2  H  N N 210 
LEU HB3  H  N N 211 
LEU HG   H  N N 212 
LEU HD11 H  N N 213 
LEU HD12 H  N N 214 
LEU HD13 H  N N 215 
LEU HD21 H  N N 216 
LEU HD22 H  N N 217 
LEU HD23 H  N N 218 
LEU HXT  H  N N 219 
LYS N    N  N N 220 
LYS CA   C  N S 221 
LYS C    C  N N 222 
LYS O    O  N N 223 
LYS CB   C  N N 224 
LYS CG   C  N N 225 
LYS CD   C  N N 226 
LYS CE   C  N N 227 
LYS NZ   N  N N 228 
LYS OXT  O  N N 229 
LYS H    H  N N 230 
LYS H2   H  N N 231 
LYS HA   H  N N 232 
LYS HB2  H  N N 233 
LYS HB3  H  N N 234 
LYS HG2  H  N N 235 
LYS HG3  H  N N 236 
LYS HD2  H  N N 237 
LYS HD3  H  N N 238 
LYS HE2  H  N N 239 
LYS HE3  H  N N 240 
LYS HZ1  H  N N 241 
LYS HZ2  H  N N 242 
LYS HZ3  H  N N 243 
LYS HXT  H  N N 244 
MET N    N  N N 245 
MET CA   C  N S 246 
MET C    C  N N 247 
MET O    O  N N 248 
MET CB   C  N N 249 
MET CG   C  N N 250 
MET SD   S  N N 251 
MET CE   C  N N 252 
MET OXT  O  N N 253 
MET H    H  N N 254 
MET H2   H  N N 255 
MET HA   H  N N 256 
MET HB2  H  N N 257 
MET HB3  H  N N 258 
MET HG2  H  N N 259 
MET HG3  H  N N 260 
MET HE1  H  N N 261 
MET HE2  H  N N 262 
MET HE3  H  N N 263 
MET HXT  H  N N 264 
NA  NA   NA N N 265 
PHE N    N  N N 266 
PHE CA   C  N S 267 
PHE C    C  N N 268 
PHE O    O  N N 269 
PHE CB   C  N N 270 
PHE CG   C  Y N 271 
PHE CD1  C  Y N 272 
PHE CD2  C  Y N 273 
PHE CE1  C  Y N 274 
PHE CE2  C  Y N 275 
PHE CZ   C  Y N 276 
PHE OXT  O  N N 277 
PHE H    H  N N 278 
PHE H2   H  N N 279 
PHE HA   H  N N 280 
PHE HB2  H  N N 281 
PHE HB3  H  N N 282 
PHE HD1  H  N N 283 
PHE HD2  H  N N 284 
PHE HE1  H  N N 285 
PHE HE2  H  N N 286 
PHE HZ   H  N N 287 
PHE HXT  H  N N 288 
PRO N    N  N N 289 
PRO CA   C  N S 290 
PRO C    C  N N 291 
PRO O    O  N N 292 
PRO CB   C  N N 293 
PRO CG   C  N N 294 
PRO CD   C  N N 295 
PRO OXT  O  N N 296 
PRO H    H  N N 297 
PRO HA   H  N N 298 
PRO HB2  H  N N 299 
PRO HB3  H  N N 300 
PRO HG2  H  N N 301 
PRO HG3  H  N N 302 
PRO HD2  H  N N 303 
PRO HD3  H  N N 304 
PRO HXT  H  N N 305 
SER N    N  N N 306 
SER CA   C  N S 307 
SER C    C  N N 308 
SER O    O  N N 309 
SER CB   C  N N 310 
SER OG   O  N N 311 
SER OXT  O  N N 312 
SER H    H  N N 313 
SER H2   H  N N 314 
SER HA   H  N N 315 
SER HB2  H  N N 316 
SER HB3  H  N N 317 
SER HG   H  N N 318 
SER HXT  H  N N 319 
THR N    N  N N 320 
THR CA   C  N S 321 
THR C    C  N N 322 
THR O    O  N N 323 
THR CB   C  N R 324 
THR OG1  O  N N 325 
THR CG2  C  N N 326 
THR OXT  O  N N 327 
THR H    H  N N 328 
THR H2   H  N N 329 
THR HA   H  N N 330 
THR HB   H  N N 331 
THR HG1  H  N N 332 
THR HG21 H  N N 333 
THR HG22 H  N N 334 
THR HG23 H  N N 335 
THR HXT  H  N N 336 
TRP N    N  N N 337 
TRP CA   C  N S 338 
TRP C    C  N N 339 
TRP O    O  N N 340 
TRP CB   C  N N 341 
TRP CG   C  Y N 342 
TRP CD1  C  Y N 343 
TRP CD2  C  Y N 344 
TRP NE1  N  Y N 345 
TRP CE2  C  Y N 346 
TRP CE3  C  Y N 347 
TRP CZ2  C  Y N 348 
TRP CZ3  C  Y N 349 
TRP CH2  C  Y N 350 
TRP OXT  O  N N 351 
TRP H    H  N N 352 
TRP H2   H  N N 353 
TRP HA   H  N N 354 
TRP HB2  H  N N 355 
TRP HB3  H  N N 356 
TRP HD1  H  N N 357 
TRP HE1  H  N N 358 
TRP HE3  H  N N 359 
TRP HZ2  H  N N 360 
TRP HZ3  H  N N 361 
TRP HH2  H  N N 362 
TRP HXT  H  N N 363 
TYR N    N  N N 364 
TYR CA   C  N S 365 
TYR C    C  N N 366 
TYR O    O  N N 367 
TYR CB   C  N N 368 
TYR CG   C  Y N 369 
TYR CD1  C  Y N 370 
TYR CD2  C  Y N 371 
TYR CE1  C  Y N 372 
TYR CE2  C  Y N 373 
TYR CZ   C  Y N 374 
TYR OH   O  N N 375 
TYR OXT  O  N N 376 
TYR H    H  N N 377 
TYR H2   H  N N 378 
TYR HA   H  N N 379 
TYR HB2  H  N N 380 
TYR HB3  H  N N 381 
TYR HD1  H  N N 382 
TYR HD2  H  N N 383 
TYR HE1  H  N N 384 
TYR HE2  H  N N 385 
TYR HH   H  N N 386 
TYR HXT  H  N N 387 
VAL N    N  N N 388 
VAL CA   C  N S 389 
VAL C    C  N N 390 
VAL O    O  N N 391 
VAL CB   C  N N 392 
VAL CG1  C  N N 393 
VAL CG2  C  N N 394 
VAL OXT  O  N N 395 
VAL H    H  N N 396 
VAL H2   H  N N 397 
VAL HA   H  N N 398 
VAL HB   H  N N 399 
VAL HG11 H  N N 400 
VAL HG12 H  N N 401 
VAL HG13 H  N N 402 
VAL HG21 H  N N 403 
VAL HG22 H  N N 404 
VAL HG23 H  N N 405 
VAL HXT  H  N N 406 
# 
loop_
_chem_comp_bond.comp_id 
_chem_comp_bond.atom_id_1 
_chem_comp_bond.atom_id_2 
_chem_comp_bond.value_order 
_chem_comp_bond.pdbx_aromatic_flag 
_chem_comp_bond.pdbx_stereo_config 
_chem_comp_bond.pdbx_ordinal 
ALA N   CA   sing N N 1   
ALA N   H    sing N N 2   
ALA N   H2   sing N N 3   
ALA CA  C    sing N N 4   
ALA CA  CB   sing N N 5   
ALA CA  HA   sing N N 6   
ALA C   O    doub N N 7   
ALA C   OXT  sing N N 8   
ALA CB  HB1  sing N N 9   
ALA CB  HB2  sing N N 10  
ALA CB  HB3  sing N N 11  
ALA OXT HXT  sing N N 12  
ARG N   CA   sing N N 13  
ARG N   H    sing N N 14  
ARG N   H2   sing N N 15  
ARG CA  C    sing N N 16  
ARG CA  CB   sing N N 17  
ARG CA  HA   sing N N 18  
ARG C   O    doub N N 19  
ARG C   OXT  sing N N 20  
ARG CB  CG   sing N N 21  
ARG CB  HB2  sing N N 22  
ARG CB  HB3  sing N N 23  
ARG CG  CD   sing N N 24  
ARG CG  HG2  sing N N 25  
ARG CG  HG3  sing N N 26  
ARG CD  NE   sing N N 27  
ARG CD  HD2  sing N N 28  
ARG CD  HD3  sing N N 29  
ARG NE  CZ   sing N N 30  
ARG NE  HE   sing N N 31  
ARG CZ  NH1  sing N N 32  
ARG CZ  NH2  doub N N 33  
ARG NH1 HH11 sing N N 34  
ARG NH1 HH12 sing N N 35  
ARG NH2 HH21 sing N N 36  
ARG NH2 HH22 sing N N 37  
ARG OXT HXT  sing N N 38  
ASN N   CA   sing N N 39  
ASN N   H    sing N N 40  
ASN N   H2   sing N N 41  
ASN CA  C    sing N N 42  
ASN CA  CB   sing N N 43  
ASN CA  HA   sing N N 44  
ASN C   O    doub N N 45  
ASN C   OXT  sing N N 46  
ASN CB  CG   sing N N 47  
ASN CB  HB2  sing N N 48  
ASN CB  HB3  sing N N 49  
ASN CG  OD1  doub N N 50  
ASN CG  ND2  sing N N 51  
ASN ND2 HD21 sing N N 52  
ASN ND2 HD22 sing N N 53  
ASN OXT HXT  sing N N 54  
ASP N   CA   sing N N 55  
ASP N   H    sing N N 56  
ASP N   H2   sing N N 57  
ASP CA  C    sing N N 58  
ASP CA  CB   sing N N 59  
ASP CA  HA   sing N N 60  
ASP C   O    doub N N 61  
ASP C   OXT  sing N N 62  
ASP CB  CG   sing N N 63  
ASP CB  HB2  sing N N 64  
ASP CB  HB3  sing N N 65  
ASP CG  OD1  doub N N 66  
ASP CG  OD2  sing N N 67  
ASP OD2 HD2  sing N N 68  
ASP OXT HXT  sing N N 69  
CSO N   CA   sing N N 70  
CSO N   H    sing N N 71  
CSO N   H2   sing N N 72  
CSO CA  CB   sing N N 73  
CSO CA  C    sing N N 74  
CSO CA  HA   sing N N 75  
CSO CB  SG   sing N N 76  
CSO CB  HB2  sing N N 77  
CSO CB  HB3  sing N N 78  
CSO SG  OD   sing N N 79  
CSO C   O    doub N N 80  
CSO C   OXT  sing N N 81  
CSO OXT HXT  sing N N 82  
CSO OD  HD   sing N N 83  
CYS N   CA   sing N N 84  
CYS N   H    sing N N 85  
CYS N   H2   sing N N 86  
CYS CA  C    sing N N 87  
CYS CA  CB   sing N N 88  
CYS CA  HA   sing N N 89  
CYS C   O    doub N N 90  
CYS C   OXT  sing N N 91  
CYS CB  SG   sing N N 92  
CYS CB  HB2  sing N N 93  
CYS CB  HB3  sing N N 94  
CYS SG  HG   sing N N 95  
CYS OXT HXT  sing N N 96  
GLN N   CA   sing N N 97  
GLN N   H    sing N N 98  
GLN N   H2   sing N N 99  
GLN CA  C    sing N N 100 
GLN CA  CB   sing N N 101 
GLN CA  HA   sing N N 102 
GLN C   O    doub N N 103 
GLN C   OXT  sing N N 104 
GLN CB  CG   sing N N 105 
GLN CB  HB2  sing N N 106 
GLN CB  HB3  sing N N 107 
GLN CG  CD   sing N N 108 
GLN CG  HG2  sing N N 109 
GLN CG  HG3  sing N N 110 
GLN CD  OE1  doub N N 111 
GLN CD  NE2  sing N N 112 
GLN NE2 HE21 sing N N 113 
GLN NE2 HE22 sing N N 114 
GLN OXT HXT  sing N N 115 
GLU N   CA   sing N N 116 
GLU N   H    sing N N 117 
GLU N   H2   sing N N 118 
GLU CA  C    sing N N 119 
GLU CA  CB   sing N N 120 
GLU CA  HA   sing N N 121 
GLU C   O    doub N N 122 
GLU C   OXT  sing N N 123 
GLU CB  CG   sing N N 124 
GLU CB  HB2  sing N N 125 
GLU CB  HB3  sing N N 126 
GLU CG  CD   sing N N 127 
GLU CG  HG2  sing N N 128 
GLU CG  HG3  sing N N 129 
GLU CD  OE1  doub N N 130 
GLU CD  OE2  sing N N 131 
GLU OE2 HE2  sing N N 132 
GLU OXT HXT  sing N N 133 
GLY N   CA   sing N N 134 
GLY N   H    sing N N 135 
GLY N   H2   sing N N 136 
GLY CA  C    sing N N 137 
GLY CA  HA2  sing N N 138 
GLY CA  HA3  sing N N 139 
GLY C   O    doub N N 140 
GLY C   OXT  sing N N 141 
GLY OXT HXT  sing N N 142 
HIS N   CA   sing N N 143 
HIS N   H    sing N N 144 
HIS N   H2   sing N N 145 
HIS CA  C    sing N N 146 
HIS CA  CB   sing N N 147 
HIS CA  HA   sing N N 148 
HIS C   O    doub N N 149 
HIS C   OXT  sing N N 150 
HIS CB  CG   sing N N 151 
HIS CB  HB2  sing N N 152 
HIS CB  HB3  sing N N 153 
HIS CG  ND1  sing Y N 154 
HIS CG  CD2  doub Y N 155 
HIS ND1 CE1  doub Y N 156 
HIS ND1 HD1  sing N N 157 
HIS CD2 NE2  sing Y N 158 
HIS CD2 HD2  sing N N 159 
HIS CE1 NE2  sing Y N 160 
HIS CE1 HE1  sing N N 161 
HIS NE2 HE2  sing N N 162 
HIS OXT HXT  sing N N 163 
HOH O   H1   sing N N 164 
HOH O   H2   sing N N 165 
ILE N   CA   sing N N 166 
ILE N   H    sing N N 167 
ILE N   H2   sing N N 168 
ILE CA  C    sing N N 169 
ILE CA  CB   sing N N 170 
ILE CA  HA   sing N N 171 
ILE C   O    doub N N 172 
ILE C   OXT  sing N N 173 
ILE CB  CG1  sing N N 174 
ILE CB  CG2  sing N N 175 
ILE CB  HB   sing N N 176 
ILE CG1 CD1  sing N N 177 
ILE CG1 HG12 sing N N 178 
ILE CG1 HG13 sing N N 179 
ILE CG2 HG21 sing N N 180 
ILE CG2 HG22 sing N N 181 
ILE CG2 HG23 sing N N 182 
ILE CD1 HD11 sing N N 183 
ILE CD1 HD12 sing N N 184 
ILE CD1 HD13 sing N N 185 
ILE OXT HXT  sing N N 186 
LEU N   CA   sing N N 187 
LEU N   H    sing N N 188 
LEU N   H2   sing N N 189 
LEU CA  C    sing N N 190 
LEU CA  CB   sing N N 191 
LEU CA  HA   sing N N 192 
LEU C   O    doub N N 193 
LEU C   OXT  sing N N 194 
LEU CB  CG   sing N N 195 
LEU CB  HB2  sing N N 196 
LEU CB  HB3  sing N N 197 
LEU CG  CD1  sing N N 198 
LEU CG  CD2  sing N N 199 
LEU CG  HG   sing N N 200 
LEU CD1 HD11 sing N N 201 
LEU CD1 HD12 sing N N 202 
LEU CD1 HD13 sing N N 203 
LEU CD2 HD21 sing N N 204 
LEU CD2 HD22 sing N N 205 
LEU CD2 HD23 sing N N 206 
LEU OXT HXT  sing N N 207 
LYS N   CA   sing N N 208 
LYS N   H    sing N N 209 
LYS N   H2   sing N N 210 
LYS CA  C    sing N N 211 
LYS CA  CB   sing N N 212 
LYS CA  HA   sing N N 213 
LYS C   O    doub N N 214 
LYS C   OXT  sing N N 215 
LYS CB  CG   sing N N 216 
LYS CB  HB2  sing N N 217 
LYS CB  HB3  sing N N 218 
LYS CG  CD   sing N N 219 
LYS CG  HG2  sing N N 220 
LYS CG  HG3  sing N N 221 
LYS CD  CE   sing N N 222 
LYS CD  HD2  sing N N 223 
LYS CD  HD3  sing N N 224 
LYS CE  NZ   sing N N 225 
LYS CE  HE2  sing N N 226 
LYS CE  HE3  sing N N 227 
LYS NZ  HZ1  sing N N 228 
LYS NZ  HZ2  sing N N 229 
LYS NZ  HZ3  sing N N 230 
LYS OXT HXT  sing N N 231 
MET N   CA   sing N N 232 
MET N   H    sing N N 233 
MET N   H2   sing N N 234 
MET CA  C    sing N N 235 
MET CA  CB   sing N N 236 
MET CA  HA   sing N N 237 
MET C   O    doub N N 238 
MET C   OXT  sing N N 239 
MET CB  CG   sing N N 240 
MET CB  HB2  sing N N 241 
MET CB  HB3  sing N N 242 
MET CG  SD   sing N N 243 
MET CG  HG2  sing N N 244 
MET CG  HG3  sing N N 245 
MET SD  CE   sing N N 246 
MET CE  HE1  sing N N 247 
MET CE  HE2  sing N N 248 
MET CE  HE3  sing N N 249 
MET OXT HXT  sing N N 250 
PHE N   CA   sing N N 251 
PHE N   H    sing N N 252 
PHE N   H2   sing N N 253 
PHE CA  C    sing N N 254 
PHE CA  CB   sing N N 255 
PHE CA  HA   sing N N 256 
PHE C   O    doub N N 257 
PHE C   OXT  sing N N 258 
PHE CB  CG   sing N N 259 
PHE CB  HB2  sing N N 260 
PHE CB  HB3  sing N N 261 
PHE CG  CD1  doub Y N 262 
PHE CG  CD2  sing Y N 263 
PHE CD1 CE1  sing Y N 264 
PHE CD1 HD1  sing N N 265 
PHE CD2 CE2  doub Y N 266 
PHE CD2 HD2  sing N N 267 
PHE CE1 CZ   doub Y N 268 
PHE CE1 HE1  sing N N 269 
PHE CE2 CZ   sing Y N 270 
PHE CE2 HE2  sing N N 271 
PHE CZ  HZ   sing N N 272 
PHE OXT HXT  sing N N 273 
PRO N   CA   sing N N 274 
PRO N   CD   sing N N 275 
PRO N   H    sing N N 276 
PRO CA  C    sing N N 277 
PRO CA  CB   sing N N 278 
PRO CA  HA   sing N N 279 
PRO C   O    doub N N 280 
PRO C   OXT  sing N N 281 
PRO CB  CG   sing N N 282 
PRO CB  HB2  sing N N 283 
PRO CB  HB3  sing N N 284 
PRO CG  CD   sing N N 285 
PRO CG  HG2  sing N N 286 
PRO CG  HG3  sing N N 287 
PRO CD  HD2  sing N N 288 
PRO CD  HD3  sing N N 289 
PRO OXT HXT  sing N N 290 
SER N   CA   sing N N 291 
SER N   H    sing N N 292 
SER N   H2   sing N N 293 
SER CA  C    sing N N 294 
SER CA  CB   sing N N 295 
SER CA  HA   sing N N 296 
SER C   O    doub N N 297 
SER C   OXT  sing N N 298 
SER CB  OG   sing N N 299 
SER CB  HB2  sing N N 300 
SER CB  HB3  sing N N 301 
SER OG  HG   sing N N 302 
SER OXT HXT  sing N N 303 
THR N   CA   sing N N 304 
THR N   H    sing N N 305 
THR N   H2   sing N N 306 
THR CA  C    sing N N 307 
THR CA  CB   sing N N 308 
THR CA  HA   sing N N 309 
THR C   O    doub N N 310 
THR C   OXT  sing N N 311 
THR CB  OG1  sing N N 312 
THR CB  CG2  sing N N 313 
THR CB  HB   sing N N 314 
THR OG1 HG1  sing N N 315 
THR CG2 HG21 sing N N 316 
THR CG2 HG22 sing N N 317 
THR CG2 HG23 sing N N 318 
THR OXT HXT  sing N N 319 
TRP N   CA   sing N N 320 
TRP N   H    sing N N 321 
TRP N   H2   sing N N 322 
TRP CA  C    sing N N 323 
TRP CA  CB   sing N N 324 
TRP CA  HA   sing N N 325 
TRP C   O    doub N N 326 
TRP C   OXT  sing N N 327 
TRP CB  CG   sing N N 328 
TRP CB  HB2  sing N N 329 
TRP CB  HB3  sing N N 330 
TRP CG  CD1  doub Y N 331 
TRP CG  CD2  sing Y N 332 
TRP CD1 NE1  sing Y N 333 
TRP CD1 HD1  sing N N 334 
TRP CD2 CE2  doub Y N 335 
TRP CD2 CE3  sing Y N 336 
TRP NE1 CE2  sing Y N 337 
TRP NE1 HE1  sing N N 338 
TRP CE2 CZ2  sing Y N 339 
TRP CE3 CZ3  doub Y N 340 
TRP CE3 HE3  sing N N 341 
TRP CZ2 CH2  doub Y N 342 
TRP CZ2 HZ2  sing N N 343 
TRP CZ3 CH2  sing Y N 344 
TRP CZ3 HZ3  sing N N 345 
TRP CH2 HH2  sing N N 346 
TRP OXT HXT  sing N N 347 
TYR N   CA   sing N N 348 
TYR N   H    sing N N 349 
TYR N   H2   sing N N 350 
TYR CA  C    sing N N 351 
TYR CA  CB   sing N N 352 
TYR CA  HA   sing N N 353 
TYR C   O    doub N N 354 
TYR C   OXT  sing N N 355 
TYR CB  CG   sing N N 356 
TYR CB  HB2  sing N N 357 
TYR CB  HB3  sing N N 358 
TYR CG  CD1  doub Y N 359 
TYR CG  CD2  sing Y N 360 
TYR CD1 CE1  sing Y N 361 
TYR CD1 HD1  sing N N 362 
TYR CD2 CE2  doub Y N 363 
TYR CD2 HD2  sing N N 364 
TYR CE1 CZ   doub Y N 365 
TYR CE1 HE1  sing N N 366 
TYR CE2 CZ   sing Y N 367 
TYR CE2 HE2  sing N N 368 
TYR CZ  OH   sing N N 369 
TYR OH  HH   sing N N 370 
TYR OXT HXT  sing N N 371 
VAL N   CA   sing N N 372 
VAL N   H    sing N N 373 
VAL N   H2   sing N N 374 
VAL CA  C    sing N N 375 
VAL CA  CB   sing N N 376 
VAL CA  HA   sing N N 377 
VAL C   O    doub N N 378 
VAL C   OXT  sing N N 379 
VAL CB  CG1  sing N N 380 
VAL CB  CG2  sing N N 381 
VAL CB  HB   sing N N 382 
VAL CG1 HG11 sing N N 383 
VAL CG1 HG12 sing N N 384 
VAL CG1 HG13 sing N N 385 
VAL CG2 HG21 sing N N 386 
VAL CG2 HG22 sing N N 387 
VAL CG2 HG23 sing N N 388 
VAL OXT HXT  sing N N 389 
# 
_pdbx_initial_refinement_model.id               1 
_pdbx_initial_refinement_model.entity_id_list   ? 
_pdbx_initial_refinement_model.type             'experimental model' 
_pdbx_initial_refinement_model.source_name      PDB 
_pdbx_initial_refinement_model.accession_code   1OHT 
_pdbx_initial_refinement_model.details          ? 
# 
_atom_sites.entry_id                    1SK4 
_atom_sites.fract_transf_matrix[1][1]   0.00026067 
_atom_sites.fract_transf_matrix[1][2]   -0.01319271 
_atom_sites.fract_transf_matrix[1][3]   -0.01211394 
_atom_sites.fract_transf_matrix[2][1]   0.01368802 
_atom_sites.fract_transf_matrix[2][2]   -0.00135382 
_atom_sites.fract_transf_matrix[2][3]   -0.01147367 
_atom_sites.fract_transf_matrix[3][1]   0.00758999 
_atom_sites.fract_transf_matrix[3][2]   -0.00915649 
_atom_sites.fract_transf_matrix[3][3]   0.01013522 
_atom_sites.fract_transf_vector[1]      0.959526 
_atom_sites.fract_transf_vector[2]      0.418865 
_atom_sites.fract_transf_vector[3]      0.145025 
# 
loop_
_atom_type.symbol 
C  
N  
NA 
O  
S  
# 
loop_
_atom_site.group_PDB 
_atom_site.id 
_atom_site.type_symbol 
_atom_site.label_atom_id 
_atom_site.label_alt_id 
_atom_site.label_comp_id 
_atom_site.label_asym_id 
_atom_site.label_entity_id 
_atom_site.label_seq_id 
_atom_site.pdbx_PDB_ins_code 
_atom_site.Cartn_x 
_atom_site.Cartn_y 
_atom_site.Cartn_z 
_atom_site.occupancy 
_atom_site.B_iso_or_equiv 
_atom_site.pdbx_formal_charge 
_atom_site.auth_seq_id 
_atom_site.auth_comp_id 
_atom_site.auth_asym_id 
_atom_site.auth_atom_id 
_atom_site.pdbx_PDB_model_num 
ATOM   1    N  N   . PRO A 1 1   ? -4.954  14.091  -6.579  1.00 44.91 ? 179 PRO A N   1 
ATOM   2    C  CA  . PRO A 1 1   ? -5.503  13.282  -7.691  1.00 45.57 ? 179 PRO A CA  1 
ATOM   3    C  C   . PRO A 1 1   ? -6.946  12.861  -7.414  1.00 45.90 ? 179 PRO A C   1 
ATOM   4    O  O   . PRO A 1 1   ? -7.334  12.667  -6.261  1.00 46.45 ? 179 PRO A O   1 
ATOM   5    C  CB  . PRO A 1 1   ? -4.605  12.063  -7.829  1.00 45.16 ? 179 PRO A CB  1 
ATOM   6    C  CG  . PRO A 1 1   ? -4.105  11.900  -6.397  1.00 44.50 ? 179 PRO A CG  1 
ATOM   7    C  CD  . PRO A 1 1   ? -3.882  13.342  -5.897  1.00 44.49 ? 179 PRO A CD  1 
ATOM   8    N  N   . ASN A 1 2   ? -7.736  12.728  -8.476  1.00 46.20 ? 180 ASN A N   1 
ATOM   9    C  CA  . ASN A 1 2   ? -9.132  12.318  -8.352  1.00 45.69 ? 180 ASN A CA  1 
ATOM   10   C  C   . ASN A 1 2   ? -9.198  10.837  -7.985  1.00 42.05 ? 180 ASN A C   1 
ATOM   11   O  O   . ASN A 1 2   ? -8.973  9.962   -8.820  1.00 42.06 ? 180 ASN A O   1 
ATOM   12   C  CB  . ASN A 1 2   ? -9.882  12.577  -9.663  1.00 52.54 ? 180 ASN A CB  1 
ATOM   13   C  CG  . ASN A 1 2   ? -9.151  12.033  -10.879 1.00 58.56 ? 180 ASN A CG  1 
ATOM   14   O  OD1 . ASN A 1 2   ? -9.645  12.128  -12.002 1.00 64.73 ? 180 ASN A OD1 1 
ATOM   15   N  ND2 . ASN A 1 2   ? -7.970  11.464  -10.663 1.00 63.85 ? 180 ASN A ND2 1 
ATOM   16   N  N   . ILE A 1 3   ? -9.520  10.571  -6.724  1.00 36.21 ? 181 ILE A N   1 
ATOM   17   C  CA  . ILE A 1 3   ? -9.589  9.214   -6.205  1.00 31.72 ? 181 ILE A CA  1 
ATOM   18   C  C   . ILE A 1 3   ? -10.804 8.406   -6.650  1.00 29.00 ? 181 ILE A C   1 
ATOM   19   O  O   . ILE A 1 3   ? -11.939 8.873   -6.578  1.00 27.89 ? 181 ILE A O   1 
ATOM   20   C  CB  . ILE A 1 3   ? -9.550  9.233   -4.659  1.00 31.44 ? 181 ILE A CB  1 
ATOM   21   C  CG1 . ILE A 1 3   ? -8.251  9.893   -4.188  1.00 30.03 ? 181 ILE A CG1 1 
ATOM   22   C  CG2 . ILE A 1 3   ? -9.656  7.816   -4.110  1.00 30.47 ? 181 ILE A CG2 1 
ATOM   23   C  CD1 . ILE A 1 3   ? -8.164  10.084  -2.691  1.00 31.82 ? 181 ILE A CD1 1 
ATOM   24   N  N   . ILE A 1 4   ? -10.548 7.186   -7.113  1.00 24.90 ? 182 ILE A N   1 
ATOM   25   C  CA  . ILE A 1 4   ? -11.606 6.281   -7.532  1.00 23.49 ? 182 ILE A CA  1 
ATOM   26   C  C   . ILE A 1 4   ? -12.094 5.621   -6.244  1.00 23.02 ? 182 ILE A C   1 
ATOM   27   O  O   . ILE A 1 4   ? -11.384 4.818   -5.633  1.00 21.85 ? 182 ILE A O   1 
ATOM   28   C  CB  . ILE A 1 4   ? -11.057 5.244   -8.521  1.00 22.63 ? 182 ILE A CB  1 
ATOM   29   C  CG1 . ILE A 1 4   ? -10.528 5.983   -9.755  1.00 23.46 ? 182 ILE A CG1 1 
ATOM   30   C  CG2 . ILE A 1 4   ? -12.144 4.249   -8.909  1.00 22.32 ? 182 ILE A CG2 1 
ATOM   31   C  CD1 . ILE A 1 4   ? -9.723  5.141   -10.701 1.00 25.75 ? 182 ILE A CD1 1 
ATOM   32   N  N   . LYS A 1 5   ? -13.306 5.988   -5.834  1.00 22.08 ? 183 LYS A N   1 
ATOM   33   C  CA  . LYS A 1 5   ? -13.906 5.506   -4.593  1.00 21.84 ? 183 LYS A CA  1 
ATOM   34   C  C   . LYS A 1 5   ? -14.325 4.044   -4.570  1.00 21.04 ? 183 LYS A C   1 
ATOM   35   O  O   . LYS A 1 5   ? -14.493 3.415   -5.612  1.00 20.60 ? 183 LYS A O   1 
ATOM   36   C  CB  . LYS A 1 5   ? -15.110 6.381   -4.241  1.00 24.45 ? 183 LYS A CB  1 
ATOM   37   C  CG  . LYS A 1 5   ? -14.783 7.865   -4.161  1.00 27.18 ? 183 LYS A CG  1 
ATOM   38   C  CD  . LYS A 1 5   ? -13.924 8.200   -2.946  1.00 31.14 ? 183 LYS A CD  1 
ATOM   39   C  CE  . LYS A 1 5   ? -14.722 8.083   -1.651  1.00 33.43 ? 183 LYS A CE  1 
ATOM   40   N  NZ  . LYS A 1 5   ? -13.947 8.555   -0.464  1.00 33.82 ? 183 LYS A NZ  1 
ATOM   41   N  N   . ARG A 1 6   ? -14.499 3.524   -3.359  1.00 20.29 ? 184 ARG A N   1 
ATOM   42   C  CA  . ARG A 1 6   ? -14.898 2.138   -3.146  1.00 20.69 ? 184 ARG A CA  1 
ATOM   43   C  C   . ARG A 1 6   ? -16.158 1.778   -3.931  1.00 22.81 ? 184 ARG A C   1 
ATOM   44   O  O   . ARG A 1 6   ? -16.259 0.683   -4.484  1.00 22.34 ? 184 ARG A O   1 
ATOM   45   C  CB  . ARG A 1 6   ? -15.108 1.882   -1.646  1.00 21.01 ? 184 ARG A CB  1 
ATOM   46   C  CG  . ARG A 1 6   ? -13.800 1.824   -0.843  1.00 19.26 ? 184 ARG A CG  1 
ATOM   47   C  CD  . ARG A 1 6   ? -14.013 1.985   0.667   1.00 17.30 ? 184 ARG A CD  1 
ATOM   48   N  NE  . ARG A 1 6   ? -14.795 0.912   1.283   1.00 18.94 ? 184 ARG A NE  1 
ATOM   49   C  CZ  . ARG A 1 6   ? -14.302 -0.260  1.681   1.00 20.02 ? 184 ARG A CZ  1 
ATOM   50   N  NH1 . ARG A 1 6   ? -13.012 -0.537  1.535   1.00 19.16 ? 184 ARG A NH1 1 
ATOM   51   N  NH2 . ARG A 1 6   ? -15.102 -1.158  2.247   1.00 21.59 ? 184 ARG A NH2 1 
ATOM   52   N  N   . SER A 1 7   ? -17.116 2.700   -3.980  1.00 23.16 ? 185 SER A N   1 
ATOM   53   C  CA  . SER A 1 7   ? -18.362 2.455   -4.703  1.00 24.87 ? 185 SER A CA  1 
ATOM   54   C  C   . SER A 1 7   ? -18.088 2.126   -6.174  1.00 25.40 ? 185 SER A C   1 
ATOM   55   O  O   . SER A 1 7   ? -18.759 1.280   -6.767  1.00 25.87 ? 185 SER A O   1 
ATOM   56   C  CB  . SER A 1 7   ? -19.278 3.681   -4.607  1.00 25.35 ? 185 SER A CB  1 
ATOM   57   O  OG  . SER A 1 7   ? -18.681 4.814   -5.216  1.00 27.85 ? 185 SER A OG  1 
ATOM   58   N  N   . ALA A 1 8   ? -17.091 2.791   -6.751  1.00 24.81 ? 186 ALA A N   1 
ATOM   59   C  CA  . ALA A 1 8   ? -16.728 2.584   -8.149  1.00 25.76 ? 186 ALA A CA  1 
ATOM   60   C  C   . ALA A 1 8   ? -16.290 1.152   -8.450  1.00 26.08 ? 186 ALA A C   1 
ATOM   61   O  O   . ALA A 1 8   ? -16.612 0.619   -9.513  1.00 27.61 ? 186 ALA A O   1 
ATOM   62   C  CB  . ALA A 1 8   ? -15.634 3.563   -8.554  1.00 26.18 ? 186 ALA A CB  1 
ATOM   63   N  N   . TRP A 1 9   ? -15.544 0.528   -7.540  1.00 24.43 ? 187 TRP A N   1 
ATOM   64   C  CA  . TRP A 1 9   ? -15.123 -0.846  -7.780  1.00 24.17 ? 187 TRP A CA  1 
ATOM   65   C  C   . TRP A 1 9   ? -16.007 -1.840  -7.038  1.00 23.84 ? 187 TRP A C   1 
ATOM   66   O  O   . TRP A 1 9   ? -15.654 -3.006  -6.873  1.00 23.73 ? 187 TRP A O   1 
ATOM   67   C  CB  . TRP A 1 9   ? -13.638 -1.071  -7.430  1.00 22.64 ? 187 TRP A CB  1 
ATOM   68   C  CG  . TRP A 1 9   ? -13.137 -0.553  -6.102  1.00 20.55 ? 187 TRP A CG  1 
ATOM   69   C  CD1 . TRP A 1 9   ? -12.653 0.701   -5.842  1.00 19.68 ? 187 TRP A CD1 1 
ATOM   70   C  CD2 . TRP A 1 9   ? -12.952 -1.311  -4.897  1.00 18.56 ? 187 TRP A CD2 1 
ATOM   71   N  NE1 . TRP A 1 9   ? -12.167 0.765   -4.555  1.00 19.33 ? 187 TRP A NE1 1 
ATOM   72   C  CE2 . TRP A 1 9   ? -12.337 -0.454  -3.954  1.00 18.18 ? 187 TRP A CE2 1 
ATOM   73   C  CE3 . TRP A 1 9   ? -13.238 -2.634  -4.524  1.00 18.01 ? 187 TRP A CE3 1 
ATOM   74   C  CZ2 . TRP A 1 9   ? -12.004 -0.878  -2.659  1.00 17.90 ? 187 TRP A CZ2 1 
ATOM   75   C  CZ3 . TRP A 1 9   ? -12.907 -3.056  -3.237  1.00 17.66 ? 187 TRP A CZ3 1 
ATOM   76   C  CH2 . TRP A 1 9   ? -12.293 -2.177  -2.320  1.00 16.45 ? 187 TRP A CH2 1 
ATOM   77   N  N   . GLU A 1 10  ? -17.169 -1.353  -6.606  1.00 25.00 ? 188 GLU A N   1 
ATOM   78   C  CA  . GLU A 1 10  ? -18.165 -2.157  -5.903  1.00 25.65 ? 188 GLU A CA  1 
ATOM   79   C  C   . GLU A 1 10  ? -17.611 -2.914  -4.704  1.00 24.67 ? 188 GLU A C   1 
ATOM   80   O  O   . GLU A 1 10  ? -17.764 -4.133  -4.598  1.00 24.81 ? 188 GLU A O   1 
ATOM   81   C  CB  . GLU A 1 10  ? -18.817 -3.136  -6.885  1.00 27.83 ? 188 GLU A CB  1 
ATOM   82   C  CG  . GLU A 1 10  ? -19.380 -2.453  -8.123  1.00 31.99 ? 188 GLU A CG  1 
ATOM   83   C  CD  . GLU A 1 10  ? -20.021 -3.418  -9.102  1.00 35.61 ? 188 GLU A CD  1 
ATOM   84   O  OE1 . GLU A 1 10  ? -20.404 -2.968  -10.204 1.00 37.97 ? 188 GLU A OE1 1 
ATOM   85   O  OE2 . GLU A 1 10  ? -20.144 -4.618  -8.775  1.00 36.45 ? 188 GLU A OE2 1 
ATOM   86   N  N   . ALA A 1 11  ? -16.974 -2.180  -3.798  1.00 24.27 ? 189 ALA A N   1 
ATOM   87   C  CA  . ALA A 1 11  ? -16.397 -2.769  -2.600  1.00 25.18 ? 189 ALA A CA  1 
ATOM   88   C  C   . ALA A 1 11  ? -17.480 -3.323  -1.680  1.00 26.74 ? 189 ALA A C   1 
ATOM   89   O  O   . ALA A 1 11  ? -18.601 -2.808  -1.644  1.00 26.12 ? 189 ALA A O   1 
ATOM   90   C  CB  . ALA A 1 11  ? -15.577 -1.723  -1.849  1.00 23.66 ? 189 ALA A CB  1 
ATOM   91   N  N   . ARG A 1 12  ? -17.135 -4.372  -0.942  1.00 28.10 ? 190 ARG A N   1 
ATOM   92   C  CA  . ARG A 1 12  ? -18.055 -4.977  0.008   1.00 30.21 ? 190 ARG A CA  1 
ATOM   93   C  C   . ARG A 1 12  ? -18.086 -4.060  1.227   1.00 31.79 ? 190 ARG A C   1 
ATOM   94   O  O   . ARG A 1 12  ? -17.037 -3.632  1.714   1.00 32.32 ? 190 ARG A O   1 
ATOM   95   C  CB  . ARG A 1 12  ? -17.560 -6.368  0.415   1.00 30.09 ? 190 ARG A CB  1 
ATOM   96   C  CG  . ARG A 1 12  ? -17.642 -7.397  -0.704  1.00 30.47 ? 190 ARG A CG  1 
ATOM   97   C  CD  . ARG A 1 12  ? -16.743 -8.599  -0.451  1.00 32.17 ? 190 ARG A CD  1 
ATOM   98   N  NE  . ARG A 1 12  ? -17.007 -9.267  0.819   1.00 32.58 ? 190 ARG A NE  1 
ATOM   99   C  CZ  . ARG A 1 12  ? -16.417 -10.399 1.196   1.00 33.42 ? 190 ARG A CZ  1 
ATOM   100  N  NH1 . ARG A 1 12  ? -15.535 -10.984 0.395   1.00 34.38 ? 190 ARG A NH1 1 
ATOM   101  N  NH2 . ARG A 1 12  ? -16.698 -10.943 2.372   1.00 33.56 ? 190 ARG A NH2 1 
ATOM   102  N  N   . GLU A 1 13  ? -19.283 -3.749  1.709   1.00 32.45 ? 191 GLU A N   1 
ATOM   103  C  CA  . GLU A 1 13  ? -19.424 -2.872  2.868   1.00 33.43 ? 191 GLU A CA  1 
ATOM   104  C  C   . GLU A 1 13  ? -18.900 -3.524  4.140   1.00 31.06 ? 191 GLU A C   1 
ATOM   105  O  O   . GLU A 1 13  ? -19.155 -4.701  4.401   1.00 29.52 ? 191 GLU A O   1 
ATOM   106  C  CB  . GLU A 1 13  ? -20.891 -2.475  3.057   1.00 38.12 ? 191 GLU A CB  1 
ATOM   107  C  CG  . GLU A 1 13  ? -21.456 -1.636  1.924   1.00 46.23 ? 191 GLU A CG  1 
ATOM   108  C  CD  . GLU A 1 13  ? -22.874 -1.170  2.194   1.00 51.64 ? 191 GLU A CD  1 
ATOM   109  O  OE1 . GLU A 1 13  ? -23.443 -0.467  1.329   1.00 55.78 ? 191 GLU A OE1 1 
ATOM   110  O  OE2 . GLU A 1 13  ? -23.422 -1.504  3.268   1.00 55.86 ? 191 GLU A OE2 1 
ATOM   111  N  N   . THR A 1 14  ? -18.164 -2.748  4.931   1.00 29.05 ? 192 THR A N   1 
ATOM   112  C  CA  . THR A 1 14  ? -17.599 -3.247  6.177   1.00 27.50 ? 192 THR A CA  1 
ATOM   113  C  C   . THR A 1 14  ? -17.709 -2.223  7.298   1.00 29.28 ? 192 THR A C   1 
ATOM   114  O  O   . THR A 1 14  ? -18.189 -1.106  7.106   1.00 29.44 ? 192 THR A O   1 
ATOM   115  C  CB  . THR A 1 14  ? -16.107 -3.602  6.023   1.00 26.53 ? 192 THR A CB  1 
ATOM   116  O  OG1 . THR A 1 14  ? -15.365 -2.406  5.758   1.00 21.91 ? 192 THR A OG1 1 
ATOM   117  C  CG2 . THR A 1 14  ? -15.903 -4.590  4.882   1.00 23.26 ? 192 THR A CG2 1 
ATOM   118  N  N   . HIS A 1 15  ? -17.239 -2.622  8.472   1.00 30.25 ? 193 HIS A N   1 
ATOM   119  C  CA  . HIS A 1 15  ? -17.270 -1.777  9.649   1.00 32.72 ? 193 HIS A CA  1 
ATOM   120  C  C   . HIS A 1 15  ? -15.966 -2.058  10.382  1.00 30.73 ? 193 HIS A C   1 
ATOM   121  O  O   . HIS A 1 15  ? -15.917 -2.887  11.291  1.00 30.22 ? 193 HIS A O   1 
ATOM   122  C  CB  . HIS A 1 15  ? -18.477 -2.166  10.493  1.00 39.46 ? 193 HIS A CB  1 
ATOM   123  C  CG  . HIS A 1 15  ? -18.884 -1.124  11.481  1.00 48.64 ? 193 HIS A CG  1 
ATOM   124  N  ND1 . HIS A 1 15  ? -18.252 -0.959  12.693  1.00 52.79 ? 193 HIS A ND1 1 
ATOM   125  C  CD2 . HIS A 1 15  ? -19.858 -0.184  11.432  1.00 53.44 ? 193 HIS A CD2 1 
ATOM   126  C  CE1 . HIS A 1 15  ? -18.820 0.038   13.348  1.00 56.92 ? 193 HIS A CE1 1 
ATOM   127  N  NE2 . HIS A 1 15  ? -19.797 0.524   12.606  1.00 57.36 ? 193 HIS A NE2 1 
ATOM   128  N  N   . CYS A 1 16  ? -14.910 -1.357  9.978   1.00 27.62 ? 194 CYS A N   1 
ATOM   129  C  CA  . CYS A 1 16  ? -13.587 -1.571  10.546  1.00 26.02 ? 194 CYS A CA  1 
ATOM   130  C  C   . CYS A 1 16  ? -13.053 -0.449  11.440  1.00 25.05 ? 194 CYS A C   1 
ATOM   131  O  O   . CYS A 1 16  ? -13.563 0.677   11.419  1.00 24.44 ? 194 CYS A O   1 
ATOM   132  C  CB  . CYS A 1 16  ? -12.615 -1.869  9.399   1.00 25.29 ? 194 CYS A CB  1 
ATOM   133  S  SG  . CYS A 1 16  ? -13.210 -3.260  8.379   1.00 23.70 ? 194 CYS A SG  1 
ATOM   134  N  N   . PRO A 1 17  ? -12.019 -0.757  12.247  1.00 24.45 ? 195 PRO A N   1 
ATOM   135  C  CA  . PRO A 1 17  ? -11.388 0.195   13.168  1.00 25.08 ? 195 PRO A CA  1 
ATOM   136  C  C   . PRO A 1 17  ? -10.976 1.488   12.475  1.00 25.57 ? 195 PRO A C   1 
ATOM   137  O  O   . PRO A 1 17  ? -10.536 1.474   11.323  1.00 26.16 ? 195 PRO A O   1 
ATOM   138  C  CB  . PRO A 1 17  ? -10.183 -0.582  13.700  1.00 24.91 ? 195 PRO A CB  1 
ATOM   139  C  CG  . PRO A 1 17  ? -10.663 -2.004  13.669  1.00 24.97 ? 195 PRO A CG  1 
ATOM   140  C  CD  . PRO A 1 17  ? -11.353 -2.070  12.324  1.00 24.14 ? 195 PRO A CD  1 
ATOM   141  N  N   . LYS A 1 18  ? -11.115 2.602   13.183  1.00 25.87 ? 196 LYS A N   1 
ATOM   142  C  CA  . LYS A 1 18  ? -10.764 3.900   12.619  1.00 26.87 ? 196 LYS A CA  1 
ATOM   143  C  C   . LYS A 1 18  ? -9.267  4.190   12.664  1.00 25.97 ? 196 LYS A C   1 
ATOM   144  O  O   . LYS A 1 18  ? -8.545  3.701   13.537  1.00 26.21 ? 196 LYS A O   1 
ATOM   145  C  CB  . LYS A 1 18  ? -11.542 5.009   13.331  1.00 29.81 ? 196 LYS A CB  1 
ATOM   146  C  CG  . LYS A 1 18  ? -11.458 4.966   14.847  1.00 35.59 ? 196 LYS A CG  1 
ATOM   147  C  CD  . LYS A 1 18  ? -12.836 4.763   15.475  1.00 41.28 ? 196 LYS A CD  1 
ATOM   148  C  CE  . LYS A 1 18  ? -13.397 3.379   15.173  1.00 43.86 ? 196 LYS A CE  1 
ATOM   149  N  NZ  . LYS A 1 18  ? -12.548 2.305   15.762  1.00 43.97 ? 196 LYS A NZ  1 
ATOM   150  N  N   . MET A 1 19  ? -8.818  4.983   11.698  1.00 24.73 ? 197 MET A N   1 
ATOM   151  C  CA  . MET A 1 19  ? -7.421  5.364   11.567  1.00 24.68 ? 197 MET A CA  1 
ATOM   152  C  C   . MET A 1 19  ? -7.089  6.543   12.469  1.00 26.11 ? 197 MET A C   1 
ATOM   153  O  O   . MET A 1 19  ? -7.926  7.410   12.709  1.00 26.01 ? 197 MET A O   1 
ATOM   154  C  CB  . MET A 1 19  ? -7.130  5.744   10.114  1.00 23.70 ? 197 MET A CB  1 
ATOM   155  C  CG  . MET A 1 19  ? -5.673  6.032   9.822   1.00 22.59 ? 197 MET A CG  1 
ATOM   156  S  SD  . MET A 1 19  ? -4.666  4.541   9.940   1.00 20.81 ? 197 MET A SD  1 
ATOM   157  C  CE  . MET A 1 19  ? -3.055  5.202   9.514   1.00 21.12 ? 197 MET A CE  1 
ATOM   158  N  N   . ASN A 1 20  ? -5.855  6.565   12.960  1.00 27.04 ? 198 ASN A N   1 
ATOM   159  C  CA  . ASN A 1 20  ? -5.382  7.637   13.824  1.00 28.22 ? 198 ASN A CA  1 
ATOM   160  C  C   . ASN A 1 20  ? -4.738  8.698   12.930  1.00 26.38 ? 198 ASN A C   1 
ATOM   161  O  O   . ASN A 1 20  ? -3.599  8.544   12.498  1.00 28.48 ? 198 ASN A O   1 
ATOM   162  C  CB  . ASN A 1 20  ? -4.360  7.070   14.817  1.00 31.18 ? 198 ASN A CB  1 
ATOM   163  C  CG  . ASN A 1 20  ? -3.821  8.114   15.775  1.00 35.60 ? 198 ASN A CG  1 
ATOM   164  O  OD1 . ASN A 1 20  ? -3.029  7.800   16.665  1.00 37.91 ? 198 ASN A OD1 1 
ATOM   165  N  ND2 . ASN A 1 20  ? -4.244  9.360   15.598  1.00 37.78 ? 198 ASN A ND2 1 
ATOM   166  N  N   . LEU A 1 21  ? -5.476  9.768   12.645  1.00 23.79 ? 199 LEU A N   1 
ATOM   167  C  CA  . LEU A 1 21  ? -4.966  10.838  11.789  1.00 21.58 ? 199 LEU A CA  1 
ATOM   168  C  C   . LEU A 1 21  ? -4.517  12.082  12.557  1.00 19.86 ? 199 LEU A C   1 
ATOM   169  O  O   . LEU A 1 21  ? -5.069  12.413  13.608  1.00 21.34 ? 199 LEU A O   1 
ATOM   170  C  CB  . LEU A 1 21  ? -6.026  11.234  10.760  1.00 21.67 ? 199 LEU A CB  1 
ATOM   171  C  CG  . LEU A 1 21  ? -6.460  10.141  9.778   1.00 21.88 ? 199 LEU A CG  1 
ATOM   172  C  CD1 . LEU A 1 21  ? -7.533  10.697  8.859   1.00 23.51 ? 199 LEU A CD1 1 
ATOM   173  C  CD2 . LEU A 1 21  ? -5.268  9.651   8.970   1.00 21.13 ? 199 LEU A CD2 1 
ATOM   174  N  N   . PRO A 1 22  ? -3.504  12.791  12.035  1.00 18.51 ? 200 PRO A N   1 
ATOM   175  C  CA  . PRO A 1 22  ? -2.800  12.461  10.791  1.00 17.64 ? 200 PRO A CA  1 
ATOM   176  C  C   . PRO A 1 22  ? -1.840  11.288  10.936  1.00 17.25 ? 200 PRO A C   1 
ATOM   177  O  O   . PRO A 1 22  ? -1.333  11.018  12.029  1.00 17.46 ? 200 PRO A O   1 
ATOM   178  C  CB  . PRO A 1 22  ? -2.055  13.754  10.468  1.00 18.48 ? 200 PRO A CB  1 
ATOM   179  C  CG  . PRO A 1 22  ? -1.696  14.260  11.841  1.00 19.10 ? 200 PRO A CG  1 
ATOM   180  C  CD  . PRO A 1 22  ? -3.013  14.072  12.582  1.00 17.62 ? 200 PRO A CD  1 
ATOM   181  N  N   . ALA A 1 23  ? -1.591  10.599  9.827   1.00 15.85 ? 201 ALA A N   1 
ATOM   182  C  CA  . ALA A 1 23  ? -0.657  9.479   9.823   1.00 15.68 ? 201 ALA A CA  1 
ATOM   183  C  C   . ALA A 1 23  ? 0.741   10.088  9.902   1.00 14.51 ? 201 ALA A C   1 
ATOM   184  O  O   . ALA A 1 23  ? 0.936   11.247  9.535   1.00 14.58 ? 201 ALA A O   1 
ATOM   185  C  CB  . ALA A 1 23  ? -0.806  8.672   8.537   1.00 13.56 ? 201 ALA A CB  1 
ATOM   186  N  N   . LYS A 1 24  ? 1.712   9.317   10.385  1.00 14.49 ? 202 LYS A N   1 
ATOM   187  C  CA  . LYS A 1 24  ? 3.076   9.823   10.494  1.00 14.91 ? 202 LYS A CA  1 
ATOM   188  C  C   . LYS A 1 24  ? 4.039   9.154   9.522   1.00 12.98 ? 202 LYS A C   1 
ATOM   189  O  O   . LYS A 1 24  ? 5.152   9.644   9.307   1.00 12.39 ? 202 LYS A O   1 
ATOM   190  C  CB  . LYS A 1 24  ? 3.595   9.651   11.926  1.00 19.23 ? 202 LYS A CB  1 
ATOM   191  C  CG  . LYS A 1 24  ? 2.921   10.560  12.945  1.00 24.14 ? 202 LYS A CG  1 
ATOM   192  C  CD  . LYS A 1 24  ? 3.598   10.446  14.299  1.00 31.63 ? 202 LYS A CD  1 
ATOM   193  C  CE  . LYS A 1 24  ? 2.985   11.391  15.325  1.00 36.29 ? 202 LYS A CE  1 
ATOM   194  N  NZ  . LYS A 1 24  ? 3.721   11.335  16.625  1.00 39.60 ? 202 LYS A NZ  1 
ATOM   195  N  N   . TYR A 1 25  ? 3.605   8.045   8.930   1.00 12.09 ? 203 TYR A N   1 
ATOM   196  C  CA  . TYR A 1 25  ? 4.431   7.296   7.984   1.00 12.47 ? 203 TYR A CA  1 
ATOM   197  C  C   . TYR A 1 25  ? 3.687   6.988   6.687   1.00 12.20 ? 203 TYR A C   1 
ATOM   198  O  O   . TYR A 1 25  ? 2.457   6.936   6.649   1.00 11.68 ? 203 TYR A O   1 
ATOM   199  C  CB  . TYR A 1 25  ? 4.820   5.921   8.546   1.00 14.06 ? 203 TYR A CB  1 
ATOM   200  C  CG  . TYR A 1 25  ? 5.652   5.872   9.804   1.00 16.94 ? 203 TYR A CG  1 
ATOM   201  C  CD1 . TYR A 1 25  ? 5.659   4.721   10.596  1.00 19.38 ? 203 TYR A CD1 1 
ATOM   202  C  CD2 . TYR A 1 25  ? 6.466   6.933   10.182  1.00 19.14 ? 203 TYR A CD2 1 
ATOM   203  C  CE1 . TYR A 1 25  ? 6.460   4.633   11.731  1.00 20.93 ? 203 TYR A CE1 1 
ATOM   204  C  CE2 . TYR A 1 25  ? 7.271   6.854   11.314  1.00 20.28 ? 203 TYR A CE2 1 
ATOM   205  C  CZ  . TYR A 1 25  ? 7.263   5.702   12.082  1.00 21.39 ? 203 TYR A CZ  1 
ATOM   206  O  OH  . TYR A 1 25  ? 8.054   5.614   13.207  1.00 21.55 ? 203 TYR A OH  1 
ATOM   207  N  N   . VAL A 1 26  ? 4.458   6.772   5.629   1.00 12.04 ? 204 VAL A N   1 
ATOM   208  C  CA  . VAL A 1 26  ? 3.906   6.338   4.355   1.00 12.21 ? 204 VAL A CA  1 
ATOM   209  C  C   . VAL A 1 26  ? 4.728   5.091   4.061   1.00 12.49 ? 204 VAL A C   1 
ATOM   210  O  O   . VAL A 1 26  ? 5.963   5.140   4.076   1.00 12.86 ? 204 VAL A O   1 
ATOM   211  C  CB  . VAL A 1 26  ? 4.121   7.347   3.209   1.00 12.79 ? 204 VAL A CB  1 
ATOM   212  C  CG1 . VAL A 1 26  ? 3.797   6.673   1.864   1.00 14.20 ? 204 VAL A CG1 1 
ATOM   213  C  CG2 . VAL A 1 26  ? 3.205   8.559   3.403   1.00 14.68 ? 204 VAL A CG2 1 
ATOM   214  N  N   . ILE A 1 27  ? 4.055   3.966   3.849   1.00 11.19 ? 205 ILE A N   1 
ATOM   215  C  CA  . ILE A 1 27  ? 4.763   2.730   3.537   1.00 10.97 ? 205 ILE A CA  1 
ATOM   216  C  C   . ILE A 1 27  ? 4.359   2.294   2.139   1.00 11.07 ? 205 ILE A C   1 
ATOM   217  O  O   . ILE A 1 27  ? 3.181   2.042   1.883   1.00 11.57 ? 205 ILE A O   1 
ATOM   218  C  CB  . ILE A 1 27  ? 4.427   1.606   4.543   1.00 10.85 ? 205 ILE A CB  1 
ATOM   219  C  CG1 . ILE A 1 27  ? 4.957   1.994   5.929   1.00 11.85 ? 205 ILE A CG1 1 
ATOM   220  C  CG2 . ILE A 1 27  ? 5.053   0.282   4.085   1.00 14.12 ? 205 ILE A CG2 1 
ATOM   221  C  CD1 . ILE A 1 27  ? 4.715   0.960   7.000   1.00 12.70 ? 205 ILE A CD1 1 
ATOM   222  N  N   . ILE A 1 28  ? 5.337   2.235   1.239   1.00 11.36 ? 206 ILE A N   1 
ATOM   223  C  CA  . ILE A 1 28  ? 5.096   1.831   -0.145  1.00 11.53 ? 206 ILE A CA  1 
ATOM   224  C  C   . ILE A 1 28  ? 5.150   0.317   -0.251  1.00 13.14 ? 206 ILE A C   1 
ATOM   225  O  O   . ILE A 1 28  ? 6.065   -0.332  0.267   1.00 13.13 ? 206 ILE A O   1 
ATOM   226  C  CB  . ILE A 1 28  ? 6.123   2.458   -1.095  1.00 12.82 ? 206 ILE A CB  1 
ATOM   227  C  CG1 . ILE A 1 28  ? 6.088   3.983   -0.956  1.00 12.39 ? 206 ILE A CG1 1 
ATOM   228  C  CG2 . ILE A 1 28  ? 5.816   2.055   -2.528  1.00 13.31 ? 206 ILE A CG2 1 
ATOM   229  C  CD1 . ILE A 1 28  ? 4.716   4.603   -1.226  1.00 12.99 ? 206 ILE A CD1 1 
ATOM   230  N  N   . ILE A 1 29  ? 4.163   -0.227  -0.949  1.00 11.70 ? 207 ILE A N   1 
ATOM   231  C  CA  . ILE A 1 29  ? 3.987   -1.667  -1.108  1.00 12.24 ? 207 ILE A CA  1 
ATOM   232  C  C   . ILE A 1 29  ? 3.660   -2.003  -2.556  1.00 12.82 ? 207 ILE A C   1 
ATOM   233  O  O   . ILE A 1 29  ? 3.247   -1.125  -3.316  1.00 12.32 ? 207 ILE A O   1 
ATOM   234  C  CB  . ILE A 1 29  ? 2.770   -2.099  -0.244  1.00 13.20 ? 207 ILE A CB  1 
ATOM   235  C  CG1 . ILE A 1 29  ? 3.057   -1.796  1.230   1.00 13.97 ? 207 ILE A CG1 1 
ATOM   236  C  CG2 . ILE A 1 29  ? 2.390   -3.562  -0.505  1.00 13.97 ? 207 ILE A CG2 1 
ATOM   237  C  CD1 . ILE A 1 29  ? 1.835   -1.914  2.133   1.00 16.01 ? 207 ILE A CD1 1 
ATOM   238  N  N   . HIS A 1 30  ? 3.900   -3.247  -2.965  1.00 12.84 ? 208 HIS A N   1 
ATOM   239  C  CA  . HIS A 1 30  ? 3.438   -3.663  -4.284  1.00 12.00 ? 208 HIS A CA  1 
ATOM   240  C  C   . HIS A 1 30  ? 2.627   -4.930  -4.019  1.00 13.77 ? 208 HIS A C   1 
ATOM   241  O  O   . HIS A 1 30  ? 2.960   -5.718  -3.132  1.00 12.88 ? 208 HIS A O   1 
ATOM   242  C  CB  . HIS A 1 30  ? 4.560   -3.835  -5.347  1.00 13.57 ? 208 HIS A CB  1 
ATOM   243  C  CG  . HIS A 1 30  ? 5.525   -4.960  -5.116  1.00 13.79 ? 208 HIS A CG  1 
ATOM   244  N  ND1 . HIS A 1 30  ? 6.437   -5.338  -6.081  1.00 14.74 ? 208 HIS A ND1 1 
ATOM   245  C  CD2 . HIS A 1 30  ? 5.762   -5.753  -4.044  1.00 13.87 ? 208 HIS A CD2 1 
ATOM   246  C  CE1 . HIS A 1 30  ? 7.195   -6.315  -5.612  1.00 14.29 ? 208 HIS A CE1 1 
ATOM   247  N  NE2 . HIS A 1 30  ? 6.807   -6.585  -4.378  1.00 15.18 ? 208 HIS A NE2 1 
ATOM   248  N  N   . THR A 1 31  ? 1.516   -5.079  -4.731  1.00 13.63 ? 209 THR A N   1 
ATOM   249  C  CA  . THR A 1 31  ? 0.644   -6.228  -4.520  1.00 13.80 ? 209 THR A CA  1 
ATOM   250  C  C   . THR A 1 31  ? 1.334   -7.537  -4.887  1.00 14.56 ? 209 THR A C   1 
ATOM   251  O  O   . THR A 1 31  ? 0.960   -8.602  -4.385  1.00 16.40 ? 209 THR A O   1 
ATOM   252  C  CB  . THR A 1 31  ? -0.661  -6.076  -5.322  1.00 14.62 ? 209 THR A CB  1 
ATOM   253  O  OG1 . THR A 1 31  ? -0.361  -6.019  -6.721  1.00 15.05 ? 209 THR A OG1 1 
ATOM   254  C  CG2 . THR A 1 31  ? -1.385  -4.799  -4.911  1.00 16.66 ? 209 THR A CG2 1 
ATOM   255  N  N   . ALA A 1 32  ? 2.338   -7.438  -5.755  1.00 14.29 ? 210 ALA A N   1 
ATOM   256  C  CA  . ALA A 1 32  ? 3.141   -8.577  -6.213  1.00 15.08 ? 210 ALA A CA  1 
ATOM   257  C  C   . ALA A 1 32  ? 2.389   -9.551  -7.115  1.00 15.80 ? 210 ALA A C   1 
ATOM   258  O  O   . ALA A 1 32  ? 2.855   -10.665 -7.376  1.00 16.26 ? 210 ALA A O   1 
ATOM   259  C  CB  . ALA A 1 32  ? 3.736   -9.320  -5.013  1.00 16.30 ? 210 ALA A CB  1 
ATOM   260  N  N   . GLY A 1 33  ? 1.227   -9.121  -7.590  1.00 15.58 ? 211 GLY A N   1 
ATOM   261  C  CA  . GLY A 1 33  ? 0.438   -9.951  -8.476  1.00 16.96 ? 211 GLY A CA  1 
ATOM   262  C  C   . GLY A 1 33  ? 0.372   -9.286  -9.836  1.00 16.79 ? 211 GLY A C   1 
ATOM   263  O  O   . GLY A 1 33  ? 1.298   -8.581  -10.234 1.00 16.12 ? 211 GLY A O   1 
ATOM   264  N  N   . THR A 1 34  ? -0.725  -9.505  -10.552 1.00 17.94 ? 212 THR A N   1 
ATOM   265  C  CA  . THR A 1 34  ? -0.895  -8.919  -11.874 1.00 17.94 ? 212 THR A CA  1 
ATOM   266  C  C   . THR A 1 34  ? -1.045  -7.405  -11.766 1.00 18.77 ? 212 THR A C   1 
ATOM   267  O  O   . THR A 1 34  ? -1.421  -6.878  -10.717 1.00 18.48 ? 212 THR A O   1 
ATOM   268  C  CB  . THR A 1 34  ? -2.156  -9.478  -12.572 1.00 18.84 ? 212 THR A CB  1 
ATOM   269  O  OG1 . THR A 1 34  ? -2.233  -8.970  -13.914 1.00 19.72 ? 212 THR A OG1 1 
ATOM   270  C  CG2 . THR A 1 34  ? -3.411  -9.058  -11.810 1.00 18.61 ? 212 THR A CG2 1 
ATOM   271  N  N   . SER A 1 35  ? -0.739  -6.707  -12.852 1.00 18.04 ? 213 SER A N   1 
ATOM   272  C  CA  . SER A 1 35  ? -0.894  -5.264  -12.866 1.00 18.64 ? 213 SER A CA  1 
ATOM   273  C  C   . SER A 1 35  ? -2.170  -4.978  -13.655 1.00 19.56 ? 213 SER A C   1 
ATOM   274  O  O   . SER A 1 35  ? -2.927  -5.898  -13.984 1.00 20.30 ? 213 SER A O   1 
ATOM   275  C  CB  . SER A 1 35  ? 0.306   -4.596  -13.536 1.00 18.11 ? 213 SER A CB  1 
ATOM   276  O  OG  . SER A 1 35  ? 0.309   -3.203  -13.261 1.00 21.30 ? 213 SER A OG  1 
ATOM   277  N  N   . CYS A 1 36  ? -2.415  -3.708  -13.945 1.00 19.14 ? 214 CYS A N   1 
ATOM   278  C  CA  . CYS A 1 36  ? -3.597  -3.302  -14.694 1.00 19.58 ? 214 CYS A CA  1 
ATOM   279  C  C   . CYS A 1 36  ? -3.255  -1.961  -15.326 1.00 19.44 ? 214 CYS A C   1 
ATOM   280  O  O   . CYS A 1 36  ? -2.614  -1.120  -14.692 1.00 18.99 ? 214 CYS A O   1 
ATOM   281  C  CB  . CYS A 1 36  ? -4.811  -3.176  -13.752 1.00 20.65 ? 214 CYS A CB  1 
ATOM   282  S  SG  . CYS A 1 36  ? -4.590  -2.018  -12.356 1.00 22.52 ? 214 CYS A SG  1 
ATOM   283  N  N   . THR A 1 37  ? -3.660  -1.760  -16.576 1.00 18.90 ? 215 THR A N   1 
ATOM   284  C  CA  . THR A 1 37  ? -3.351  -0.510  -17.254 1.00 18.43 ? 215 THR A CA  1 
ATOM   285  C  C   . THR A 1 37  ? -4.574  0.263   -17.737 1.00 19.14 ? 215 THR A C   1 
ATOM   286  O  O   . THR A 1 37  ? -4.442  1.338   -18.317 1.00 18.85 ? 215 THR A O   1 
ATOM   287  C  CB  . THR A 1 37  ? -2.392  -0.748  -18.435 1.00 20.01 ? 215 THR A CB  1 
ATOM   288  O  OG1 . THR A 1 37  ? -3.025  -1.581  -19.414 1.00 20.25 ? 215 THR A OG1 1 
ATOM   289  C  CG2 . THR A 1 37  ? -1.123  -1.427  -17.945 1.00 19.96 ? 215 THR A CG2 1 
ATOM   290  N  N   . VAL A 1 38  ? -5.757  -0.296  -17.506 1.00 20.04 ? 216 VAL A N   1 
ATOM   291  C  CA  . VAL A 1 38  ? -7.009  0.372   -17.860 1.00 21.94 ? 216 VAL A CA  1 
ATOM   292  C  C   . VAL A 1 38  ? -7.890  0.284   -16.617 1.00 23.60 ? 216 VAL A C   1 
ATOM   293  O  O   . VAL A 1 38  ? -7.917  -0.746  -15.940 1.00 22.80 ? 216 VAL A O   1 
ATOM   294  C  CB  . VAL A 1 38  ? -7.715  -0.290  -19.073 1.00 22.43 ? 216 VAL A CB  1 
ATOM   295  C  CG1 . VAL A 1 38  ? -6.849  -0.136  -20.315 1.00 22.24 ? 216 VAL A CG1 1 
ATOM   296  C  CG2 . VAL A 1 38  ? -8.001  -1.752  -18.794 1.00 20.90 ? 216 VAL A CG2 1 
ATOM   297  N  N   . SER A 1 39  ? -8.606  1.364   -16.325 1.00 24.87 ? 217 SER A N   1 
ATOM   298  C  CA  . SER A 1 39  ? -9.448  1.442   -15.134 1.00 27.05 ? 217 SER A CA  1 
ATOM   299  C  C   . SER A 1 39  ? -10.340 0.242   -14.836 1.00 26.96 ? 217 SER A C   1 
ATOM   300  O  O   . SER A 1 39  ? -10.370 -0.231  -13.703 1.00 25.76 ? 217 SER A O   1 
ATOM   301  C  CB  . SER A 1 39  ? -10.304 2.707   -15.176 1.00 28.24 ? 217 SER A CB  1 
ATOM   302  O  OG  . SER A 1 39  ? -10.894 2.940   -13.908 1.00 31.96 ? 217 SER A OG  1 
ATOM   303  N  N   . THR A 1 40  ? -11.074 -0.246  -15.830 1.00 27.29 ? 218 THR A N   1 
ATOM   304  C  CA  . THR A 1 40  ? -11.946 -1.397  -15.604 1.00 28.35 ? 218 THR A CA  1 
ATOM   305  C  C   . THR A 1 40  ? -11.182 -2.590  -15.024 1.00 26.30 ? 218 THR A C   1 
ATOM   306  O  O   . THR A 1 40  ? -11.670 -3.263  -14.114 1.00 26.47 ? 218 THR A O   1 
ATOM   307  C  CB  . THR A 1 40  ? -12.650 -1.837  -16.909 1.00 30.28 ? 218 THR A CB  1 
ATOM   308  O  OG1 . THR A 1 40  ? -11.676 -2.031  -17.941 1.00 33.52 ? 218 THR A OG1 1 
ATOM   309  C  CG2 . THR A 1 40  ? -13.653 -0.790  -17.349 1.00 31.99 ? 218 THR A CG2 1 
ATOM   310  N  N   . ASP A 1 41  ? -9.988  -2.856  -15.548 1.00 24.24 ? 219 ASP A N   1 
ATOM   311  C  CA  . ASP A 1 41  ? -9.192  -3.972  -15.043 1.00 22.41 ? 219 ASP A CA  1 
ATOM   312  C  C   . ASP A 1 41  ? -8.706  -3.698  -13.626 1.00 20.39 ? 219 ASP A C   1 
ATOM   313  O  O   . ASP A 1 41  ? -8.665  -4.602  -12.789 1.00 19.20 ? 219 ASP A O   1 
ATOM   314  C  CB  . ASP A 1 41  ? -7.972  -4.240  -15.930 1.00 24.43 ? 219 ASP A CB  1 
ATOM   315  C  CG  . ASP A 1 41  ? -8.329  -4.928  -17.227 1.00 26.40 ? 219 ASP A CG  1 
ATOM   316  O  OD1 . ASP A 1 41  ? -9.334  -5.670  -17.258 1.00 29.23 ? 219 ASP A OD1 1 
ATOM   317  O  OD2 . ASP A 1 41  ? -7.588  -4.742  -18.212 1.00 28.37 ? 219 ASP A OD2 1 
ATOM   318  N  N   . CYS A 1 42  ? -8.314  -2.457  -13.354 1.00 18.95 ? 220 CYS A N   1 
ATOM   319  C  CA  . CYS A 1 42  ? -7.838  -2.130  -12.016 1.00 18.53 ? 220 CYS A CA  1 
ATOM   320  C  C   . CYS A 1 42  ? -8.951  -2.316  -10.988 1.00 18.95 ? 220 CYS A C   1 
ATOM   321  O  O   . CYS A 1 42  ? -8.716  -2.809  -9.889  1.00 17.94 ? 220 CYS A O   1 
ATOM   322  C  CB  . CYS A 1 42  ? -7.315  -0.697  -11.969 1.00 18.10 ? 220 CYS A CB  1 
ATOM   323  S  SG  . CYS A 1 42  ? -5.743  -0.415  -12.846 1.00 20.00 ? 220 CYS A SG  1 
ATOM   324  N  N   . GLN A 1 43  ? -10.170 -1.927  -11.350 1.00 19.53 ? 221 GLN A N   1 
ATOM   325  C  CA  . GLN A 1 43  ? -11.300 -2.073  -10.440 1.00 19.70 ? 221 GLN A CA  1 
ATOM   326  C  C   . GLN A 1 43  ? -11.518 -3.544  -10.103 1.00 19.79 ? 221 GLN A C   1 
ATOM   327  O  O   . GLN A 1 43  ? -11.807 -3.895  -8.956  1.00 20.03 ? 221 GLN A O   1 
ATOM   328  C  CB  . GLN A 1 43  ? -12.557 -1.477  -11.075 1.00 22.28 ? 221 GLN A CB  1 
ATOM   329  C  CG  . GLN A 1 43  ? -12.397 -0.005  -11.427 1.00 24.80 ? 221 GLN A CG  1 
ATOM   330  C  CD  . GLN A 1 43  ? -13.592 0.566   -12.165 1.00 27.79 ? 221 GLN A CD  1 
ATOM   331  O  OE1 . GLN A 1 43  ? -13.545 1.694   -12.658 1.00 31.56 ? 221 GLN A OE1 1 
ATOM   332  N  NE2 . GLN A 1 43  ? -14.670 -0.207  -12.243 1.00 28.41 ? 221 GLN A NE2 1 
ATOM   333  N  N   . THR A 1 44  ? -11.373 -4.406  -11.105 1.00 19.01 ? 222 THR A N   1 
ATOM   334  C  CA  . THR A 1 44  ? -11.538 -5.837  -10.900 1.00 19.88 ? 222 THR A CA  1 
ATOM   335  C  C   . THR A 1 44  ? -10.478 -6.362  -9.934  1.00 19.28 ? 222 THR A C   1 
ATOM   336  O  O   . THR A 1 44  ? -10.788 -7.092  -8.991  1.00 18.65 ? 222 THR A O   1 
ATOM   337  C  CB  . THR A 1 44  ? -11.411 -6.605  -12.230 1.00 22.64 ? 222 THR A CB  1 
ATOM   338  O  OG1 . THR A 1 44  ? -12.468 -6.208  -13.112 1.00 24.17 ? 222 THR A OG1 1 
ATOM   339  C  CG2 . THR A 1 44  ? -11.483 -8.111  -11.991 1.00 22.87 ? 222 THR A CG2 1 
ATOM   340  N  N   . VAL A 1 45  ? -9.228  -5.980  -10.171 1.00 18.72 ? 223 VAL A N   1 
ATOM   341  C  CA  . VAL A 1 45  ? -8.132  -6.422  -9.317  1.00 18.29 ? 223 VAL A CA  1 
ATOM   342  C  C   . VAL A 1 45  ? -8.316  -5.950  -7.876  1.00 16.82 ? 223 VAL A C   1 
ATOM   343  O  O   . VAL A 1 45  ? -8.158  -6.733  -6.938  1.00 16.36 ? 223 VAL A O   1 
ATOM   344  C  CB  . VAL A 1 45  ? -6.772  -5.913  -9.848  1.00 17.80 ? 223 VAL A CB  1 
ATOM   345  C  CG1 . VAL A 1 45  ? -5.672  -6.220  -8.837  1.00 17.78 ? 223 VAL A CG1 1 
ATOM   346  C  CG2 . VAL A 1 45  ? -6.456  -6.564  -11.185 1.00 18.60 ? 223 VAL A CG2 1 
ATOM   347  N  N   . VAL A 1 46  ? -8.654  -4.675  -7.699  1.00 17.19 ? 224 VAL A N   1 
ATOM   348  C  CA  . VAL A 1 46  ? -8.851  -4.147  -6.357  1.00 15.88 ? 224 VAL A CA  1 
ATOM   349  C  C   . VAL A 1 46  ? -9.976  -4.899  -5.651  1.00 16.64 ? 224 VAL A C   1 
ATOM   350  O  O   . VAL A 1 46  ? -9.848  -5.272  -4.483  1.00 16.48 ? 224 VAL A O   1 
ATOM   351  C  CB  . VAL A 1 46  ? -9.185  -2.637  -6.378  1.00 15.49 ? 224 VAL A CB  1 
ATOM   352  C  CG1 . VAL A 1 46  ? -9.475  -2.150  -4.957  1.00 15.88 ? 224 VAL A CG1 1 
ATOM   353  C  CG2 . VAL A 1 46  ? -8.019  -1.856  -6.962  1.00 15.29 ? 224 VAL A CG2 1 
ATOM   354  N  N   . ARG A 1 47  ? -11.074 -5.144  -6.360  1.00 16.62 ? 225 ARG A N   1 
ATOM   355  C  CA  . ARG A 1 47  ? -12.192 -5.858  -5.755  1.00 18.80 ? 225 ARG A CA  1 
ATOM   356  C  C   . ARG A 1 47  ? -11.761 -7.271  -5.332  1.00 18.13 ? 225 ARG A C   1 
ATOM   357  O  O   . ARG A 1 47  ? -12.111 -7.734  -4.237  1.00 17.18 ? 225 ARG A O   1 
ATOM   358  C  CB  . ARG A 1 47  ? -13.381 -5.918  -6.732  1.00 20.97 ? 225 ARG A CB  1 
ATOM   359  C  CG  . ARG A 1 47  ? -14.689 -6.389  -6.097  1.00 21.72 ? 225 ARG A CG  1 
ATOM   360  C  CD  . ARG A 1 47  ? -15.873 -6.334  -7.081  1.00 24.83 ? 225 ARG A CD  1 
ATOM   361  N  NE  . ARG A 1 47  ? -15.512 -6.783  -8.424  1.00 25.14 ? 225 ARG A NE  1 
ATOM   362  C  CZ  . ARG A 1 47  ? -15.327 -5.955  -9.451  1.00 27.92 ? 225 ARG A CZ  1 
ATOM   363  N  NH1 . ARG A 1 47  ? -15.467 -4.643  -9.273  1.00 26.55 ? 225 ARG A NH1 1 
ATOM   364  N  NH2 . ARG A 1 47  ? -15.032 -6.436  -10.656 1.00 28.88 ? 225 ARG A NH2 1 
ATOM   365  N  N   . ASN A 1 48  ? -10.984 -7.948  -6.181  1.00 17.36 ? 226 ASN A N   1 
ATOM   366  C  CA  . ASN A 1 48  ? -10.541 -9.304  -5.875  1.00 18.38 ? 226 ASN A CA  1 
ATOM   367  C  C   . ASN A 1 48  ? -9.533  -9.323  -4.733  1.00 17.68 ? 226 ASN A C   1 
ATOM   368  O  O   . ASN A 1 48  ? -9.450  -10.296 -3.982  1.00 18.92 ? 226 ASN A O   1 
ATOM   369  C  CB  . ASN A 1 48  ? -9.976  -9.985  -7.132  1.00 19.95 ? 226 ASN A CB  1 
ATOM   370  C  CG  . ASN A 1 48  ? -11.040 -10.170 -8.213  1.00 21.62 ? 226 ASN A CG  1 
ATOM   371  O  OD1 . ASN A 1 48  ? -12.232 -10.252 -7.907  1.00 24.60 ? 226 ASN A OD1 1 
ATOM   372  N  ND2 . ASN A 1 48  ? -10.616 -10.260 -9.471  1.00 23.88 ? 226 ASN A ND2 1 
ATOM   373  N  N   . ILE A 1 49  ? -8.760  -8.248  -4.593  1.00 17.86 ? 227 ILE A N   1 
ATOM   374  C  CA  . ILE A 1 49  ? -7.809  -8.178  -3.500  1.00 16.78 ? 227 ILE A CA  1 
ATOM   375  C  C   . ILE A 1 49  ? -8.601  -8.033  -2.199  1.00 17.07 ? 227 ILE A C   1 
ATOM   376  O  O   . ILE A 1 49  ? -8.270  -8.659  -1.195  1.00 17.47 ? 227 ILE A O   1 
ATOM   377  C  CB  . ILE A 1 49  ? -6.839  -6.983  -3.660  1.00 16.07 ? 227 ILE A CB  1 
ATOM   378  C  CG1 . ILE A 1 49  ? -5.865  -7.267  -4.810  1.00 15.29 ? 227 ILE A CG1 1 
ATOM   379  C  CG2 . ILE A 1 49  ? -6.068  -6.769  -2.359  1.00 15.08 ? 227 ILE A CG2 1 
ATOM   380  C  CD1 . ILE A 1 49  ? -4.914  -6.136  -5.129  1.00 14.77 ? 227 ILE A CD1 1 
ATOM   381  N  N   . GLN A 1 50  ? -9.653  -7.220  -2.217  1.00 17.97 ? 228 GLN A N   1 
ATOM   382  C  CA  . GLN A 1 50  ? -10.457 -7.043  -1.010  1.00 19.50 ? 228 GLN A CA  1 
ATOM   383  C  C   . GLN A 1 50  ? -11.069 -8.377  -0.581  1.00 20.26 ? 228 GLN A C   1 
ATOM   384  O  O   . GLN A 1 50  ? -11.038 -8.732  0.598   1.00 20.16 ? 228 GLN A O   1 
ATOM   385  C  CB  . GLN A 1 50  ? -11.580 -6.024  -1.223  1.00 19.03 ? 228 GLN A CB  1 
ATOM   386  C  CG  . GLN A 1 50  ? -12.451 -5.892  0.019   1.00 19.51 ? 228 GLN A CG  1 
ATOM   387  C  CD  . GLN A 1 50  ? -13.750 -5.150  -0.222  1.00 19.23 ? 228 GLN A CD  1 
ATOM   388  O  OE1 . GLN A 1 50  ? -14.469 -5.421  -1.186  1.00 21.17 ? 228 GLN A OE1 1 
ATOM   389  N  NE2 . GLN A 1 50  ? -14.066 -4.219  0.668   1.00 19.44 ? 228 GLN A NE2 1 
ATOM   390  N  N   . SER A 1 51  ? -11.615 -9.116  -1.542  1.00 21.61 ? 229 SER A N   1 
ATOM   391  C  CA  . SER A 1 51  ? -12.227 -10.406 -1.238  1.00 22.46 ? 229 SER A CA  1 
ATOM   392  C  C   . SER A 1 51  ? -11.217 -11.403 -0.681  1.00 22.16 ? 229 SER A C   1 
ATOM   393  O  O   . SER A 1 51  ? -11.509 -12.121 0.273   1.00 24.45 ? 229 SER A O   1 
ATOM   394  C  CB  . SER A 1 51  ? -12.895 -10.990 -2.485  1.00 23.61 ? 229 SER A CB  1 
ATOM   395  O  OG  . SER A 1 51  ? -14.037 -10.235 -2.845  1.00 28.20 ? 229 SER A OG  1 
ATOM   396  N  N   . PHE A 1 52  ? -10.026 -11.443 -1.268  1.00 21.46 ? 230 PHE A N   1 
ATOM   397  C  CA  . PHE A 1 52  ? -8.992  -12.359 -0.805  1.00 20.48 ? 230 PHE A CA  1 
ATOM   398  C  C   . PHE A 1 52  ? -8.519  -11.985 0.601   1.00 20.70 ? 230 PHE A C   1 
ATOM   399  O  O   . PHE A 1 52  ? -8.345  -12.852 1.461   1.00 20.58 ? 230 PHE A O   1 
ATOM   400  C  CB  . PHE A 1 52  ? -7.804  -12.354 -1.771  1.00 19.83 ? 230 PHE A CB  1 
ATOM   401  C  CG  . PHE A 1 52  ? -6.713  -13.312 -1.388  1.00 20.48 ? 230 PHE A CG  1 
ATOM   402  C  CD1 . PHE A 1 52  ? -6.870  -14.682 -1.576  1.00 21.47 ? 230 PHE A CD1 1 
ATOM   403  C  CD2 . PHE A 1 52  ? -5.531  -12.846 -0.815  1.00 23.55 ? 230 PHE A CD2 1 
ATOM   404  C  CE1 . PHE A 1 52  ? -5.870  -15.573 -1.200  1.00 21.72 ? 230 PHE A CE1 1 
ATOM   405  C  CE2 . PHE A 1 52  ? -4.524  -13.730 -0.434  1.00 22.96 ? 230 PHE A CE2 1 
ATOM   406  C  CZ  . PHE A 1 52  ? -4.693  -15.094 -0.626  1.00 23.29 ? 230 PHE A CZ  1 
ATOM   407  N  N   . HIS A 1 53  ? -8.312  -10.692 0.841   1.00 20.06 ? 231 HIS A N   1 
ATOM   408  C  CA  . HIS A 1 53  ? -7.874  -10.243 2.155   1.00 20.77 ? 231 HIS A CA  1 
ATOM   409  C  C   . HIS A 1 53  ? -8.904  -10.569 3.230   1.00 21.43 ? 231 HIS A C   1 
ATOM   410  O  O   . HIS A 1 53  ? -8.554  -11.009 4.324   1.00 21.94 ? 231 HIS A O   1 
ATOM   411  C  CB  . HIS A 1 53  ? -7.596  -8.733  2.146   1.00 19.20 ? 231 HIS A CB  1 
ATOM   412  C  CG  . HIS A 1 53  ? -6.260  -8.374  1.577   1.00 19.19 ? 231 HIS A CG  1 
ATOM   413  N  ND1 . HIS A 1 53  ? -5.785  -7.079  1.545   1.00 19.61 ? 231 HIS A ND1 1 
ATOM   414  C  CD2 . HIS A 1 53  ? -5.286  -9.145  1.033   1.00 18.36 ? 231 HIS A CD2 1 
ATOM   415  C  CE1 . HIS A 1 53  ? -4.577  -7.070  1.009   1.00 18.38 ? 231 HIS A CE1 1 
ATOM   416  N  NE2 . HIS A 1 53  ? -4.252  -8.309  0.690   1.00 17.96 ? 231 HIS A NE2 1 
ATOM   417  N  N   . MET A 1 54  ? -10.175 -10.364 2.908   1.00 23.71 ? 232 MET A N   1 
ATOM   418  C  CA  . MET A 1 54  ? -11.245 -10.627 3.860   1.00 25.07 ? 232 MET A CA  1 
ATOM   419  C  C   . MET A 1 54  ? -11.554 -12.106 4.064   1.00 27.79 ? 232 MET A C   1 
ATOM   420  O  O   . MET A 1 54  ? -11.499 -12.602 5.190   1.00 28.54 ? 232 MET A O   1 
ATOM   421  C  CB  . MET A 1 54  ? -12.520 -9.906  3.425   1.00 24.69 ? 232 MET A CB  1 
ATOM   422  C  CG  . MET A 1 54  ? -12.428 -8.390  3.496   1.00 24.99 ? 232 MET A CG  1 
ATOM   423  S  SD  . MET A 1 54  ? -13.873 -7.577  2.799   1.00 24.07 ? 232 MET A SD  1 
ATOM   424  C  CE  . MET A 1 54  ? -15.110 -7.930  4.097   1.00 25.55 ? 232 MET A CE  1 
ATOM   425  N  N   . ASP A 1 55  ? -11.868 -12.805 2.977   1.00 29.63 ? 233 ASP A N   1 
ATOM   426  C  CA  . ASP A 1 55  ? -12.223 -14.221 3.048   1.00 30.96 ? 233 ASP A CA  1 
ATOM   427  C  C   . ASP A 1 55  ? -11.076 -15.183 3.329   1.00 31.40 ? 233 ASP A C   1 
ATOM   428  O  O   . ASP A 1 55  ? -11.221 -16.112 4.125   1.00 30.55 ? 233 ASP A O   1 
ATOM   429  C  CB  . ASP A 1 55  ? -12.932 -14.656 1.760   1.00 32.13 ? 233 ASP A CB  1 
ATOM   430  C  CG  . ASP A 1 55  ? -14.176 -13.837 1.469   1.00 34.02 ? 233 ASP A CG  1 
ATOM   431  O  OD1 . ASP A 1 55  ? -14.850 -13.410 2.430   1.00 36.73 ? 233 ASP A OD1 1 
ATOM   432  O  OD2 . ASP A 1 55  ? -14.489 -13.630 0.277   1.00 35.12 ? 233 ASP A OD2 1 
ATOM   433  N  N   . THR A 1 56  ? -9.935  -14.973 2.680   1.00 31.60 ? 234 THR A N   1 
ATOM   434  C  CA  . THR A 1 56  ? -8.800  -15.866 2.873   1.00 31.85 ? 234 THR A CA  1 
ATOM   435  C  C   . THR A 1 56  ? -7.810  -15.406 3.945   1.00 31.81 ? 234 THR A C   1 
ATOM   436  O  O   . THR A 1 56  ? -7.351  -16.209 4.756   1.00 32.28 ? 234 THR A O   1 
ATOM   437  C  CB  . THR A 1 56  ? -8.050  -16.080 1.541   1.00 31.36 ? 234 THR A CB  1 
ATOM   438  O  OG1 . THR A 1 56  ? -8.975  -16.518 0.536   1.00 32.40 ? 234 THR A OG1 1 
ATOM   439  C  CG2 . THR A 1 56  ? -6.963  -17.127 1.705   1.00 30.33 ? 234 THR A CG2 1 
ATOM   440  N  N   . ARG A 1 57  ? -7.481  -14.119 3.952   1.00 31.94 ? 235 ARG A N   1 
ATOM   441  C  CA  . ARG A 1 57  ? -6.541  -13.577 4.929   1.00 31.27 ? 235 ARG A CA  1 
ATOM   442  C  C   . ARG A 1 57  ? -7.215  -13.199 6.247   1.00 30.64 ? 235 ARG A C   1 
ATOM   443  O  O   . ARG A 1 57  ? -6.543  -12.948 7.246   1.00 30.58 ? 235 ARG A O   1 
ATOM   444  C  CB  . ARG A 1 57  ? -5.827  -12.357 4.341   1.00 33.45 ? 235 ARG A CB  1 
ATOM   445  C  CG  . ARG A 1 57  ? -4.765  -12.705 3.313   1.00 34.10 ? 235 ARG A CG  1 
ATOM   446  C  CD  . ARG A 1 57  ? -3.454  -13.050 3.996   1.00 37.98 ? 235 ARG A CD  1 
ATOM   447  N  NE  . ARG A 1 57  ? -2.443  -12.029 3.742   1.00 41.26 ? 235 ARG A NE  1 
ATOM   448  C  CZ  . ARG A 1 57  ? -1.398  -11.798 4.529   1.00 44.04 ? 235 ARG A CZ  1 
ATOM   449  N  NH1 . ARG A 1 57  ? -1.223  -12.513 5.634   1.00 44.35 ? 235 ARG A NH1 1 
ATOM   450  N  NH2 . ARG A 1 57  ? -0.524  -10.849 4.211   1.00 45.49 ? 235 ARG A NH2 1 
ATOM   451  N  N   . ASN A 1 58  ? -8.542  -13.153 6.236   1.00 30.97 ? 236 ASN A N   1 
ATOM   452  C  CA  . ASN A 1 58  ? -9.330  -12.823 7.422   1.00 31.38 ? 236 ASN A CA  1 
ATOM   453  C  C   . ASN A 1 58  ? -9.176  -11.383 7.911   1.00 29.74 ? 236 ASN A C   1 
ATOM   454  O  O   . ASN A 1 58  ? -9.400  -11.095 9.088   1.00 28.97 ? 236 ASN A O   1 
ATOM   455  C  CB  . ASN A 1 58  ? -8.996  -13.787 8.566   1.00 33.92 ? 236 ASN A CB  1 
ATOM   456  C  CG  . ASN A 1 58  ? -9.243  -15.235 8.195   1.00 36.48 ? 236 ASN A CG  1 
ATOM   457  O  OD1 . ASN A 1 58  ? -10.331 -15.597 7.744   1.00 37.62 ? 236 ASN A OD1 1 
ATOM   458  N  ND2 . ASN A 1 58  ? -8.231  -16.076 8.387   1.00 39.13 ? 236 ASN A ND2 1 
ATOM   459  N  N   . PHE A 1 59  ? -8.784  -10.483 7.013   1.00 27.50 ? 237 PHE A N   1 
ATOM   460  C  CA  . PHE A 1 59  ? -8.641  -9.075  7.369   1.00 25.59 ? 237 PHE A CA  1 
ATOM   461  C  C   . PHE A 1 59  ? -10.048 -8.488  7.445   1.00 24.15 ? 237 PHE A C   1 
ATOM   462  O  O   . PHE A 1 59  ? -10.991 -9.041  6.871   1.00 22.90 ? 237 PHE A O   1 
ATOM   463  C  CB  . PHE A 1 59  ? -7.857  -8.314  6.294   1.00 25.44 ? 237 PHE A CB  1 
ATOM   464  C  CG  . PHE A 1 59  ? -6.404  -8.691  6.201   1.00 25.34 ? 237 PHE A CG  1 
ATOM   465  C  CD1 . PHE A 1 59  ? -5.652  -8.299  5.093   1.00 24.67 ? 237 PHE A CD1 1 
ATOM   466  C  CD2 . PHE A 1 59  ? -5.781  -9.421  7.207   1.00 23.60 ? 237 PHE A CD2 1 
ATOM   467  C  CE1 . PHE A 1 59  ? -4.304  -8.629  4.989   1.00 24.64 ? 237 PHE A CE1 1 
ATOM   468  C  CE2 . PHE A 1 59  ? -4.430  -9.756  7.112   1.00 25.60 ? 237 PHE A CE2 1 
ATOM   469  C  CZ  . PHE A 1 59  ? -3.691  -9.358  5.999   1.00 23.44 ? 237 PHE A CZ  1 
ATOM   470  N  N   . CYS A 1 60  ? -10.186 -7.359  8.133   1.00 22.70 ? 238 CYS A N   1 
ATOM   471  C  CA  . CYS A 1 60  ? -11.487 -6.715  8.254   1.00 22.17 ? 238 CYS A CA  1 
ATOM   472  C  C   . CYS A 1 60  ? -11.920 -6.172  6.894   1.00 21.39 ? 238 CYS A C   1 
ATOM   473  O  O   . CYS A 1 60  ? -13.110 -6.168  6.561   1.00 21.90 ? 238 CYS A O   1 
ATOM   474  C  CB  . CYS A 1 60  ? -11.422 -5.569  9.273   1.00 22.57 ? 238 CYS A CB  1 
ATOM   475  S  SG  . CYS A 1 60  ? -13.053 -4.846  9.642   1.00 25.36 ? 238 CYS A SG  1 
ATOM   476  N  N   . ASP A 1 61  ? -10.943 -5.726  6.107   1.00 20.18 ? 239 ASP A N   1 
ATOM   477  C  CA  . ASP A 1 61  ? -11.202 -5.163  4.784   1.00 19.04 ? 239 ASP A CA  1 
ATOM   478  C  C   . ASP A 1 61  ? -9.913  -5.327  3.979   1.00 18.04 ? 239 ASP A C   1 
ATOM   479  O  O   . ASP A 1 61  ? -8.994  -6.034  4.398   1.00 18.16 ? 239 ASP A O   1 
ATOM   480  C  CB  . ASP A 1 61  ? -11.518 -3.670  4.923   1.00 19.53 ? 239 ASP A CB  1 
ATOM   481  C  CG  . ASP A 1 61  ? -12.432 -3.142  3.829   1.00 19.98 ? 239 ASP A CG  1 
ATOM   482  O  OD1 . ASP A 1 61  ? -12.175 -3.386  2.630   1.00 20.90 ? 239 ASP A OD1 1 
ATOM   483  O  OD2 . ASP A 1 61  ? -13.415 -2.454  4.181   1.00 20.89 ? 239 ASP A OD2 1 
ATOM   484  N  N   . ILE A 1 62  ? -9.855  -4.687  2.818   1.00 18.23 ? 240 ILE A N   1 
ATOM   485  C  CA  . ILE A 1 62  ? -8.643  -4.730  2.013   1.00 17.46 ? 240 ILE A CA  1 
ATOM   486  C  C   . ILE A 1 62  ? -7.613  -4.089  2.957   1.00 17.61 ? 240 ILE A C   1 
ATOM   487  O  O   . ILE A 1 62  ? -7.955  -3.179  3.711   1.00 18.50 ? 240 ILE A O   1 
ATOM   488  C  CB  . ILE A 1 62  ? -8.831  -3.912  0.712   1.00 17.67 ? 240 ILE A CB  1 
ATOM   489  C  CG1 . ILE A 1 62  ? -7.631  -4.113  -0.214  1.00 16.82 ? 240 ILE A CG1 1 
ATOM   490  C  CG2 . ILE A 1 62  ? -9.039  -2.438  1.034   1.00 16.55 ? 240 ILE A CG2 1 
ATOM   491  C  CD1 . ILE A 1 62  ? -7.855  -3.549  -1.604  1.00 16.75 ? 240 ILE A CD1 1 
ATOM   492  N  N   . GLY A 1 63  ? -6.371  -4.568  2.937   1.00 16.58 ? 241 GLY A N   1 
ATOM   493  C  CA  . GLY A 1 63  ? -5.368  -4.050  3.854   1.00 16.90 ? 241 GLY A CA  1 
ATOM   494  C  C   . GLY A 1 63  ? -4.685  -2.731  3.544   1.00 16.43 ? 241 GLY A C   1 
ATOM   495  O  O   . GLY A 1 63  ? -3.980  -2.192  4.396   1.00 17.48 ? 241 GLY A O   1 
ATOM   496  N  N   . TYR A 1 64  ? -4.897  -2.195  2.347   1.00 15.66 ? 242 TYR A N   1 
ATOM   497  C  CA  . TYR A 1 64  ? -4.240  -0.952  1.953   1.00 14.72 ? 242 TYR A CA  1 
ATOM   498  C  C   . TYR A 1 64  ? -5.155  0.260   2.022   1.00 15.05 ? 242 TYR A C   1 
ATOM   499  O  O   . TYR A 1 64  ? -6.358  0.153   1.786   1.00 14.72 ? 242 TYR A O   1 
ATOM   500  C  CB  . TYR A 1 64  ? -3.712  -1.077  0.522   1.00 14.53 ? 242 TYR A CB  1 
ATOM   501  C  CG  . TYR A 1 64  ? -3.032  -2.390  0.233   1.00 16.66 ? 242 TYR A CG  1 
ATOM   502  C  CD1 . TYR A 1 64  ? -3.493  -3.225  -0.789  1.00 16.80 ? 242 TYR A CD1 1 
ATOM   503  C  CD2 . TYR A 1 64  ? -1.926  -2.802  0.975   1.00 15.93 ? 242 TYR A CD2 1 
ATOM   504  C  CE1 . TYR A 1 64  ? -2.857  -4.442  -1.062  1.00 16.89 ? 242 TYR A CE1 1 
ATOM   505  C  CE2 . TYR A 1 64  ? -1.288  -4.010  0.712   1.00 17.37 ? 242 TYR A CE2 1 
ATOM   506  C  CZ  . TYR A 1 64  ? -1.758  -4.822  -0.309  1.00 17.16 ? 242 TYR A CZ  1 
ATOM   507  O  OH  . TYR A 1 64  ? -1.108  -6.006  -0.585  1.00 18.57 ? 242 TYR A OH  1 
ATOM   508  N  N   . HIS A 1 65  ? -4.582  1.419   2.338   1.00 13.89 ? 243 HIS A N   1 
ATOM   509  C  CA  . HIS A 1 65  ? -5.371  2.644   2.401   1.00 14.37 ? 243 HIS A CA  1 
ATOM   510  C  C   . HIS A 1 65  ? -5.701  3.049   0.972   1.00 14.10 ? 243 HIS A C   1 
ATOM   511  O  O   . HIS A 1 65  ? -6.828  3.451   0.673   1.00 13.69 ? 243 HIS A O   1 
ATOM   512  C  CB  . HIS A 1 65  ? -4.586  3.750   3.111   1.00 13.34 ? 243 HIS A CB  1 
ATOM   513  C  CG  . HIS A 1 65  ? -4.333  3.465   4.559   1.00 13.64 ? 243 HIS A CG  1 
ATOM   514  N  ND1 . HIS A 1 65  ? -5.284  3.665   5.537   1.00 16.57 ? 243 HIS A ND1 1 
ATOM   515  C  CD2 . HIS A 1 65  ? -3.257  2.938   5.186   1.00 12.60 ? 243 HIS A CD2 1 
ATOM   516  C  CE1 . HIS A 1 65  ? -4.803  3.274   6.704   1.00 11.56 ? 243 HIS A CE1 1 
ATOM   517  N  NE2 . HIS A 1 65  ? -3.574  2.828   6.517   1.00 16.51 ? 243 HIS A NE2 1 
ATOM   518  N  N   . PHE A 1 66  ? -4.713  2.920   0.091   1.00 14.39 ? 244 PHE A N   1 
ATOM   519  C  CA  . PHE A 1 66  ? -4.889  3.243   -1.320  1.00 14.04 ? 244 PHE A CA  1 
ATOM   520  C  C   . PHE A 1 66  ? -4.035  2.341   -2.191  1.00 14.09 ? 244 PHE A C   1 
ATOM   521  O  O   . PHE A 1 66  ? -3.028  1.788   -1.730  1.00 13.89 ? 244 PHE A O   1 
ATOM   522  C  CB  . PHE A 1 66  ? -4.502  4.697   -1.603  1.00 13.66 ? 244 PHE A CB  1 
ATOM   523  C  CG  . PHE A 1 66  ? -5.366  5.694   -0.907  1.00 14.52 ? 244 PHE A CG  1 
ATOM   524  C  CD1 . PHE A 1 66  ? -5.018  6.178   0.351   1.00 15.47 ? 244 PHE A CD1 1 
ATOM   525  C  CD2 . PHE A 1 66  ? -6.561  6.114   -1.485  1.00 15.85 ? 244 PHE A CD2 1 
ATOM   526  C  CE1 . PHE A 1 66  ? -5.849  7.068   1.023   1.00 14.91 ? 244 PHE A CE1 1 
ATOM   527  C  CE2 . PHE A 1 66  ? -7.400  7.005   -0.818  1.00 16.23 ? 244 PHE A CE2 1 
ATOM   528  C  CZ  . PHE A 1 66  ? -7.044  7.482   0.437   1.00 16.51 ? 244 PHE A CZ  1 
ATOM   529  N  N   . LEU A 1 67  ? -4.452  2.188   -3.446  1.00 13.55 ? 245 LEU A N   1 
ATOM   530  C  CA  . LEU A 1 67  ? -3.712  1.396   -4.419  1.00 13.49 ? 245 LEU A CA  1 
ATOM   531  C  C   . LEU A 1 67  ? -3.525  2.267   -5.647  1.00 15.23 ? 245 LEU A C   1 
ATOM   532  O  O   . LEU A 1 67  ? -4.357  3.129   -5.933  1.00 16.16 ? 245 LEU A O   1 
ATOM   533  C  CB  . LEU A 1 67  ? -4.473  0.126   -4.808  1.00 15.32 ? 245 LEU A CB  1 
ATOM   534  C  CG  . LEU A 1 67  ? -4.763  -0.863  -3.678  1.00 13.55 ? 245 LEU A CG  1 
ATOM   535  C  CD1 . LEU A 1 67  ? -6.103  -0.520  -3.044  1.00 15.09 ? 245 LEU A CD1 1 
ATOM   536  C  CD2 . LEU A 1 67  ? -4.800  -2.283  -4.233  1.00 14.48 ? 245 LEU A CD2 1 
ATOM   537  N  N   . VAL A 1 68  ? -2.427  2.055   -6.362  1.00 14.53 ? 246 VAL A N   1 
ATOM   538  C  CA  . VAL A 1 68  ? -2.144  2.831   -7.560  1.00 15.28 ? 246 VAL A CA  1 
ATOM   539  C  C   . VAL A 1 68  ? -1.999  1.909   -8.760  1.00 15.15 ? 246 VAL A C   1 
ATOM   540  O  O   . VAL A 1 68  ? -1.199  0.970   -8.748  1.00 14.07 ? 246 VAL A O   1 
ATOM   541  C  CB  . VAL A 1 68  ? -0.857  3.666   -7.377  1.00 15.37 ? 246 VAL A CB  1 
ATOM   542  C  CG1 . VAL A 1 68  ? -0.562  4.487   -8.635  1.00 15.35 ? 246 VAL A CG1 1 
ATOM   543  C  CG2 . VAL A 1 68  ? -1.025  4.585   -6.170  1.00 16.05 ? 246 VAL A CG2 1 
ATOM   544  N  N   . GLY A 1 69  ? -2.790  2.179   -9.796  1.00 17.30 ? 247 GLY A N   1 
ATOM   545  C  CA  . GLY A 1 69  ? -2.738  1.364   -10.996 1.00 17.66 ? 247 GLY A CA  1 
ATOM   546  C  C   . GLY A 1 69  ? -1.855  1.983   -12.061 1.00 17.88 ? 247 GLY A C   1 
ATOM   547  O  O   . GLY A 1 69  ? -1.498  3.163   -11.985 1.00 17.01 ? 247 GLY A O   1 
ATOM   548  N  N   . GLN A 1 70  ? -1.484  1.189   -13.060 1.00 18.28 ? 248 GLN A N   1 
ATOM   549  C  CA  . GLN A 1 70  ? -0.646  1.715   -14.121 1.00 18.40 ? 248 GLN A CA  1 
ATOM   550  C  C   . GLN A 1 70  ? -1.475  2.427   -15.174 1.00 20.33 ? 248 GLN A C   1 
ATOM   551  O  O   . GLN A 1 70  ? -0.998  2.731   -16.268 1.00 19.98 ? 248 GLN A O   1 
ATOM   552  C  CB  . GLN A 1 70  ? 0.212   0.614   -14.731 1.00 19.20 ? 248 GLN A CB  1 
ATOM   553  C  CG  . GLN A 1 70  ? 1.387   0.261   -13.837 1.00 20.18 ? 248 GLN A CG  1 
ATOM   554  C  CD  . GLN A 1 70  ? 2.432   -0.546  -14.556 1.00 19.75 ? 248 GLN A CD  1 
ATOM   555  O  OE1 . GLN A 1 70  ? 2.234   -1.729  -14.836 1.00 23.54 ? 248 GLN A OE1 1 
ATOM   556  N  NE2 . GLN A 1 70  ? 3.554   0.091   -14.875 1.00 17.46 ? 248 GLN A NE2 1 
ATOM   557  N  N   . ASP A 1 71  ? -2.731  2.678   -14.820 1.00 20.12 ? 249 ASP A N   1 
ATOM   558  C  CA  . ASP A 1 71  ? -3.642  3.429   -15.665 1.00 21.11 ? 249 ASP A CA  1 
ATOM   559  C  C   . ASP A 1 71  ? -3.483  4.861   -15.153 1.00 22.23 ? 249 ASP A C   1 
ATOM   560  O  O   . ASP A 1 71  ? -4.078  5.801   -15.678 1.00 23.04 ? 249 ASP A O   1 
ATOM   561  C  CB  . ASP A 1 71  ? -5.090  2.962   -15.472 1.00 21.29 ? 249 ASP A CB  1 
ATOM   562  C  CG  . ASP A 1 71  ? -5.572  3.099   -14.031 1.00 22.10 ? 249 ASP A CG  1 
ATOM   563  O  OD1 . ASP A 1 71  ? -6.791  3.273   -13.833 1.00 22.97 ? 249 ASP A OD1 1 
ATOM   564  O  OD2 . ASP A 1 71  ? -4.745  3.019   -13.098 1.00 20.45 ? 249 ASP A OD2 1 
ATOM   565  N  N   . GLY A 1 72  ? -2.662  5.006   -14.113 1.00 21.02 ? 250 GLY A N   1 
ATOM   566  C  CA  . GLY A 1 72  ? -2.415  6.306   -13.521 1.00 20.39 ? 250 GLY A CA  1 
ATOM   567  C  C   . GLY A 1 72  ? -3.466  6.673   -12.495 1.00 20.28 ? 250 GLY A C   1 
ATOM   568  O  O   . GLY A 1 72  ? -3.488  7.792   -11.988 1.00 22.41 ? 250 GLY A O   1 
ATOM   569  N  N   . GLY A 1 73  ? -4.340  5.724   -12.182 1.00 19.87 ? 251 GLY A N   1 
ATOM   570  C  CA  . GLY A 1 73  ? -5.388  5.988   -11.221 1.00 18.62 ? 251 GLY A CA  1 
ATOM   571  C  C   . GLY A 1 73  ? -5.062  5.610   -9.789  1.00 18.81 ? 251 GLY A C   1 
ATOM   572  O  O   . GLY A 1 73  ? -4.290  4.679   -9.527  1.00 18.51 ? 251 GLY A O   1 
ATOM   573  N  N   . VAL A 1 74  ? -5.642  6.356   -8.857  1.00 16.96 ? 252 VAL A N   1 
ATOM   574  C  CA  . VAL A 1 74  ? -5.457  6.089   -7.437  1.00 16.49 ? 252 VAL A CA  1 
ATOM   575  C  C   . VAL A 1 74  ? -6.774  5.491   -6.967  1.00 16.81 ? 252 VAL A C   1 
ATOM   576  O  O   . VAL A 1 74  ? -7.830  6.108   -7.118  1.00 18.89 ? 252 VAL A O   1 
ATOM   577  C  CB  . VAL A 1 74  ? -5.167  7.379   -6.647  1.00 14.49 ? 252 VAL A CB  1 
ATOM   578  C  CG1 . VAL A 1 74  ? -5.108  7.069   -5.149  1.00 16.14 ? 252 VAL A CG1 1 
ATOM   579  C  CG2 . VAL A 1 74  ? -3.855  7.988   -7.114  1.00 16.68 ? 252 VAL A CG2 1 
ATOM   580  N  N   . TYR A 1 75  ? -6.713  4.285   -6.417  1.00 16.33 ? 253 TYR A N   1 
ATOM   581  C  CA  . TYR A 1 75  ? -7.913  3.604   -5.961  1.00 16.23 ? 253 TYR A CA  1 
ATOM   582  C  C   . TYR A 1 75  ? -8.037  3.564   -4.452  1.00 15.94 ? 253 TYR A C   1 
ATOM   583  O  O   . TYR A 1 75  ? -7.105  3.183   -3.743  1.00 16.26 ? 253 TYR A O   1 
ATOM   584  C  CB  . TYR A 1 75  ? -7.954  2.174   -6.515  1.00 17.29 ? 253 TYR A CB  1 
ATOM   585  C  CG  . TYR A 1 75  ? -8.054  2.132   -8.020  1.00 16.89 ? 253 TYR A CG  1 
ATOM   586  C  CD1 . TYR A 1 75  ? -6.958  2.457   -8.821  1.00 18.35 ? 253 TYR A CD1 1 
ATOM   587  C  CD2 . TYR A 1 75  ? -9.268  1.849   -8.645  1.00 17.35 ? 253 TYR A CD2 1 
ATOM   588  C  CE1 . TYR A 1 75  ? -7.070  2.509   -10.204 1.00 18.57 ? 253 TYR A CE1 1 
ATOM   589  C  CE2 . TYR A 1 75  ? -9.391  1.900   -10.031 1.00 19.79 ? 253 TYR A CE2 1 
ATOM   590  C  CZ  . TYR A 1 75  ? -8.293  2.234   -10.802 1.00 18.95 ? 253 TYR A CZ  1 
ATOM   591  O  OH  . TYR A 1 75  ? -8.424  2.331   -12.170 1.00 20.62 ? 253 TYR A OH  1 
ATOM   592  N  N   . GLU A 1 76  ? -9.199  3.971   -3.958  1.00 16.25 ? 254 GLU A N   1 
ATOM   593  C  CA  . GLU A 1 76  ? -9.432  3.947   -2.526  1.00 16.36 ? 254 GLU A CA  1 
ATOM   594  C  C   . GLU A 1 76  ? -9.459  2.496   -2.044  1.00 17.13 ? 254 GLU A C   1 
ATOM   595  O  O   . GLU A 1 76  ? -10.154 1.657   -2.618  1.00 17.54 ? 254 GLU A O   1 
ATOM   596  C  CB  . GLU A 1 76  ? -10.766 4.629   -2.200  1.00 17.20 ? 254 GLU A CB  1 
ATOM   597  C  CG  . GLU A 1 76  ? -11.143 4.598   -0.727  1.00 17.71 ? 254 GLU A CG  1 
ATOM   598  C  CD  . GLU A 1 76  ? -12.419 5.369   -0.435  1.00 19.99 ? 254 GLU A CD  1 
ATOM   599  O  OE1 . GLU A 1 76  ? -13.430 5.143   -1.141  1.00 19.20 ? 254 GLU A OE1 1 
ATOM   600  O  OE2 . GLU A 1 76  ? -12.411 6.196   0.506   1.00 20.85 ? 254 GLU A OE2 1 
ATOM   601  N  N   . GLY A 1 77  ? -8.657  2.198   -1.025  1.00 15.97 ? 255 GLY A N   1 
ATOM   602  C  CA  . GLY A 1 77  ? -8.645  0.867   -0.442  1.00 16.75 ? 255 GLY A CA  1 
ATOM   603  C  C   . GLY A 1 77  ? -9.633  1.031   0.695   1.00 17.31 ? 255 GLY A C   1 
ATOM   604  O  O   . GLY A 1 77  ? -10.844 0.957   0.475   1.00 17.62 ? 255 GLY A O   1 
ATOM   605  N  N   . VAL A 1 78  ? -9.133  1.249   1.911   1.00 16.70 ? 256 VAL A N   1 
ATOM   606  C  CA  . VAL A 1 78  ? -10.026 1.505   3.040   1.00 17.19 ? 256 VAL A CA  1 
ATOM   607  C  C   . VAL A 1 78  ? -10.123 3.023   3.200   1.00 17.54 ? 256 VAL A C   1 
ATOM   608  O  O   . VAL A 1 78  ? -10.947 3.526   3.957   1.00 17.24 ? 256 VAL A O   1 
ATOM   609  C  CB  . VAL A 1 78  ? -9.518  0.897   4.371   1.00 17.19 ? 256 VAL A CB  1 
ATOM   610  C  CG1 . VAL A 1 78  ? -9.631  -0.619  4.330   1.00 20.01 ? 256 VAL A CG1 1 
ATOM   611  C  CG2 . VAL A 1 78  ? -8.080  1.324   4.634   1.00 17.74 ? 256 VAL A CG2 1 
ATOM   612  N  N   . GLY A 1 79  ? -9.275  3.753   2.480   1.00 16.27 ? 257 GLY A N   1 
ATOM   613  C  CA  . GLY A 1 79  ? -9.317  5.205   2.567   1.00 15.90 ? 257 GLY A CA  1 
ATOM   614  C  C   . GLY A 1 79  ? -8.531  5.795   3.724   1.00 17.22 ? 257 GLY A C   1 
ATOM   615  O  O   . GLY A 1 79  ? -7.871  5.075   4.476   1.00 17.16 ? 257 GLY A O   1 
ATOM   616  N  N   . TRP A 1 80  ? -8.622  7.114   3.875   1.00 17.24 ? 258 TRP A N   1 
ATOM   617  C  CA  . TRP A 1 80  ? -7.896  7.835   4.920   1.00 17.71 ? 258 TRP A CA  1 
ATOM   618  C  C   . TRP A 1 80  ? -8.275  7.516   6.360   1.00 18.07 ? 258 TRP A C   1 
ATOM   619  O  O   . TRP A 1 80  ? -7.415  7.466   7.241   1.00 18.07 ? 258 TRP A O   1 
ATOM   620  C  CB  . TRP A 1 80  ? -8.078  9.352   4.770   1.00 16.99 ? 258 TRP A CB  1 
ATOM   621  C  CG  . TRP A 1 80  ? -7.829  9.923   3.423   1.00 17.84 ? 258 TRP A CG  1 
ATOM   622  C  CD1 . TRP A 1 80  ? -8.766  10.383  2.540   1.00 18.39 ? 258 TRP A CD1 1 
ATOM   623  C  CD2 . TRP A 1 80  ? -6.556  10.143  2.811   1.00 16.17 ? 258 TRP A CD2 1 
ATOM   624  N  NE1 . TRP A 1 80  ? -8.154  10.879  1.416   1.00 17.91 ? 258 TRP A NE1 1 
ATOM   625  C  CE2 . TRP A 1 80  ? -6.798  10.743  1.555   1.00 17.22 ? 258 TRP A CE2 1 
ATOM   626  C  CE3 . TRP A 1 80  ? -5.234  9.894   3.201   1.00 14.85 ? 258 TRP A CE3 1 
ATOM   627  C  CZ2 . TRP A 1 80  ? -5.761  11.100  0.683   1.00 18.05 ? 258 TRP A CZ2 1 
ATOM   628  C  CZ3 . TRP A 1 80  ? -4.199  10.251  2.331   1.00 15.83 ? 258 TRP A CZ3 1 
ATOM   629  C  CH2 . TRP A 1 80  ? -4.471  10.846  1.088   1.00 17.60 ? 258 TRP A CH2 1 
ATOM   630  N  N   . HIS A 1 81  ? -9.567  7.308   6.586   1.00 19.58 ? 259 HIS A N   1 
ATOM   631  C  CA  . HIS A 1 81  ? -10.103 7.127   7.928   1.00 19.53 ? 259 HIS A CA  1 
ATOM   632  C  C   . HIS A 1 81  ? -10.196 5.745   8.551   1.00 19.85 ? 259 HIS A C   1 
ATOM   633  O  O   . HIS A 1 81  ? -10.639 5.610   9.690   1.00 20.97 ? 259 HIS A O   1 
ATOM   634  C  CB  . HIS A 1 81  ? -11.467 7.805   7.957   1.00 19.65 ? 259 HIS A CB  1 
ATOM   635  C  CG  . HIS A 1 81  ? -11.466 9.138   7.276   1.00 20.70 ? 259 HIS A CG  1 
ATOM   636  N  ND1 . HIS A 1 81  ? -10.917 10.265  7.852   1.00 21.64 ? 259 HIS A ND1 1 
ATOM   637  C  CD2 . HIS A 1 81  ? -11.848 9.501   6.029   1.00 21.18 ? 259 HIS A CD2 1 
ATOM   638  C  CE1 . HIS A 1 81  ? -10.956 11.262  6.987   1.00 21.95 ? 259 HIS A CE1 1 
ATOM   639  N  NE2 . HIS A 1 81  ? -11.515 10.824  5.873   1.00 22.81 ? 259 HIS A NE2 1 
ATOM   640  N  N   . ILE A 1 82  ? -9.764  4.727   7.824   1.00 19.88 ? 260 ILE A N   1 
ATOM   641  C  CA  . ILE A 1 82  ? -9.829  3.369   8.335   1.00 19.43 ? 260 ILE A CA  1 
ATOM   642  C  C   . ILE A 1 82  ? -8.437  2.775   8.502   1.00 19.61 ? 260 ILE A C   1 
ATOM   643  O  O   . ILE A 1 82  ? -7.546  2.999   7.683   1.00 17.80 ? 260 ILE A O   1 
ATOM   644  C  CB  . ILE A 1 82  ? -10.660 2.474   7.389   1.00 20.42 ? 260 ILE A CB  1 
ATOM   645  C  CG1 . ILE A 1 82  ? -12.101 2.993   7.315   1.00 21.21 ? 260 ILE A CG1 1 
ATOM   646  C  CG2 . ILE A 1 82  ? -10.629 1.028   7.868   1.00 18.59 ? 260 ILE A CG2 1 
ATOM   647  C  CD1 . ILE A 1 82  ? -12.844 2.944   8.641   1.00 24.11 ? 260 ILE A CD1 1 
ATOM   648  N  N   . GLN A 1 83  ? -8.264  2.020   9.579   1.00 18.49 ? 261 GLN A N   1 
ATOM   649  C  CA  . GLN A 1 83  ? -6.996  1.375   9.884   1.00 20.36 ? 261 GLN A CA  1 
ATOM   650  C  C   . GLN A 1 83  ? -6.657  0.356   8.800   1.00 19.79 ? 261 GLN A C   1 
ATOM   651  O  O   . GLN A 1 83  ? -7.540  -0.319  8.272   1.00 19.67 ? 261 GLN A O   1 
ATOM   652  C  CB  . GLN A 1 83  ? -7.112  0.687   11.241  1.00 22.15 ? 261 GLN A CB  1 
ATOM   653  C  CG  . GLN A 1 83  ? -5.880  -0.038  11.717  1.00 26.96 ? 261 GLN A CG  1 
ATOM   654  C  CD  . GLN A 1 83  ? -5.968  -0.353  13.196  1.00 28.90 ? 261 GLN A CD  1 
ATOM   655  O  OE1 . GLN A 1 83  ? -6.001  0.555   14.028  1.00 32.95 ? 261 GLN A OE1 1 
ATOM   656  N  NE2 . GLN A 1 83  ? -6.022  -1.637  13.532  1.00 33.42 ? 261 GLN A NE2 1 
ATOM   657  N  N   . GLY A 1 84  ? -5.376  0.248   8.467   1.00 18.67 ? 262 GLY A N   1 
ATOM   658  C  CA  . GLY A 1 84  ? -4.976  -0.704  7.450   1.00 19.00 ? 262 GLY A CA  1 
ATOM   659  C  C   . GLY A 1 84  ? -4.689  -2.077  8.031   1.00 18.54 ? 262 GLY A C   1 
ATOM   660  O  O   . GLY A 1 84  ? -4.845  -2.304  9.231   1.00 17.58 ? 262 GLY A O   1 
ATOM   661  N  N   . SER A 1 85  ? -4.297  -2.998  7.156   1.00 18.35 ? 263 SER A N   1 
ATOM   662  C  CA  . SER A 1 85  ? -3.936  -4.363  7.527   1.00 19.48 ? 263 SER A CA  1 
ATOM   663  C  C   . SER A 1 85  ? -2.849  -4.712  6.523   1.00 20.09 ? 263 SER A C   1 
ATOM   664  O  O   . SER A 1 85  ? -2.932  -5.725  5.832   1.00 19.77 ? 263 SER A O   1 
ATOM   665  C  CB  . SER A 1 85  ? -5.118  -5.321  7.346   1.00 20.91 ? 263 SER A CB  1 
ATOM   666  O  OG  . SER A 1 85  ? -6.198  -4.992  8.199   1.00 25.04 ? 263 SER A OG  1 
ATOM   667  N  N   . HIS A 1 86  ? -1.839  -3.849  6.441   1.00 19.41 ? 264 HIS A N   1 
ATOM   668  C  CA  . HIS A 1 86  ? -0.751  -4.030  5.488   1.00 18.33 ? 264 HIS A CA  1 
ATOM   669  C  C   . HIS A 1 86  ? 0.615   -4.280  6.114   1.00 18.98 ? 264 HIS A C   1 
ATOM   670  O  O   . HIS A 1 86  ? 1.452   -4.973  5.533   1.00 18.51 ? 264 HIS A O   1 
ATOM   671  C  CB  . HIS A 1 86  ? -0.687  -2.812  4.551   1.00 17.29 ? 264 HIS A CB  1 
ATOM   672  C  CG  . HIS A 1 86  ? -0.502  -1.504  5.259   1.00 17.40 ? 264 HIS A CG  1 
ATOM   673  N  ND1 . HIS A 1 86  ? 0.712   -1.097  5.774   1.00 15.16 ? 264 HIS A ND1 1 
ATOM   674  C  CD2 . HIS A 1 86  ? -1.382  -0.513  5.541   1.00 14.94 ? 264 HIS A CD2 1 
ATOM   675  C  CE1 . HIS A 1 86  ? 0.570   0.090   6.339   1.00 17.69 ? 264 HIS A CE1 1 
ATOM   676  N  NE2 . HIS A 1 86  ? -0.691  0.466   6.213   1.00 15.92 ? 264 HIS A NE2 1 
ATOM   677  N  N   . THR A 1 87  ? 0.846   -3.722  7.296   1.00 19.55 ? 265 THR A N   1 
ATOM   678  C  CA  . THR A 1 87  ? 2.120   -3.898  7.983   1.00 20.50 ? 265 THR A CA  1 
ATOM   679  C  C   . THR A 1 87  ? 1.829   -3.925  9.473   1.00 23.03 ? 265 THR A C   1 
ATOM   680  O  O   . THR A 1 87  ? 1.620   -2.880  10.087  1.00 22.33 ? 265 THR A O   1 
ATOM   681  C  CB  . THR A 1 87  ? 3.082   -2.728  7.686   1.00 19.87 ? 265 THR A CB  1 
ATOM   682  O  OG1 . THR A 1 87  ? 3.129   -2.491  6.271   1.00 19.22 ? 265 THR A OG1 1 
ATOM   683  C  CG2 . THR A 1 87  ? 4.485   -3.052  8.195   1.00 21.55 ? 265 THR A CG2 1 
ATOM   684  N  N   . TYR A 1 88  ? 1.812   -5.116  10.063  1.00 25.89 ? 266 TYR A N   1 
ATOM   685  C  CA  . TYR A 1 88  ? 1.497   -5.222  11.481  1.00 29.15 ? 266 TYR A CA  1 
ATOM   686  C  C   . TYR A 1 88  ? 2.408   -4.375  12.359  1.00 27.50 ? 266 TYR A C   1 
ATOM   687  O  O   . TYR A 1 88  ? 3.630   -4.369  12.190  1.00 27.72 ? 266 TYR A O   1 
ATOM   688  C  CB  . TYR A 1 88  ? 1.556   -6.673  11.955  1.00 33.55 ? 266 TYR A CB  1 
ATOM   689  C  CG  . TYR A 1 88  ? 0.914   -6.848  13.311  1.00 39.23 ? 266 TYR A CG  1 
ATOM   690  C  CD1 . TYR A 1 88  ? -0.469  -6.734  13.464  1.00 42.82 ? 266 TYR A CD1 1 
ATOM   691  C  CD2 . TYR A 1 88  ? 1.685   -7.072  14.448  1.00 42.64 ? 266 TYR A CD2 1 
ATOM   692  C  CE1 . TYR A 1 88  ? -1.068  -6.836  14.716  1.00 46.29 ? 266 TYR A CE1 1 
ATOM   693  C  CE2 . TYR A 1 88  ? 1.097   -7.174  15.707  1.00 46.10 ? 266 TYR A CE2 1 
ATOM   694  C  CZ  . TYR A 1 88  ? -0.279  -7.054  15.832  1.00 47.61 ? 266 TYR A CZ  1 
ATOM   695  O  OH  . TYR A 1 88  ? -0.869  -7.143  17.073  1.00 50.35 ? 266 TYR A OH  1 
ATOM   696  N  N   . GLY A 1 89  ? 1.794   -3.669  13.303  1.00 28.70 ? 267 GLY A N   1 
ATOM   697  C  CA  . GLY A 1 89  ? 2.541   -2.821  14.212  1.00 27.16 ? 267 GLY A CA  1 
ATOM   698  C  C   . GLY A 1 89  ? 2.634   -1.393  13.707  1.00 27.06 ? 267 GLY A C   1 
ATOM   699  O  O   . GLY A 1 89  ? 3.254   -0.541  14.351  1.00 28.10 ? 267 GLY A O   1 
ATOM   700  N  N   . PHE A 1 90  ? 2.015   -1.124  12.558  1.00 24.78 ? 268 PHE A N   1 
ATOM   701  C  CA  . PHE A 1 90  ? 2.051   0.209   11.971  1.00 22.88 ? 268 PHE A CA  1 
ATOM   702  C  C   . PHE A 1 90  ? 0.754   0.568   11.245  1.00 22.38 ? 268 PHE A C   1 
ATOM   703  O  O   . PHE A 1 90  ? 0.660   1.637   10.635  1.00 21.22 ? 268 PHE A O   1 
ATOM   704  C  CB  . PHE A 1 90  ? 3.216   0.299   10.976  1.00 24.47 ? 268 PHE A CB  1 
ATOM   705  C  CG  . PHE A 1 90  ? 4.565   0.038   11.585  1.00 24.39 ? 268 PHE A CG  1 
ATOM   706  C  CD1 . PHE A 1 90  ? 5.260   1.053   12.231  1.00 25.72 ? 268 PHE A CD1 1 
ATOM   707  C  CD2 . PHE A 1 90  ? 5.135   -1.230  11.523  1.00 25.87 ? 268 PHE A CD2 1 
ATOM   708  C  CE1 . PHE A 1 90  ? 6.505   0.810   12.811  1.00 25.60 ? 268 PHE A CE1 1 
ATOM   709  C  CE2 . PHE A 1 90  ? 6.378   -1.485  12.101  1.00 26.64 ? 268 PHE A CE2 1 
ATOM   710  C  CZ  . PHE A 1 90  ? 7.063   -0.463  12.746  1.00 27.67 ? 268 PHE A CZ  1 
ATOM   711  N  N   . ASN A 1 91  ? -0.249  -0.304  11.318  1.00 21.20 ? 269 ASN A N   1 
ATOM   712  C  CA  . ASN A 1 91  ? -1.502  -0.063  10.616  1.00 19.93 ? 269 ASN A CA  1 
ATOM   713  C  C   . ASN A 1 91  ? -2.329  1.153   11.022  1.00 20.74 ? 269 ASN A C   1 
ATOM   714  O  O   . ASN A 1 91  ? -3.182  1.598   10.259  1.00 21.74 ? 269 ASN A O   1 
ATOM   715  C  CB  . ASN A 1 91  ? -2.383  -1.316  10.664  1.00 19.96 ? 269 ASN A CB  1 
ATOM   716  C  CG  . ASN A 1 91  ? -1.814  -2.447  9.848   1.00 20.83 ? 269 ASN A CG  1 
ATOM   717  O  OD1 . ASN A 1 91  ? -1.455  -2.254  8.686   1.00 22.00 ? 269 ASN A OD1 1 
ATOM   718  N  ND2 . ASN A 1 91  ? -1.726  -3.633  10.443  1.00 22.07 ? 269 ASN A ND2 1 
ATOM   719  N  N   . ASP A 1 92  ? -2.097  1.702   12.203  1.00 23.08 ? 270 ASP A N   1 
ATOM   720  C  CA  . ASP A 1 92  ? -2.884  2.862   12.591  1.00 23.79 ? 270 ASP A CA  1 
ATOM   721  C  C   . ASP A 1 92  ? -2.104  4.166   12.581  1.00 22.08 ? 270 ASP A C   1 
ATOM   722  O  O   . ASP A 1 92  ? -2.636  5.210   12.945  1.00 23.18 ? 270 ASP A O   1 
ATOM   723  C  CB  . ASP A 1 92  ? -3.514  2.661   13.966  1.00 28.44 ? 270 ASP A CB  1 
ATOM   724  C  CG  . ASP A 1 92  ? -2.538  2.141   14.990  1.00 31.23 ? 270 ASP A CG  1 
ATOM   725  O  OD1 . ASP A 1 92  ? -2.956  1.977   16.160  1.00 33.76 ? 270 ASP A OD1 1 
ATOM   726  O  OD2 . ASP A 1 92  ? -1.360  1.872   14.652  1.00 32.47 ? 270 ASP A OD2 1 
ATOM   727  N  N   . ILE A 1 93  ? -0.852  4.104   12.138  1.00 20.20 ? 271 ILE A N   1 
ATOM   728  C  CA  . ILE A 1 93  ? -0.011  5.290   12.062  1.00 17.98 ? 271 ILE A CA  1 
ATOM   729  C  C   . ILE A 1 93  ? 0.664   5.425   10.701  1.00 16.34 ? 271 ILE A C   1 
ATOM   730  O  O   . ILE A 1 93  ? 1.288   6.443   10.418  1.00 15.76 ? 271 ILE A O   1 
ATOM   731  C  CB  . ILE A 1 93  ? 1.098   5.277   13.136  1.00 18.33 ? 271 ILE A CB  1 
ATOM   732  C  CG1 . ILE A 1 93  ? 1.933   4.006   13.018  1.00 20.87 ? 271 ILE A CG1 1 
ATOM   733  C  CG2 . ILE A 1 93  ? 0.487   5.418   14.521  1.00 19.73 ? 271 ILE A CG2 1 
ATOM   734  C  CD1 . ILE A 1 93  ? 3.141   3.959   13.926  1.00 24.11 ? 271 ILE A CD1 1 
ATOM   735  N  N   . ALA A 1 94  ? 0.533   4.401   9.863   1.00 13.72 ? 272 ALA A N   1 
ATOM   736  C  CA  . ALA A 1 94  ? 1.164   4.424   8.546   1.00 13.78 ? 272 ALA A CA  1 
ATOM   737  C  C   . ALA A 1 94  ? 0.179   4.238   7.395   1.00 13.63 ? 272 ALA A C   1 
ATOM   738  O  O   . ALA A 1 94  ? -0.613  3.288   7.382   1.00 14.07 ? 272 ALA A O   1 
ATOM   739  C  CB  . ALA A 1 94  ? 2.243   3.337   8.470   1.00 15.07 ? 272 ALA A CB  1 
ATOM   740  N  N   . LEU A 1 95  ? 0.228   5.152   6.433   1.00 13.76 ? 273 LEU A N   1 
ATOM   741  C  CA  . LEU A 1 95  ? -0.625  5.040   5.264   1.00 14.00 ? 273 LEU A CA  1 
ATOM   742  C  C   . LEU A 1 95  ? 0.040   4.030   4.341   1.00 14.42 ? 273 LEU A C   1 
ATOM   743  O  O   . LEU A 1 95  ? 1.168   4.241   3.890   1.00 15.05 ? 273 LEU A O   1 
ATOM   744  C  CB  . LEU A 1 95  ? -0.748  6.387   4.548   1.00 14.42 ? 273 LEU A CB  1 
ATOM   745  C  CG  . LEU A 1 95  ? -1.556  7.455   5.287   1.00 17.69 ? 273 LEU A CG  1 
ATOM   746  C  CD1 . LEU A 1 95  ? -1.500  8.773   4.525   1.00 19.04 ? 273 LEU A CD1 1 
ATOM   747  C  CD2 . LEU A 1 95  ? -2.994  6.983   5.424   1.00 19.58 ? 273 LEU A CD2 1 
ATOM   748  N  N   . GLY A 1 96  ? -0.647  2.921   4.085   1.00 13.74 ? 274 GLY A N   1 
ATOM   749  C  CA  . GLY A 1 96  ? -0.103  1.909   3.199   1.00 13.32 ? 274 GLY A CA  1 
ATOM   750  C  C   . GLY A 1 96  ? -0.594  2.153   1.785   1.00 13.71 ? 274 GLY A C   1 
ATOM   751  O  O   . GLY A 1 96  ? -1.788  2.053   1.510   1.00 13.14 ? 274 GLY A O   1 
ATOM   752  N  N   . ILE A 1 97  ? 0.330   2.491   0.892   1.00 12.64 ? 275 ILE A N   1 
ATOM   753  C  CA  . ILE A 1 97  ? 0.002   2.760   -0.507  1.00 12.89 ? 275 ILE A CA  1 
ATOM   754  C  C   . ILE A 1 97  ? 0.594   1.638   -1.338  1.00 13.28 ? 275 ILE A C   1 
ATOM   755  O  O   . ILE A 1 97  ? 1.814   1.476   -1.396  1.00 12.20 ? 275 ILE A O   1 
ATOM   756  C  CB  . ILE A 1 97  ? 0.605   4.099   -0.969  1.00 13.95 ? 275 ILE A CB  1 
ATOM   757  C  CG1 . ILE A 1 97  ? 0.075   5.237   -0.093  1.00 15.96 ? 275 ILE A CG1 1 
ATOM   758  C  CG2 . ILE A 1 97  ? 0.257   4.350   -2.440  1.00 14.60 ? 275 ILE A CG2 1 
ATOM   759  C  CD1 . ILE A 1 97  ? 0.670   6.591   -0.435  1.00 15.95 ? 275 ILE A CD1 1 
ATOM   760  N  N   . ALA A 1 98  ? -0.269  0.864   -1.988  1.00 12.59 ? 276 ALA A N   1 
ATOM   761  C  CA  . ALA A 1 98  ? 0.201   -0.269  -2.770  1.00 12.40 ? 276 ALA A CA  1 
ATOM   762  C  C   . ALA A 1 98  ? 0.093   -0.113  -4.270  1.00 13.26 ? 276 ALA A C   1 
ATOM   763  O  O   . ALA A 1 98  ? -0.985  0.154   -4.804  1.00 13.98 ? 276 ALA A O   1 
ATOM   764  C  CB  . ALA A 1 98  ? -0.536  -1.536  -2.337  1.00 14.54 ? 276 ALA A CB  1 
ATOM   765  N  N   . PHE A 1 99  ? 1.221   -0.274  -4.951  1.00 13.34 ? 277 PHE A N   1 
ATOM   766  C  CA  . PHE A 1 99  ? 1.213   -0.214  -6.402  1.00 12.61 ? 277 PHE A CA  1 
ATOM   767  C  C   . PHE A 1 99  ? 0.667   -1.554  -6.879  1.00 12.96 ? 277 PHE A C   1 
ATOM   768  O  O   . PHE A 1 99  ? 1.095   -2.611  -6.407  1.00 12.31 ? 277 PHE A O   1 
ATOM   769  C  CB  . PHE A 1 99  ? 2.625   -0.002  -6.950  1.00 12.96 ? 277 PHE A CB  1 
ATOM   770  C  CG  . PHE A 1 99  ? 3.094   1.419   -6.858  1.00 11.64 ? 277 PHE A CG  1 
ATOM   771  C  CD1 . PHE A 1 99  ? 3.634   1.912   -5.675  1.00 13.31 ? 277 PHE A CD1 1 
ATOM   772  C  CD2 . PHE A 1 99  ? 2.976   2.276   -7.953  1.00 12.72 ? 277 PHE A CD2 1 
ATOM   773  C  CE1 . PHE A 1 99  ? 4.053   3.241   -5.581  1.00 13.93 ? 277 PHE A CE1 1 
ATOM   774  C  CE2 . PHE A 1 99  ? 3.390   3.603   -7.870  1.00 14.61 ? 277 PHE A CE2 1 
ATOM   775  C  CZ  . PHE A 1 99  ? 3.931   4.086   -6.680  1.00 14.63 ? 277 PHE A CZ  1 
ATOM   776  N  N   . ILE A 1 100 ? -0.296  -1.510  -7.792  1.00 12.83 ? 278 ILE A N   1 
ATOM   777  C  CA  . ILE A 1 100 ? -0.885  -2.737  -8.313  1.00 12.36 ? 278 ILE A CA  1 
ATOM   778  C  C   . ILE A 1 100 ? 0.064   -3.343  -9.334  1.00 12.26 ? 278 ILE A C   1 
ATOM   779  O  O   . ILE A 1 100 ? 0.256   -2.798  -10.423 1.00 12.73 ? 278 ILE A O   1 
ATOM   780  C  CB  . ILE A 1 100 ? -2.243  -2.467  -8.989  1.00 12.55 ? 278 ILE A CB  1 
ATOM   781  C  CG1 . ILE A 1 100 ? -3.184  -1.781  -8.000  1.00 14.72 ? 278 ILE A CG1 1 
ATOM   782  C  CG2 . ILE A 1 100 ? -2.846  -3.791  -9.474  1.00 14.46 ? 278 ILE A CG2 1 
ATOM   783  C  CD1 . ILE A 1 100 ? -4.466  -1.237  -8.628  1.00 14.91 ? 278 ILE A CD1 1 
ATOM   784  N  N   . GLY A 1 101 ? 0.659   -4.475  -8.975  1.00 11.56 ? 279 GLY A N   1 
ATOM   785  C  CA  . GLY A 1 101 ? 1.593   -5.120  -9.875  1.00 13.06 ? 279 GLY A CA  1 
ATOM   786  C  C   . GLY A 1 101 ? 2.803   -5.670  -9.152  1.00 13.08 ? 279 GLY A C   1 
ATOM   787  O  O   . GLY A 1 101 ? 2.839   -5.717  -7.917  1.00 13.64 ? 279 GLY A O   1 
ATOM   788  N  N   . TYR A 1 102 ? 3.799   -6.065  -9.936  1.00 12.46 ? 280 TYR A N   1 
ATOM   789  C  CA  . TYR A 1 102 ? 5.032   -6.664  -9.435  1.00 13.26 ? 280 TYR A CA  1 
ATOM   790  C  C   . TYR A 1 102 ? 6.163   -5.838  -10.029 1.00 13.80 ? 280 TYR A C   1 
ATOM   791  O  O   . TYR A 1 102 ? 6.382   -5.837  -11.248 1.00 14.47 ? 280 TYR A O   1 
ATOM   792  C  CB  . TYR A 1 102 ? 5.065   -8.126  -9.906  1.00 13.84 ? 280 TYR A CB  1 
ATOM   793  C  CG  . TYR A 1 102 ? 6.248   -8.950  -9.456  1.00 13.22 ? 280 TYR A CG  1 
ATOM   794  C  CD1 . TYR A 1 102 ? 7.294   -9.231  -10.336 1.00 16.11 ? 280 TYR A CD1 1 
ATOM   795  C  CD2 . TYR A 1 102 ? 6.308   -9.481  -8.166  1.00 16.49 ? 280 TYR A CD2 1 
ATOM   796  C  CE1 . TYR A 1 102 ? 8.372   -10.028 -9.946  1.00 15.94 ? 280 TYR A CE1 1 
ATOM   797  C  CE2 . TYR A 1 102 ? 7.384   -10.275 -7.767  1.00 16.97 ? 280 TYR A CE2 1 
ATOM   798  C  CZ  . TYR A 1 102 ? 8.406   -10.543 -8.662  1.00 17.86 ? 280 TYR A CZ  1 
ATOM   799  O  OH  . TYR A 1 102 ? 9.471   -11.325 -8.266  1.00 19.59 ? 280 TYR A OH  1 
ATOM   800  N  N   . PHE A 1 103 ? 6.887   -5.134  -9.166  1.00 13.31 ? 281 PHE A N   1 
ATOM   801  C  CA  . PHE A 1 103 ? 7.940   -4.246  -9.631  1.00 13.79 ? 281 PHE A CA  1 
ATOM   802  C  C   . PHE A 1 103 ? 9.342   -4.529  -9.111  1.00 15.23 ? 281 PHE A C   1 
ATOM   803  O  O   . PHE A 1 103 ? 10.014  -3.668  -8.534  1.00 15.21 ? 281 PHE A O   1 
ATOM   804  C  CB  . PHE A 1 103 ? 7.480   -2.821  -9.331  1.00 15.22 ? 281 PHE A CB  1 
ATOM   805  C  CG  . PHE A 1 103 ? 6.111   -2.530  -9.885  1.00 15.08 ? 281 PHE A CG  1 
ATOM   806  C  CD1 . PHE A 1 103 ? 5.936   -2.332  -11.251 1.00 14.33 ? 281 PHE A CD1 1 
ATOM   807  C  CD2 . PHE A 1 103 ? 4.986   -2.546  -9.060  1.00 14.08 ? 281 PHE A CD2 1 
ATOM   808  C  CE1 . PHE A 1 103 ? 4.657   -2.155  -11.792 1.00 15.20 ? 281 PHE A CE1 1 
ATOM   809  C  CE2 . PHE A 1 103 ? 3.699   -2.371  -9.590  1.00 14.89 ? 281 PHE A CE2 1 
ATOM   810  C  CZ  . PHE A 1 103 ? 3.538   -2.176  -10.958 1.00 13.97 ? 281 PHE A CZ  1 
ATOM   811  N  N   . VAL A 1 104 ? 9.777   -5.760  -9.343  1.00 16.91 ? 282 VAL A N   1 
ATOM   812  C  CA  . VAL A 1 104 ? 11.102  -6.200  -8.937  1.00 19.21 ? 282 VAL A CA  1 
ATOM   813  C  C   . VAL A 1 104 ? 12.098  -5.869  -10.039 1.00 20.48 ? 282 VAL A C   1 
ATOM   814  O  O   . VAL A 1 104 ? 13.152  -5.287  -9.784  1.00 20.82 ? 282 VAL A O   1 
ATOM   815  C  CB  . VAL A 1 104 ? 11.128  -7.725  -8.689  1.00 18.62 ? 282 VAL A CB  1 
ATOM   816  C  CG1 . VAL A 1 104 ? 12.566  -8.204  -8.468  1.00 20.67 ? 282 VAL A CG1 1 
ATOM   817  C  CG2 . VAL A 1 104 ? 10.263  -8.063  -7.491  1.00 17.61 ? 282 VAL A CG2 1 
ATOM   818  N  N   . GLU A 1 105 ? 11.745  -6.232  -11.268 1.00 23.55 ? 283 GLU A N   1 
ATOM   819  C  CA  . GLU A 1 105 ? 12.609  -6.022  -12.426 1.00 29.04 ? 283 GLU A CA  1 
ATOM   820  C  C   . GLU A 1 105 ? 12.381  -4.684  -13.118 1.00 27.85 ? 283 GLU A C   1 
ATOM   821  O  O   . GLU A 1 105 ? 13.314  -4.081  -13.650 1.00 29.60 ? 283 GLU A O   1 
ATOM   822  C  CB  . GLU A 1 105 ? 12.398  -7.166  -13.422 1.00 33.50 ? 283 GLU A CB  1 
ATOM   823  C  CG  . GLU A 1 105 ? 12.425  -8.545  -12.772 1.00 47.83 ? 283 GLU A CG  1 
ATOM   824  C  CD  . GLU A 1 105 ? 12.038  -9.660  -13.726 1.00 56.32 ? 283 GLU A CD  1 
ATOM   825  O  OE1 . GLU A 1 105 ? 11.913  -10.816 -13.266 1.00 62.47 ? 283 GLU A OE1 1 
ATOM   826  O  OE2 . GLU A 1 105 ? 11.859  -9.384  -14.931 1.00 62.73 ? 283 GLU A OE2 1 
ATOM   827  N  N   . LYS A 1 106 ? 11.138  -4.224  -13.120 1.00 26.47 ? 284 LYS A N   1 
ATOM   828  C  CA  . LYS A 1 106 ? 10.806  -2.956  -13.748 1.00 26.07 ? 284 LYS A CA  1 
ATOM   829  C  C   . LYS A 1 106 ? 9.947   -2.135  -12.798 1.00 23.21 ? 284 LYS A C   1 
ATOM   830  O  O   . LYS A 1 106 ? 9.223   -2.683  -11.964 1.00 20.92 ? 284 LYS A O   1 
ATOM   831  C  CB  . LYS A 1 106 ? 10.054  -3.188  -15.065 1.00 29.93 ? 284 LYS A CB  1 
ATOM   832  C  CG  . LYS A 1 106 ? 8.731   -3.929  -14.919 1.00 32.95 ? 284 LYS A CG  1 
ATOM   833  C  CD  . LYS A 1 106 ? 8.009   -4.073  -16.260 1.00 37.95 ? 284 LYS A CD  1 
ATOM   834  C  CE  . LYS A 1 106 ? 8.793   -4.937  -17.246 1.00 42.04 ? 284 LYS A CE  1 
ATOM   835  N  NZ  . LYS A 1 106 ? 8.098   -5.082  -18.566 1.00 42.65 ? 284 LYS A NZ  1 
ATOM   836  N  N   . PRO A 1 107 ? 10.023  -0.804  -12.898 1.00 22.06 ? 285 PRO A N   1 
ATOM   837  C  CA  . PRO A 1 107 ? 9.218   0.027   -12.008 1.00 20.43 ? 285 PRO A CA  1 
ATOM   838  C  C   . PRO A 1 107 ? 7.866   0.327   -12.635 1.00 18.21 ? 285 PRO A C   1 
ATOM   839  O  O   . PRO A 1 107 ? 7.645   0.042   -13.814 1.00 19.39 ? 285 PRO A O   1 
ATOM   840  C  CB  . PRO A 1 107 ? 10.060  1.283   -11.886 1.00 21.53 ? 285 PRO A CB  1 
ATOM   841  C  CG  . PRO A 1 107 ? 10.560  1.441   -13.303 1.00 21.81 ? 285 PRO A CG  1 
ATOM   842  C  CD  . PRO A 1 107 ? 10.980  0.020   -13.665 1.00 22.64 ? 285 PRO A CD  1 
ATOM   843  N  N   . PRO A 1 108 ? 6.939   0.890   -11.849 1.00 16.84 ? 286 PRO A N   1 
ATOM   844  C  CA  . PRO A 1 108 ? 5.613   1.230   -12.375 1.00 16.42 ? 286 PRO A CA  1 
ATOM   845  C  C   . PRO A 1 108 ? 5.875   2.344   -13.388 1.00 16.32 ? 286 PRO A C   1 
ATOM   846  O  O   . PRO A 1 108 ? 6.914   3.004   -13.315 1.00 16.11 ? 286 PRO A O   1 
ATOM   847  C  CB  . PRO A 1 108 ? 4.877   1.761   -11.146 1.00 15.72 ? 286 PRO A CB  1 
ATOM   848  C  CG  . PRO A 1 108 ? 5.565   1.066   -10.001 1.00 15.39 ? 286 PRO A CG  1 
ATOM   849  C  CD  . PRO A 1 108 ? 7.007   1.136   -10.398 1.00 15.99 ? 286 PRO A CD  1 
ATOM   850  N  N   . ASN A 1 109 ? 4.954   2.561   -14.322 1.00 17.04 ? 287 ASN A N   1 
ATOM   851  C  CA  . ASN A 1 109 ? 5.158   3.617   -15.307 1.00 18.48 ? 287 ASN A CA  1 
ATOM   852  C  C   . ASN A 1 109 ? 5.092   5.005   -14.670 1.00 19.17 ? 287 ASN A C   1 
ATOM   853  O  O   . ASN A 1 109 ? 4.711   5.158   -13.504 1.00 18.18 ? 287 ASN A O   1 
ATOM   854  C  CB  . ASN A 1 109 ? 4.135   3.513   -16.451 1.00 17.87 ? 287 ASN A CB  1 
ATOM   855  C  CG  . ASN A 1 109 ? 2.695   3.516   -15.967 1.00 20.80 ? 287 ASN A CG  1 
ATOM   856  O  OD1 . ASN A 1 109 ? 2.370   4.103   -14.936 1.00 22.03 ? 287 ASN A OD1 1 
ATOM   857  N  ND2 . ASN A 1 109 ? 1.816   2.869   -16.729 1.00 21.42 ? 287 ASN A ND2 1 
ATOM   858  N  N   . ALA A 1 110 ? 5.469   6.018   -15.446 1.00 19.39 ? 288 ALA A N   1 
ATOM   859  C  CA  . ALA A 1 110 ? 5.476   7.393   -14.961 1.00 19.77 ? 288 ALA A CA  1 
ATOM   860  C  C   . ALA A 1 110 ? 4.120   7.822   -14.408 1.00 19.69 ? 288 ALA A C   1 
ATOM   861  O  O   . ALA A 1 110 ? 4.047   8.542   -13.409 1.00 19.61 ? 288 ALA A O   1 
ATOM   862  C  CB  . ALA A 1 110 ? 5.908   8.333   -16.084 1.00 20.34 ? 288 ALA A CB  1 
ATOM   863  N  N   . ALA A 1 111 ? 3.050   7.380   -15.057 1.00 19.65 ? 289 ALA A N   1 
ATOM   864  C  CA  . ALA A 1 111 ? 1.696   7.723   -14.635 1.00 19.67 ? 289 ALA A CA  1 
ATOM   865  C  C   . ALA A 1 111 ? 1.441   7.264   -13.204 1.00 19.32 ? 289 ALA A C   1 
ATOM   866  O  O   . ALA A 1 111 ? 0.914   8.020   -12.387 1.00 18.97 ? 289 ALA A O   1 
ATOM   867  C  CB  . ALA A 1 111 ? 0.677   7.090   -15.575 1.00 20.64 ? 289 ALA A CB  1 
ATOM   868  N  N   . ALA A 1 112 ? 1.816   6.023   -12.907 1.00 17.92 ? 290 ALA A N   1 
ATOM   869  C  CA  . ALA A 1 112 ? 1.628   5.472   -11.568 1.00 16.48 ? 290 ALA A CA  1 
ATOM   870  C  C   . ALA A 1 112 ? 2.497   6.183   -10.529 1.00 16.12 ? 290 ALA A C   1 
ATOM   871  O  O   . ALA A 1 112 ? 2.014   6.570   -9.464  1.00 15.83 ? 290 ALA A O   1 
ATOM   872  C  CB  . ALA A 1 112 ? 1.936   3.972   -11.571 1.00 15.42 ? 290 ALA A CB  1 
ATOM   873  N  N   . LEU A 1 113 ? 3.778   6.359   -10.839 1.00 16.97 ? 291 LEU A N   1 
ATOM   874  C  CA  . LEU A 1 113 ? 4.687   7.023   -9.909  1.00 17.01 ? 291 LEU A CA  1 
ATOM   875  C  C   . LEU A 1 113 ? 4.234   8.446   -9.589  1.00 17.58 ? 291 LEU A C   1 
ATOM   876  O  O   . LEU A 1 113 ? 4.243   8.866   -8.433  1.00 16.82 ? 291 LEU A O   1 
ATOM   877  C  CB  . LEU A 1 113 ? 6.108   7.047   -10.479 1.00 16.82 ? 291 LEU A CB  1 
ATOM   878  C  CG  . LEU A 1 113 ? 6.778   5.689   -10.710 1.00 17.08 ? 291 LEU A CG  1 
ATOM   879  C  CD1 . LEU A 1 113 ? 8.180   5.900   -11.280 1.00 18.02 ? 291 LEU A CD1 1 
ATOM   880  C  CD2 . LEU A 1 113 ? 6.846   4.910   -9.392  1.00 18.49 ? 291 LEU A CD2 1 
ATOM   881  N  N   . GLU A 1 114 ? 3.832   9.193   -10.612 1.00 18.17 ? 292 GLU A N   1 
ATOM   882  C  CA  . GLU A 1 114 ? 3.387   10.565  -10.396 1.00 19.90 ? 292 GLU A CA  1 
ATOM   883  C  C   . GLU A 1 114 ? 2.096   10.622  -9.585  1.00 18.87 ? 292 GLU A C   1 
ATOM   884  O  O   . GLU A 1 114 ? 1.936   11.483  -8.722  1.00 18.24 ? 292 GLU A O   1 
ATOM   885  C  CB  . GLU A 1 114 ? 3.200   11.274  -11.739 1.00 23.88 ? 292 GLU A CB  1 
ATOM   886  C  CG  . GLU A 1 114 ? 4.490   11.406  -12.529 1.00 33.84 ? 292 GLU A CG  1 
ATOM   887  C  CD  . GLU A 1 114 ? 4.295   12.056  -13.884 1.00 40.03 ? 292 GLU A CD  1 
ATOM   888  O  OE1 . GLU A 1 114 ? 5.290   12.176  -14.629 1.00 44.55 ? 292 GLU A OE1 1 
ATOM   889  O  OE2 . GLU A 1 114 ? 3.152   12.446  -14.209 1.00 44.45 ? 292 GLU A OE2 1 
ATOM   890  N  N   . ALA A 1 115 ? 1.178   9.701   -9.859  1.00 16.05 ? 293 ALA A N   1 
ATOM   891  C  CA  . ALA A 1 115 ? -0.084  9.660   -9.133  1.00 16.92 ? 293 ALA A CA  1 
ATOM   892  C  C   . ALA A 1 115 ? 0.196   9.410   -7.654  1.00 15.86 ? 293 ALA A C   1 
ATOM   893  O  O   . ALA A 1 115 ? -0.461  9.981   -6.784  1.00 15.16 ? 293 ALA A O   1 
ATOM   894  C  CB  . ALA A 1 115 ? -0.985  8.561   -9.693  1.00 18.09 ? 293 ALA A CB  1 
ATOM   895  N  N   . ALA A 1 116 ? 1.184   8.559   -7.380  1.00 15.31 ? 294 ALA A N   1 
ATOM   896  C  CA  . ALA A 1 116 ? 1.554   8.235   -6.004  1.00 14.63 ? 294 ALA A CA  1 
ATOM   897  C  C   . ALA A 1 116 ? 2.137   9.447   -5.281  1.00 14.85 ? 294 ALA A C   1 
ATOM   898  O  O   . ALA A 1 116 ? 1.758   9.740   -4.144  1.00 14.42 ? 294 ALA A O   1 
ATOM   899  C  CB  . ALA A 1 116 ? 2.556   7.087   -5.986  1.00 15.33 ? 294 ALA A CB  1 
ATOM   900  N  N   . GLN A 1 117 ? 3.056   10.154  -5.933  1.00 15.80 ? 295 GLN A N   1 
ATOM   901  C  CA  . GLN A 1 117 ? 3.654   11.318  -5.300  1.00 16.64 ? 295 GLN A CA  1 
ATOM   902  C  C   . GLN A 1 117 ? 2.606   12.413  -5.119  1.00 16.40 ? 295 GLN A C   1 
ATOM   903  O  O   . GLN A 1 117 ? 2.628   13.131  -4.122  1.00 16.03 ? 295 GLN A O   1 
ATOM   904  C  CB  . GLN A 1 117 ? 4.846   11.828  -6.113  1.00 18.21 ? 295 GLN A CB  1 
ATOM   905  C  CG  . GLN A 1 117 ? 5.957   10.791  -6.260  1.00 20.47 ? 295 GLN A CG  1 
ATOM   906  C  CD  . GLN A 1 117 ? 7.318   11.415  -6.494  1.00 26.18 ? 295 GLN A CD  1 
ATOM   907  O  OE1 . GLN A 1 117 ? 7.962   11.903  -5.558  1.00 26.68 ? 295 GLN A OE1 1 
ATOM   908  N  NE2 . GLN A 1 117 ? 7.764   11.410  -7.746  1.00 27.34 ? 295 GLN A NE2 1 
ATOM   909  N  N   . ASP A 1 118 ? 1.683   12.530  -6.072  1.00 17.43 ? 296 ASP A N   1 
ATOM   910  C  CA  . ASP A 1 118 ? 0.623   13.533  -5.978  1.00 18.80 ? 296 ASP A CA  1 
ATOM   911  C  C   . ASP A 1 118 ? -0.260  13.215  -4.767  1.00 17.38 ? 296 ASP A C   1 
ATOM   912  O  O   . ASP A 1 118 ? -0.658  14.105  -4.019  1.00 16.98 ? 296 ASP A O   1 
ATOM   913  C  CB  . ASP A 1 118 ? -0.220  13.525  -7.267  1.00 22.56 ? 296 ASP A CB  1 
ATOM   914  C  CG  . ASP A 1 118 ? -1.330  14.576  -7.268  1.00 29.89 ? 296 ASP A CG  1 
ATOM   915  O  OD1 . ASP A 1 118 ? -2.195  14.538  -8.179  1.00 30.90 ? 296 ASP A OD1 1 
ATOM   916  O  OD2 . ASP A 1 118 ? -1.353  15.451  -6.375  1.00 31.80 ? 296 ASP A OD2 1 
ATOM   917  N  N   . LEU A 1 119 ? -0.552  11.931  -4.572  1.00 15.85 ? 297 LEU A N   1 
ATOM   918  C  CA  . LEU A 1 119 ? -1.383  11.503  -3.456  1.00 14.45 ? 297 LEU A CA  1 
ATOM   919  C  C   . LEU A 1 119 ? -0.722  11.824  -2.116  1.00 13.89 ? 297 LEU A C   1 
ATOM   920  O  O   . LEU A 1 119 ? -1.368  12.331  -1.198  1.00 14.38 ? 297 LEU A O   1 
ATOM   921  C  CB  . LEU A 1 119 ? -1.651  9.997   -3.548  1.00 13.63 ? 297 LEU A CB  1 
ATOM   922  C  CG  . LEU A 1 119 ? -2.511  9.396   -2.434  1.00 16.01 ? 297 LEU A CG  1 
ATOM   923  C  CD1 . LEU A 1 119 ? -3.921  9.966   -2.498  1.00 17.02 ? 297 LEU A CD1 1 
ATOM   924  C  CD2 . LEU A 1 119 ? -2.528  7.879   -2.574  1.00 15.08 ? 297 LEU A CD2 1 
ATOM   925  N  N   . ILE A 1 120 ? 0.569   11.525  -2.012  1.00 13.92 ? 298 ILE A N   1 
ATOM   926  C  CA  . ILE A 1 120 ? 1.311   11.780  -0.785  1.00 14.36 ? 298 ILE A CA  1 
ATOM   927  C  C   . ILE A 1 120 ? 1.343   13.271  -0.475  1.00 14.42 ? 298 ILE A C   1 
ATOM   928  O  O   . ILE A 1 120 ? 1.092   13.688  0.653   1.00 14.17 ? 298 ILE A O   1 
ATOM   929  C  CB  . ILE A 1 120 ? 2.752   11.240  -0.898  1.00 13.88 ? 298 ILE A CB  1 
ATOM   930  C  CG1 . ILE A 1 120 ? 2.707   9.710   -0.994  1.00 15.70 ? 298 ILE A CG1 1 
ATOM   931  C  CG2 . ILE A 1 120 ? 3.586   11.704  0.302   1.00 14.94 ? 298 ILE A CG2 1 
ATOM   932  C  CD1 . ILE A 1 120 ? 4.041   9.060   -1.286  1.00 15.74 ? 298 ILE A CD1 1 
ATOM   933  N  N   . GLN A 1 121 ? 1.634   14.075  -1.490  1.00 16.26 ? 299 GLN A N   1 
ATOM   934  C  CA  . GLN A 1 121 ? 1.695   15.517  -1.311  1.00 16.72 ? 299 GLN A CA  1 
ATOM   935  C  C   . GLN A 1 121 ? 0.323   16.042  -0.881  1.00 16.59 ? 299 GLN A C   1 
ATOM   936  O  O   . GLN A 1 121 ? 0.215   16.879  0.022   1.00 16.39 ? 299 GLN A O   1 
ATOM   937  C  CB  . GLN A 1 121 ? 2.132   16.180  -2.621  1.00 20.20 ? 299 GLN A CB  1 
ATOM   938  C  CG  . GLN A 1 121 ? 2.501   17.643  -2.504  1.00 25.99 ? 299 GLN A CG  1 
ATOM   939  C  CD  . GLN A 1 121 ? 2.973   18.226  -3.825  1.00 30.50 ? 299 GLN A CD  1 
ATOM   940  O  OE1 . GLN A 1 121 ? 3.831   19.106  -3.855  1.00 34.74 ? 299 GLN A OE1 1 
ATOM   941  N  NE2 . GLN A 1 121 ? 2.403   17.741  -4.926  1.00 34.67 ? 299 GLN A NE2 1 
HETATM 942  N  N   . CSO A 1 122 ? -0.725  15.538  -1.523  1.00 16.84 ? 300 CSO A N   1 
HETATM 943  C  CA  . CSO A 1 122 ? -2.085  15.955  -1.204  1.00 18.35 ? 300 CSO A CA  1 
HETATM 944  C  CB  . CSO A 1 122 ? -3.064  15.339  -2.207  1.00 23.09 ? 300 CSO A CB  1 
HETATM 945  S  SG  . CSO A 1 122 ? -4.780  15.904  -1.962  1.00 30.86 ? 300 CSO A SG  1 
HETATM 946  C  C   . CSO A 1 122 ? -2.462  15.561  0.227   1.00 17.22 ? 300 CSO A C   1 
HETATM 947  O  O   . CSO A 1 122 ? -3.173  16.294  0.909   1.00 16.75 ? 300 CSO A O   1 
HETATM 948  O  OD  . CSO A 1 122 ? -5.375  14.659  -0.955  1.00 22.94 ? 300 CSO A OD  1 
ATOM   949  N  N   . ALA A 1 123 ? -1.962  14.410  0.680   1.00 15.35 ? 301 ALA A N   1 
ATOM   950  C  CA  . ALA A 1 123 ? -2.221  13.924  2.030   1.00 13.86 ? 301 ALA A CA  1 
ATOM   951  C  C   . ALA A 1 123 ? -1.717  14.941  3.053   1.00 13.96 ? 301 ALA A C   1 
ATOM   952  O  O   . ALA A 1 123 ? -2.342  15.152  4.092   1.00 13.54 ? 301 ALA A O   1 
ATOM   953  C  CB  . ALA A 1 123 ? -1.515  12.586  2.241   1.00 14.25 ? 301 ALA A CB  1 
ATOM   954  N  N   . VAL A 1 124 ? -0.569  15.552  2.773   1.00 13.43 ? 302 VAL A N   1 
ATOM   955  C  CA  . VAL A 1 124 ? -0.024  16.550  3.695   1.00 13.05 ? 302 VAL A CA  1 
ATOM   956  C  C   . VAL A 1 124 ? -0.852  17.834  3.636   1.00 14.06 ? 302 VAL A C   1 
ATOM   957  O  O   . VAL A 1 124 ? -1.202  18.412  4.662   1.00 15.56 ? 302 VAL A O   1 
ATOM   958  C  CB  . VAL A 1 124 ? 1.442   16.899  3.360   1.00 12.65 ? 302 VAL A CB  1 
ATOM   959  C  CG1 . VAL A 1 124 ? 1.942   18.003  4.294   1.00 13.25 ? 302 VAL A CG1 1 
ATOM   960  C  CG2 . VAL A 1 124 ? 2.315   15.654  3.495   1.00 13.69 ? 302 VAL A CG2 1 
ATOM   961  N  N   . VAL A 1 125 ? -1.161  18.283  2.426   1.00 15.20 ? 303 VAL A N   1 
ATOM   962  C  CA  . VAL A 1 125 ? -1.947  19.500  2.267   1.00 17.00 ? 303 VAL A CA  1 
ATOM   963  C  C   . VAL A 1 125 ? -3.289  19.415  2.990   1.00 16.99 ? 303 VAL A C   1 
ATOM   964  O  O   . VAL A 1 125 ? -3.727  20.383  3.617   1.00 17.57 ? 303 VAL A O   1 
ATOM   965  C  CB  . VAL A 1 125 ? -2.210  19.808  0.773   1.00 17.60 ? 303 VAL A CB  1 
ATOM   966  C  CG1 . VAL A 1 125 ? -3.099  21.048  0.641   1.00 18.43 ? 303 VAL A CG1 1 
ATOM   967  C  CG2 . VAL A 1 125 ? -0.899  20.028  0.053   1.00 18.20 ? 303 VAL A CG2 1 
ATOM   968  N  N   . GLU A 1 126 ? -3.931  18.253  2.916   1.00 17.22 ? 304 GLU A N   1 
ATOM   969  C  CA  . GLU A 1 126 ? -5.235  18.064  3.542   1.00 18.33 ? 304 GLU A CA  1 
ATOM   970  C  C   . GLU A 1 126 ? -5.201  17.678  5.021   1.00 18.10 ? 304 GLU A C   1 
ATOM   971  O  O   . GLU A 1 126 ? -6.253  17.559  5.652   1.00 18.88 ? 304 GLU A O   1 
ATOM   972  C  CB  . GLU A 1 126 ? -6.036  17.027  2.751   1.00 19.95 ? 304 GLU A CB  1 
ATOM   973  C  CG  . GLU A 1 126 ? -6.262  17.428  1.304   1.00 23.33 ? 304 GLU A CG  1 
ATOM   974  C  CD  . GLU A 1 126 ? -7.077  18.701  1.173   1.00 28.32 ? 304 GLU A CD  1 
ATOM   975  O  OE1 . GLU A 1 126 ? -6.779  19.512  0.271   1.00 31.70 ? 304 GLU A OE1 1 
ATOM   976  O  OE2 . GLU A 1 126 ? -8.025  18.889  1.963   1.00 32.01 ? 304 GLU A OE2 1 
ATOM   977  N  N   . GLY A 1 127 ? -4.005  17.475  5.566   1.00 16.00 ? 305 GLY A N   1 
ATOM   978  C  CA  . GLY A 1 127 ? -3.884  17.133  6.973   1.00 15.69 ? 305 GLY A CA  1 
ATOM   979  C  C   . GLY A 1 127 ? -4.044  15.668  7.334   1.00 15.59 ? 305 GLY A C   1 
ATOM   980  O  O   . GLY A 1 127 ? -4.235  15.333  8.503   1.00 16.08 ? 305 GLY A O   1 
ATOM   981  N  N   . TYR A 1 128 ? -3.966  14.788  6.342   1.00 14.88 ? 306 TYR A N   1 
ATOM   982  C  CA  . TYR A 1 128 ? -4.093  13.352  6.594   1.00 13.82 ? 306 TYR A CA  1 
ATOM   983  C  C   . TYR A 1 128 ? -2.736  12.769  6.974   1.00 14.16 ? 306 TYR A C   1 
ATOM   984  O  O   . TYR A 1 128 ? -2.651  11.697  7.571   1.00 15.31 ? 306 TYR A O   1 
ATOM   985  C  CB  . TYR A 1 128 ? -4.588  12.629  5.339   1.00 14.70 ? 306 TYR A CB  1 
ATOM   986  C  CG  . TYR A 1 128 ? -5.957  13.058  4.859   1.00 15.47 ? 306 TYR A CG  1 
ATOM   987  C  CD1 . TYR A 1 128 ? -6.169  13.404  3.524   1.00 17.26 ? 306 TYR A CD1 1 
ATOM   988  C  CD2 . TYR A 1 128 ? -7.040  13.098  5.731   1.00 18.55 ? 306 TYR A CD2 1 
ATOM   989  C  CE1 . TYR A 1 128 ? -7.427  13.779  3.071   1.00 20.85 ? 306 TYR A CE1 1 
ATOM   990  C  CE2 . TYR A 1 128 ? -8.304  13.471  5.287   1.00 21.81 ? 306 TYR A CE2 1 
ATOM   991  C  CZ  . TYR A 1 128 ? -8.488  13.811  3.956   1.00 22.24 ? 306 TYR A CZ  1 
ATOM   992  O  OH  . TYR A 1 128 ? -9.736  14.191  3.515   1.00 26.01 ? 306 TYR A OH  1 
ATOM   993  N  N   . LEU A 1 129 ? -1.681  13.489  6.620   1.00 13.20 ? 307 LEU A N   1 
ATOM   994  C  CA  . LEU A 1 129 ? -0.311  13.045  6.866   1.00 13.49 ? 307 LEU A CA  1 
ATOM   995  C  C   . LEU A 1 129 ? 0.511   14.214  7.403   1.00 13.36 ? 307 LEU A C   1 
ATOM   996  O  O   . LEU A 1 129 ? 0.391   15.330  6.905   1.00 14.23 ? 307 LEU A O   1 
ATOM   997  C  CB  . LEU A 1 129 ? 0.271   12.545  5.535   1.00 13.42 ? 307 LEU A CB  1 
ATOM   998  C  CG  . LEU A 1 129 ? 1.698   12.001  5.452   1.00 12.31 ? 307 LEU A CG  1 
ATOM   999  C  CD1 . LEU A 1 129 ? 1.821   10.706  6.236   1.00 13.30 ? 307 LEU A CD1 1 
ATOM   1000 C  CD2 . LEU A 1 129 ? 2.041   11.757  3.981   1.00 12.96 ? 307 LEU A CD2 1 
ATOM   1001 N  N   . THR A 1 130 ? 1.340   13.966  8.412   1.00 14.10 ? 308 THR A N   1 
ATOM   1002 C  CA  . THR A 1 130 ? 2.156   15.043  8.979   1.00 13.96 ? 308 THR A CA  1 
ATOM   1003 C  C   . THR A 1 130 ? 3.160   15.567  7.957   1.00 14.21 ? 308 THR A C   1 
ATOM   1004 O  O   . THR A 1 130 ? 3.634   14.826  7.100   1.00 13.70 ? 308 THR A O   1 
ATOM   1005 C  CB  . THR A 1 130 ? 2.937   14.572  10.228  1.00 14.69 ? 308 THR A CB  1 
ATOM   1006 O  OG1 . THR A 1 130 ? 3.752   13.442  9.886   1.00 13.95 ? 308 THR A OG1 1 
ATOM   1007 C  CG2 . THR A 1 130 ? 1.976   14.186  11.341  1.00 17.14 ? 308 THR A CG2 1 
ATOM   1008 N  N   . PRO A 1 131 ? 3.489   16.867  8.027   1.00 14.80 ? 309 PRO A N   1 
ATOM   1009 C  CA  . PRO A 1 131 ? 4.451   17.424  7.070   1.00 15.23 ? 309 PRO A CA  1 
ATOM   1010 C  C   . PRO A 1 131 ? 5.853   16.845  7.194   1.00 14.06 ? 309 PRO A C   1 
ATOM   1011 O  O   . PRO A 1 131 ? 6.639   16.901  6.247   1.00 16.82 ? 309 PRO A O   1 
ATOM   1012 C  CB  . PRO A 1 131 ? 4.395   18.928  7.354   1.00 15.69 ? 309 PRO A CB  1 
ATOM   1013 C  CG  . PRO A 1 131 ? 3.986   18.999  8.791   1.00 17.26 ? 309 PRO A CG  1 
ATOM   1014 C  CD  . PRO A 1 131 ? 2.939   17.916  8.906   1.00 16.09 ? 309 PRO A CD  1 
ATOM   1015 N  N   . ASN A 1 132 ? 6.155   16.276  8.360   1.00 13.98 ? 310 ASN A N   1 
ATOM   1016 C  CA  . ASN A 1 132 ? 7.462   15.674  8.614   1.00 14.55 ? 310 ASN A CA  1 
ATOM   1017 C  C   . ASN A 1 132 ? 7.375   14.149  8.558   1.00 14.87 ? 310 ASN A C   1 
ATOM   1018 O  O   . ASN A 1 132 ? 8.130   13.450  9.236   1.00 15.17 ? 310 ASN A O   1 
ATOM   1019 C  CB  . ASN A 1 132 ? 7.978   16.104  9.993   1.00 16.76 ? 310 ASN A CB  1 
ATOM   1020 C  CG  . ASN A 1 132 ? 7.033   15.710  11.122  1.00 17.61 ? 310 ASN A CG  1 
ATOM   1021 O  OD1 . ASN A 1 132 ? 5.820   15.902  11.028  1.00 20.21 ? 310 ASN A OD1 1 
ATOM   1022 N  ND2 . ASN A 1 132 ? 7.589   15.170  12.204  1.00 20.54 ? 310 ASN A ND2 1 
ATOM   1023 N  N   . TYR A 1 133 ? 6.460   13.639  7.742   1.00 13.54 ? 311 TYR A N   1 
ATOM   1024 C  CA  . TYR A 1 133 ? 6.263   12.200  7.617   1.00 13.01 ? 311 TYR A CA  1 
ATOM   1025 C  C   . TYR A 1 133 ? 7.523   11.483  7.158   1.00 12.48 ? 311 TYR A C   1 
ATOM   1026 O  O   . TYR A 1 133 ? 8.412   12.070  6.529   1.00 12.41 ? 311 TYR A O   1 
ATOM   1027 C  CB  . TYR A 1 133 ? 5.119   11.905  6.635   1.00 13.18 ? 311 TYR A CB  1 
ATOM   1028 C  CG  . TYR A 1 133 ? 5.455   12.204  5.192   1.00 13.50 ? 311 TYR A CG  1 
ATOM   1029 C  CD1 . TYR A 1 133 ? 6.024   11.228  4.367   1.00 13.54 ? 311 TYR A CD1 1 
ATOM   1030 C  CD2 . TYR A 1 133 ? 5.247   13.477  4.660   1.00 15.31 ? 311 TYR A CD2 1 
ATOM   1031 C  CE1 . TYR A 1 133 ? 6.381   11.518  3.053   1.00 16.07 ? 311 TYR A CE1 1 
ATOM   1032 C  CE2 . TYR A 1 133 ? 5.599   13.776  3.348   1.00 17.07 ? 311 TYR A CE2 1 
ATOM   1033 C  CZ  . TYR A 1 133 ? 6.167   12.796  2.550   1.00 16.04 ? 311 TYR A CZ  1 
ATOM   1034 O  OH  . TYR A 1 133 ? 6.540   13.108  1.257   1.00 19.11 ? 311 TYR A OH  1 
ATOM   1035 N  N   . LEU A 1 134 ? 7.597   10.203  7.494   1.00 12.19 ? 312 LEU A N   1 
ATOM   1036 C  CA  . LEU A 1 134 ? 8.721   9.376   7.100   1.00 13.71 ? 312 LEU A CA  1 
ATOM   1037 C  C   . LEU A 1 134 ? 8.208   8.442   6.015   1.00 12.88 ? 312 LEU A C   1 
ATOM   1038 O  O   . LEU A 1 134 ? 7.185   7.776   6.186   1.00 12.76 ? 312 LEU A O   1 
ATOM   1039 C  CB  . LEU A 1 134 ? 9.234   8.565   8.297   1.00 14.84 ? 312 LEU A CB  1 
ATOM   1040 C  CG  . LEU A 1 134 ? 10.376  7.582   8.020   1.00 17.44 ? 312 LEU A CG  1 
ATOM   1041 C  CD1 . LEU A 1 134 ? 11.616  8.346   7.594   1.00 18.85 ? 312 LEU A CD1 1 
ATOM   1042 C  CD2 . LEU A 1 134 ? 10.669  6.747   9.273   1.00 21.26 ? 312 LEU A CD2 1 
ATOM   1043 N  N   . LEU A 1 135 ? 8.896   8.429   4.881   1.00 12.07 ? 313 LEU A N   1 
ATOM   1044 C  CA  . LEU A 1 135 ? 8.519   7.562   3.779   1.00 12.16 ? 313 LEU A CA  1 
ATOM   1045 C  C   . LEU A 1 135 ? 9.451   6.365   3.796   1.00 12.81 ? 313 LEU A C   1 
ATOM   1046 O  O   . LEU A 1 135 ? 10.655  6.511   4.029   1.00 12.22 ? 313 LEU A O   1 
ATOM   1047 C  CB  . LEU A 1 135 ? 8.677   8.296   2.444   1.00 14.00 ? 313 LEU A CB  1 
ATOM   1048 C  CG  . LEU A 1 135 ? 8.596   7.432   1.178   1.00 14.65 ? 313 LEU A CG  1 
ATOM   1049 C  CD1 . LEU A 1 135 ? 7.155   7.062   0.903   1.00 15.30 ? 313 LEU A CD1 1 
ATOM   1050 C  CD2 . LEU A 1 135 ? 9.176   8.198   -0.005  1.00 15.72 ? 313 LEU A CD2 1 
ATOM   1051 N  N   . MET A 1 136 ? 8.905   5.179   3.561   1.00 13.28 ? 314 MET A N   1 
ATOM   1052 C  CA  . MET A 1 136 ? 9.754   4.001   3.518   1.00 13.56 ? 314 MET A CA  1 
ATOM   1053 C  C   . MET A 1 136 ? 9.133   2.880   2.694   1.00 13.25 ? 314 MET A C   1 
ATOM   1054 O  O   . MET A 1 136 ? 7.952   2.939   2.323   1.00 12.55 ? 314 MET A O   1 
ATOM   1055 C  CB  . MET A 1 136 ? 10.084  3.524   4.943   1.00 18.94 ? 314 MET A CB  1 
ATOM   1056 C  CG  . MET A 1 136 ? 8.925   2.967   5.745   1.00 18.89 ? 314 MET A CG  1 
ATOM   1057 S  SD  . MET A 1 136 ? 9.364   2.774   7.518   1.00 23.11 ? 314 MET A SD  1 
ATOM   1058 C  CE  . MET A 1 136 ? 8.129   3.822   8.274   1.00 24.77 ? 314 MET A CE  1 
ATOM   1059 N  N   . GLY A 1 137 ? 9.957   1.890   2.363   1.00 12.62 ? 315 GLY A N   1 
ATOM   1060 C  CA  . GLY A 1 137 ? 9.485   0.741   1.614   1.00 12.05 ? 315 GLY A CA  1 
ATOM   1061 C  C   . GLY A 1 137 ? 8.950   -0.268  2.616   1.00 13.04 ? 315 GLY A C   1 
ATOM   1062 O  O   . GLY A 1 137 ? 9.259   -0.189  3.804   1.00 13.83 ? 315 GLY A O   1 
ATOM   1063 N  N   . HIS A 1 138 ? 8.156   -1.221  2.143   1.00 12.75 ? 316 HIS A N   1 
ATOM   1064 C  CA  . HIS A 1 138 ? 7.555   -2.220  3.016   1.00 12.04 ? 316 HIS A CA  1 
ATOM   1065 C  C   . HIS A 1 138 ? 8.552   -2.879  3.969   1.00 13.19 ? 316 HIS A C   1 
ATOM   1066 O  O   . HIS A 1 138 ? 8.265   -3.047  5.151   1.00 15.04 ? 316 HIS A O   1 
ATOM   1067 C  CB  . HIS A 1 138 ? 6.864   -3.295  2.168   1.00 13.05 ? 316 HIS A CB  1 
ATOM   1068 C  CG  . HIS A 1 138 ? 5.638   -3.880  2.803   1.00 14.79 ? 316 HIS A CG  1 
ATOM   1069 N  ND1 . HIS A 1 138 ? 4.839   -4.802  2.160   1.00 14.54 ? 316 HIS A ND1 1 
ATOM   1070 C  CD2 . HIS A 1 138 ? 5.059   -3.656  4.007   1.00 15.47 ? 316 HIS A CD2 1 
ATOM   1071 C  CE1 . HIS A 1 138 ? 3.819   -5.117  2.939   1.00 15.56 ? 316 HIS A CE1 1 
ATOM   1072 N  NE2 . HIS A 1 138 ? 3.929   -4.436  4.066   1.00 18.49 ? 316 HIS A NE2 1 
ATOM   1073 N  N   . SER A 1 139 ? 9.724   -3.235  3.460   1.00 12.93 ? 317 SER A N   1 
ATOM   1074 C  CA  . SER A 1 139 ? 10.731  -3.915  4.280   1.00 13.52 ? 317 SER A CA  1 
ATOM   1075 C  C   . SER A 1 139 ? 11.462  -3.036  5.289   1.00 14.35 ? 317 SER A C   1 
ATOM   1076 O  O   . SER A 1 139 ? 12.166  -3.549  6.160   1.00 13.70 ? 317 SER A O   1 
ATOM   1077 C  CB  . SER A 1 139 ? 11.769  -4.587  3.382   1.00 14.61 ? 317 SER A CB  1 
ATOM   1078 O  OG  . SER A 1 139 ? 12.562  -3.621  2.716   1.00 17.09 ? 317 SER A OG  1 
ATOM   1079 N  N   . ASP A 1 140 ? 11.299  -1.721  5.184   1.00 13.23 ? 318 ASP A N   1 
ATOM   1080 C  CA  . ASP A 1 140 ? 11.997  -0.803  6.081   1.00 14.05 ? 318 ASP A CA  1 
ATOM   1081 C  C   . ASP A 1 140 ? 11.538  -0.766  7.535   1.00 13.51 ? 318 ASP A C   1 
ATOM   1082 O  O   . ASP A 1 140 ? 12.241  -0.208  8.388   1.00 14.93 ? 318 ASP A O   1 
ATOM   1083 C  CB  . ASP A 1 140 ? 11.973  0.615   5.501   1.00 14.28 ? 318 ASP A CB  1 
ATOM   1084 C  CG  . ASP A 1 140 ? 12.854  0.755   4.277   1.00 15.99 ? 318 ASP A CG  1 
ATOM   1085 O  OD1 . ASP A 1 140 ? 14.012  0.291   4.326   1.00 18.63 ? 318 ASP A OD1 1 
ATOM   1086 O  OD2 . ASP A 1 140 ? 12.400  1.335   3.270   1.00 16.84 ? 318 ASP A OD2 1 
ATOM   1087 N  N   . VAL A 1 141 ? 10.372  -1.331  7.835   1.00 13.40 ? 319 VAL A N   1 
ATOM   1088 C  CA  . VAL A 1 141 ? 9.936   -1.332  9.225   1.00 15.10 ? 319 VAL A CA  1 
ATOM   1089 C  C   . VAL A 1 141 ? 10.951  -2.221  9.938   1.00 16.24 ? 319 VAL A C   1 
ATOM   1090 O  O   . VAL A 1 141 ? 11.336  -3.271  9.413   1.00 15.43 ? 319 VAL A O   1 
ATOM   1091 C  CB  . VAL A 1 141 ? 8.495   -1.871  9.379   1.00 15.23 ? 319 VAL A CB  1 
ATOM   1092 C  CG1 . VAL A 1 141 ? 7.505   -0.819  8.870   1.00 15.22 ? 319 VAL A CG1 1 
ATOM   1093 C  CG2 . VAL A 1 141 ? 8.323   -3.170  8.607   1.00 16.43 ? 319 VAL A CG2 1 
ATOM   1094 N  N   . VAL A 1 142 ? 11.397  -1.793  11.115  1.00 16.54 ? 320 VAL A N   1 
ATOM   1095 C  CA  . VAL A 1 142 ? 12.426  -2.531  11.840  1.00 16.44 ? 320 VAL A CA  1 
ATOM   1096 C  C   . VAL A 1 142 ? 12.129  -3.972  12.225  1.00 16.08 ? 320 VAL A C   1 
ATOM   1097 O  O   . VAL A 1 142 ? 13.062  -4.773  12.327  1.00 16.36 ? 320 VAL A O   1 
ATOM   1098 C  CB  . VAL A 1 142 ? 12.886  -1.771  13.121  1.00 16.84 ? 320 VAL A CB  1 
ATOM   1099 C  CG1 . VAL A 1 142 ? 13.524  -0.439  12.732  1.00 19.17 ? 320 VAL A CG1 1 
ATOM   1100 C  CG2 . VAL A 1 142 ? 11.720  -1.564  14.062  1.00 18.09 ? 320 VAL A CG2 1 
ATOM   1101 N  N   . ASN A 1 143 ? 10.857  -4.323  12.415  1.00 15.29 ? 321 ASN A N   1 
ATOM   1102 C  CA  . ASN A 1 143 ? 10.534  -5.690  12.807  1.00 16.08 ? 321 ASN A CA  1 
ATOM   1103 C  C   . ASN A 1 143 ? 10.676  -6.725  11.692  1.00 16.39 ? 321 ASN A C   1 
ATOM   1104 O  O   . ASN A 1 143 ? 10.594  -7.925  11.944  1.00 16.40 ? 321 ASN A O   1 
ATOM   1105 C  CB  . ASN A 1 143 ? 9.136   -5.775  13.444  1.00 18.39 ? 321 ASN A CB  1 
ATOM   1106 C  CG  . ASN A 1 143 ? 8.028   -5.307  12.523  1.00 23.78 ? 321 ASN A CG  1 
ATOM   1107 O  OD1 . ASN A 1 143 ? 6.884   -5.741  12.655  1.00 30.32 ? 321 ASN A OD1 1 
ATOM   1108 N  ND2 . ASN A 1 143 ? 8.350   -4.406  11.603  1.00 27.35 ? 321 ASN A ND2 1 
ATOM   1109 N  N   . ILE A 1 144 ? 10.883  -6.264  10.461  1.00 14.97 ? 322 ILE A N   1 
ATOM   1110 C  CA  . ILE A 1 144 ? 11.096  -7.184  9.346   1.00 14.69 ? 322 ILE A CA  1 
ATOM   1111 C  C   . ILE A 1 144 ? 12.598  -7.166  9.075   1.00 13.69 ? 322 ILE A C   1 
ATOM   1112 O  O   . ILE A 1 144 ? 13.134  -6.155  8.625   1.00 13.50 ? 322 ILE A O   1 
ATOM   1113 C  CB  . ILE A 1 144 ? 10.341  -6.743  8.059   1.00 14.61 ? 322 ILE A CB  1 
ATOM   1114 C  CG1 . ILE A 1 144 ? 8.828   -6.826  8.274   1.00 15.70 ? 322 ILE A CG1 1 
ATOM   1115 C  CG2 . ILE A 1 144 ? 10.738  -7.644  6.891   1.00 14.95 ? 322 ILE A CG2 1 
ATOM   1116 C  CD1 . ILE A 1 144 ? 8.003   -6.386  7.061   1.00 19.16 ? 322 ILE A CD1 1 
ATOM   1117 N  N   . LEU A 1 145 ? 13.280  -8.271  9.375   1.00 13.51 ? 323 LEU A N   1 
ATOM   1118 C  CA  . LEU A 1 145 ? 14.726  -8.361  9.163   1.00 13.02 ? 323 LEU A CA  1 
ATOM   1119 C  C   . LEU A 1 145 ? 15.023  -7.961  7.723   1.00 13.48 ? 323 LEU A C   1 
ATOM   1120 O  O   . LEU A 1 145 ? 14.492  -8.562  6.786   1.00 13.74 ? 323 LEU A O   1 
ATOM   1121 C  CB  . LEU A 1 145 ? 15.218  -9.785  9.419   1.00 13.33 ? 323 LEU A CB  1 
ATOM   1122 C  CG  . LEU A 1 145 ? 16.738  -9.953  9.450   1.00 15.20 ? 323 LEU A CG  1 
ATOM   1123 C  CD1 . LEU A 1 145 ? 17.310  -9.262  10.685  1.00 16.96 ? 323 LEU A CD1 1 
ATOM   1124 C  CD2 . LEU A 1 145 ? 17.086  -11.431 9.467   1.00 14.45 ? 323 LEU A CD2 1 
ATOM   1125 N  N   . SER A 1 146 ? 15.892  -6.969  7.558   1.00 13.25 ? 324 SER A N   1 
ATOM   1126 C  CA  . SER A 1 146 ? 16.199  -6.429  6.240   1.00 13.67 ? 324 SER A CA  1 
ATOM   1127 C  C   . SER A 1 146 ? 17.636  -5.924  6.098   1.00 14.78 ? 324 SER A C   1 
ATOM   1128 O  O   . SER A 1 146 ? 18.362  -5.770  7.086   1.00 14.11 ? 324 SER A O   1 
ATOM   1129 C  CB  . SER A 1 146 ? 15.227  -5.284  5.955   1.00 13.13 ? 324 SER A CB  1 
ATOM   1130 O  OG  . SER A 1 146 ? 15.314  -4.320  6.992   1.00 14.71 ? 324 SER A OG  1 
ATOM   1131 N  N   . PRO A 1 147 ? 18.058  -5.628  4.858   1.00 14.13 ? 325 PRO A N   1 
ATOM   1132 C  CA  . PRO A 1 147 ? 19.417  -5.142  4.592   1.00 13.98 ? 325 PRO A CA  1 
ATOM   1133 C  C   . PRO A 1 147 ? 19.904  -3.991  5.476   1.00 15.74 ? 325 PRO A C   1 
ATOM   1134 O  O   . PRO A 1 147 ? 19.174  -3.028  5.726   1.00 16.66 ? 325 PRO A O   1 
ATOM   1135 C  CB  . PRO A 1 147 ? 19.358  -4.757  3.115   1.00 14.85 ? 325 PRO A CB  1 
ATOM   1136 C  CG  . PRO A 1 147 ? 18.384  -5.753  2.562   1.00 14.41 ? 325 PRO A CG  1 
ATOM   1137 C  CD  . PRO A 1 147 ? 17.290  -5.750  3.603   1.00 14.19 ? 325 PRO A CD  1 
ATOM   1138 N  N   . GLY A 1 148 ? 21.143  -4.102  5.948   1.00 15.36 ? 326 GLY A N   1 
ATOM   1139 C  CA  . GLY A 1 148 ? 21.713  -3.059  6.785   1.00 16.34 ? 326 GLY A CA  1 
ATOM   1140 C  C   . GLY A 1 148 ? 21.645  -3.375  8.262   1.00 17.32 ? 326 GLY A C   1 
ATOM   1141 O  O   . GLY A 1 148 ? 22.441  -2.861  9.060   1.00 18.76 ? 326 GLY A O   1 
ATOM   1142 N  N   . GLN A 1 149 ? 20.681  -4.203  8.643   1.00 16.44 ? 327 GLN A N   1 
ATOM   1143 C  CA  . GLN A 1 149 ? 20.555  -4.587  10.038  1.00 14.95 ? 327 GLN A CA  1 
ATOM   1144 C  C   . GLN A 1 149 ? 21.665  -5.589  10.321  1.00 14.49 ? 327 GLN A C   1 
ATOM   1145 O  O   . GLN A 1 149 ? 21.986  -6.428  9.482   1.00 14.96 ? 327 GLN A O   1 
ATOM   1146 C  CB  . GLN A 1 149 ? 19.185  -5.208  10.303  1.00 14.97 ? 327 GLN A CB  1 
ATOM   1147 C  CG  . GLN A 1 149 ? 18.029  -4.295  9.926   1.00 15.31 ? 327 GLN A CG  1 
ATOM   1148 C  CD  . GLN A 1 149 ? 16.698  -4.815  10.413  1.00 15.77 ? 327 GLN A CD  1 
ATOM   1149 O  OE1 . GLN A 1 149 ? 16.445  -6.014  10.377  1.00 18.84 ? 327 GLN A OE1 1 
ATOM   1150 N  NE2 . GLN A 1 149 ? 15.829  -3.912  10.858  1.00 17.63 ? 327 GLN A NE2 1 
ATOM   1151 N  N   . ALA A 1 150 ? 22.247  -5.495  11.510  1.00 14.37 ? 328 ALA A N   1 
ATOM   1152 C  CA  . ALA A 1 150 ? 23.347  -6.365  11.907  1.00 14.51 ? 328 ALA A CA  1 
ATOM   1153 C  C   . ALA A 1 150 ? 23.144  -7.855  11.624  1.00 14.43 ? 328 ALA A C   1 
ATOM   1154 O  O   . ALA A 1 150 ? 24.026  -8.507  11.059  1.00 14.65 ? 328 ALA A O   1 
ATOM   1155 C  CB  . ALA A 1 150 ? 23.652  -6.151  13.386  1.00 13.17 ? 328 ALA A CB  1 
ATOM   1156 N  N   . LEU A 1 151 ? 21.999  -8.399  12.024  1.00 13.40 ? 329 LEU A N   1 
ATOM   1157 C  CA  . LEU A 1 151 ? 21.738  -9.818  11.803  1.00 13.03 ? 329 LEU A CA  1 
ATOM   1158 C  C   . LEU A 1 151 ? 21.646  -10.154 10.316  1.00 13.38 ? 329 LEU A C   1 
ATOM   1159 O  O   . LEU A 1 151 ? 22.108  -11.211 9.887   1.00 13.25 ? 329 LEU A O   1 
ATOM   1160 C  CB  . LEU A 1 151 ? 20.451  -10.246 12.518  1.00 12.21 ? 329 LEU A CB  1 
ATOM   1161 C  CG  . LEU A 1 151 ? 19.988  -11.684 12.270  1.00 12.28 ? 329 LEU A CG  1 
ATOM   1162 C  CD1 . LEU A 1 151 ? 21.085  -12.695 12.625  1.00 13.66 ? 329 LEU A CD1 1 
ATOM   1163 C  CD2 . LEU A 1 151 ? 18.742  -11.937 13.103  1.00 13.02 ? 329 LEU A CD2 1 
ATOM   1164 N  N   . TYR A 1 152 ? 21.038  -9.263  9.535   1.00 13.99 ? 330 TYR A N   1 
ATOM   1165 C  CA  . TYR A 1 152 ? 20.919  -9.492  8.101   1.00 14.06 ? 330 TYR A CA  1 
ATOM   1166 C  C   . TYR A 1 152 ? 22.318  -9.536  7.491   1.00 14.82 ? 330 TYR A C   1 
ATOM   1167 O  O   . TYR A 1 152 ? 22.632  -10.415 6.687   1.00 14.22 ? 330 TYR A O   1 
ATOM   1168 C  CB  . TYR A 1 152 ? 20.109  -8.376  7.432   1.00 14.09 ? 330 TYR A CB  1 
ATOM   1169 C  CG  . TYR A 1 152 ? 19.771  -8.659  5.983   1.00 12.77 ? 330 TYR A CG  1 
ATOM   1170 C  CD1 . TYR A 1 152 ? 18.523  -9.169  5.621   1.00 13.54 ? 330 TYR A CD1 1 
ATOM   1171 C  CD2 . TYR A 1 152 ? 20.714  -8.458  4.977   1.00 14.63 ? 330 TYR A CD2 1 
ATOM   1172 C  CE1 . TYR A 1 152 ? 18.224  -9.471  4.284   1.00 14.72 ? 330 TYR A CE1 1 
ATOM   1173 C  CE2 . TYR A 1 152 ? 20.430  -8.759  3.648   1.00 15.51 ? 330 TYR A CE2 1 
ATOM   1174 C  CZ  . TYR A 1 152 ? 19.187  -9.263  3.308   1.00 15.07 ? 330 TYR A CZ  1 
ATOM   1175 O  OH  . TYR A 1 152 ? 18.924  -9.558  1.987   1.00 15.95 ? 330 TYR A OH  1 
ATOM   1176 N  N   . ASN A 1 153 ? 23.165  -8.588  7.878   1.00 15.63 ? 331 ASN A N   1 
ATOM   1177 C  CA  . ASN A 1 153 ? 24.520  -8.552  7.341   1.00 16.49 ? 331 ASN A CA  1 
ATOM   1178 C  C   . ASN A 1 153 ? 25.262  -9.854  7.611   1.00 17.57 ? 331 ASN A C   1 
ATOM   1179 O  O   . ASN A 1 153 ? 25.982  -10.349 6.747   1.00 17.62 ? 331 ASN A O   1 
ATOM   1180 C  CB  . ASN A 1 153 ? 25.307  -7.380  7.928   1.00 19.75 ? 331 ASN A CB  1 
ATOM   1181 C  CG  . ASN A 1 153 ? 24.721  -6.036  7.544   1.00 22.90 ? 331 ASN A CG  1 
ATOM   1182 O  OD1 . ASN A 1 153 ? 24.049  -5.908  6.520   1.00 26.28 ? 331 ASN A OD1 1 
ATOM   1183 N  ND2 . ASN A 1 153 ? 24.985  -5.022  8.359   1.00 27.06 ? 331 ASN A ND2 1 
ATOM   1184 N  N   . ILE A 1 154 ? 25.083  -10.414 8.804   1.00 16.42 ? 332 ILE A N   1 
ATOM   1185 C  CA  . ILE A 1 154 ? 25.759  -11.658 9.139   1.00 16.93 ? 332 ILE A CA  1 
ATOM   1186 C  C   . ILE A 1 154 ? 25.248  -12.860 8.348   1.00 16.74 ? 332 ILE A C   1 
ATOM   1187 O  O   . ILE A 1 154 ? 26.050  -13.613 7.801   1.00 17.51 ? 332 ILE A O   1 
ATOM   1188 C  CB  . ILE A 1 154 ? 25.659  -11.976 10.646  1.00 19.89 ? 332 ILE A CB  1 
ATOM   1189 C  CG1 . ILE A 1 154 ? 26.446  -10.933 11.436  1.00 21.35 ? 332 ILE A CG1 1 
ATOM   1190 C  CG2 . ILE A 1 154 ? 26.199  -13.386 10.923  1.00 19.44 ? 332 ILE A CG2 1 
ATOM   1191 C  CD1 . ILE A 1 154 ? 26.545  -11.223 12.903  1.00 26.23 ? 332 ILE A CD1 1 
ATOM   1192 N  N   . ILE A 1 155 ? 23.932  -13.052 8.277   1.00 15.02 ? 333 ILE A N   1 
ATOM   1193 C  CA  . ILE A 1 155 ? 23.413  -14.200 7.540   1.00 14.12 ? 333 ILE A CA  1 
ATOM   1194 C  C   . ILE A 1 155 ? 23.684  -14.084 6.037   1.00 14.51 ? 333 ILE A C   1 
ATOM   1195 O  O   . ILE A 1 155 ? 23.690  -15.089 5.323   1.00 15.35 ? 333 ILE A O   1 
ATOM   1196 C  CB  . ILE A 1 155 ? 21.893  -14.412 7.777   1.00 14.67 ? 333 ILE A CB  1 
ATOM   1197 C  CG1 . ILE A 1 155 ? 21.089  -13.238 7.211   1.00 15.61 ? 333 ILE A CG1 1 
ATOM   1198 C  CG2 . ILE A 1 155 ? 21.628  -14.577 9.266   1.00 14.94 ? 333 ILE A CG2 1 
ATOM   1199 C  CD1 . ILE A 1 155 ? 19.587  -13.406 7.356   1.00 17.43 ? 333 ILE A CD1 1 
ATOM   1200 N  N   . SER A 1 156 ? 23.932  -12.864 5.563   1.00 15.08 ? 334 SER A N   1 
ATOM   1201 C  CA  . SER A 1 156 ? 24.212  -12.678 4.142   1.00 16.01 ? 334 SER A CA  1 
ATOM   1202 C  C   . SER A 1 156 ? 25.571  -13.269 3.773   1.00 16.89 ? 334 SER A C   1 
ATOM   1203 O  O   . SER A 1 156 ? 25.909  -13.359 2.591   1.00 17.44 ? 334 SER A O   1 
ATOM   1204 C  CB  . SER A 1 156 ? 24.154  -11.189 3.758   1.00 17.41 ? 334 SER A CB  1 
ATOM   1205 O  OG  . SER A 1 156 ? 25.300  -10.476 4.187   1.00 18.17 ? 334 SER A OG  1 
ATOM   1206 N  N   . THR A 1 157 ? 26.343  -13.675 4.781   1.00 16.81 ? 335 THR A N   1 
ATOM   1207 C  CA  . THR A 1 157 ? 27.657  -14.278 4.541   1.00 17.56 ? 335 THR A CA  1 
ATOM   1208 C  C   . THR A 1 157 ? 27.578  -15.798 4.662   1.00 17.55 ? 335 THR A C   1 
ATOM   1209 O  O   . THR A 1 157 ? 28.563  -16.497 4.421   1.00 18.67 ? 335 THR A O   1 
ATOM   1210 C  CB  . THR A 1 157 ? 28.726  -13.786 5.554   1.00 17.71 ? 335 THR A CB  1 
ATOM   1211 O  OG1 . THR A 1 157 ? 28.423  -14.293 6.863   1.00 17.93 ? 335 THR A OG1 1 
ATOM   1212 C  CG2 . THR A 1 157 ? 28.772  -12.264 5.590   1.00 19.00 ? 335 THR A CG2 1 
ATOM   1213 N  N   . TRP A 1 158 ? 26.405  -16.303 5.034   1.00 15.91 ? 336 TRP A N   1 
ATOM   1214 C  CA  . TRP A 1 158 ? 26.191  -17.740 5.207   1.00 16.12 ? 336 TRP A CA  1 
ATOM   1215 C  C   . TRP A 1 158 ? 25.991  -18.508 3.903   1.00 15.79 ? 336 TRP A C   1 
ATOM   1216 O  O   . TRP A 1 158 ? 25.615  -17.940 2.876   1.00 14.80 ? 336 TRP A O   1 
ATOM   1217 C  CB  . TRP A 1 158 ? 24.972  -17.988 6.100   1.00 15.54 ? 336 TRP A CB  1 
ATOM   1218 C  CG  . TRP A 1 158 ? 25.160  -17.598 7.532   1.00 15.98 ? 336 TRP A CG  1 
ATOM   1219 C  CD1 . TRP A 1 158 ? 26.243  -16.968 8.085   1.00 16.27 ? 336 TRP A CD1 1 
ATOM   1220 C  CD2 . TRP A 1 158 ? 24.226  -17.803 8.596   1.00 16.52 ? 336 TRP A CD2 1 
ATOM   1221 N  NE1 . TRP A 1 158 ? 26.038  -16.771 9.428   1.00 18.16 ? 336 TRP A NE1 1 
ATOM   1222 C  CE2 . TRP A 1 158 ? 24.808  -17.273 9.770   1.00 16.93 ? 336 TRP A CE2 1 
ATOM   1223 C  CE3 . TRP A 1 158 ? 22.955  -18.384 8.673   1.00 15.18 ? 336 TRP A CE3 1 
ATOM   1224 C  CZ2 . TRP A 1 158 ? 24.157  -17.304 11.011  1.00 17.96 ? 336 TRP A CZ2 1 
ATOM   1225 C  CZ3 . TRP A 1 158 ? 22.307  -18.418 9.905   1.00 17.48 ? 336 TRP A CZ3 1 
ATOM   1226 C  CH2 . TRP A 1 158 ? 22.910  -17.879 11.059  1.00 16.92 ? 336 TRP A CH2 1 
ATOM   1227 N  N   . PRO A 1 159 ? 26.253  -19.824 3.924   1.00 16.25 ? 337 PRO A N   1 
ATOM   1228 C  CA  . PRO A 1 159 ? 26.057  -20.583 2.689   1.00 16.33 ? 337 PRO A CA  1 
ATOM   1229 C  C   . PRO A 1 159 ? 24.583  -20.582 2.297   1.00 16.08 ? 337 PRO A C   1 
ATOM   1230 O  O   . PRO A 1 159 ? 23.694  -20.449 3.146   1.00 14.93 ? 337 PRO A O   1 
ATOM   1231 C  CB  . PRO A 1 159 ? 26.570  -21.977 3.051   1.00 18.98 ? 337 PRO A CB  1 
ATOM   1232 C  CG  . PRO A 1 159 ? 26.313  -22.067 4.521   1.00 18.69 ? 337 PRO A CG  1 
ATOM   1233 C  CD  . PRO A 1 159 ? 26.724  -20.697 5.015   1.00 18.16 ? 337 PRO A CD  1 
ATOM   1234 N  N   . HIS A 1 160 ? 24.338  -20.703 0.998   1.00 15.44 ? 338 HIS A N   1 
ATOM   1235 C  CA  . HIS A 1 160 ? 22.987  -20.743 0.457   1.00 15.45 ? 338 HIS A CA  1 
ATOM   1236 C  C   . HIS A 1 160 ? 22.217  -19.431 0.537   1.00 13.97 ? 338 HIS A C   1 
ATOM   1237 O  O   . HIS A 1 160 ? 21.032  -19.400 0.222   1.00 13.81 ? 338 HIS A O   1 
ATOM   1238 C  CB  . HIS A 1 160 ? 22.183  -21.844 1.156   1.00 17.66 ? 338 HIS A CB  1 
ATOM   1239 C  CG  . HIS A 1 160 ? 22.736  -23.218 0.945   1.00 22.97 ? 338 HIS A CG  1 
ATOM   1240 N  ND1 . HIS A 1 160 ? 22.264  -24.067 -0.032  1.00 25.32 ? 338 HIS A ND1 1 
ATOM   1241 C  CD2 . HIS A 1 160 ? 23.744  -23.878 1.563   1.00 24.34 ? 338 HIS A CD2 1 
ATOM   1242 C  CE1 . HIS A 1 160 ? 22.958  -25.193 -0.008  1.00 27.39 ? 338 HIS A CE1 1 
ATOM   1243 N  NE2 . HIS A 1 160 ? 23.864  -25.103 0.951   1.00 25.48 ? 338 HIS A NE2 1 
ATOM   1244 N  N   . PHE A 1 161 ? 22.868  -18.353 0.968   1.00 14.91 ? 339 PHE A N   1 
ATOM   1245 C  CA  . PHE A 1 161 ? 22.171  -17.073 1.051   1.00 14.96 ? 339 PHE A CA  1 
ATOM   1246 C  C   . PHE A 1 161 ? 21.952  -16.477 -0.337  1.00 15.34 ? 339 PHE A C   1 
ATOM   1247 O  O   . PHE A 1 161 ? 22.875  -15.944 -0.948  1.00 15.97 ? 339 PHE A O   1 
ATOM   1248 C  CB  . PHE A 1 161 ? 22.949  -16.070 1.907   1.00 16.68 ? 339 PHE A CB  1 
ATOM   1249 C  CG  . PHE A 1 161 ? 22.205  -14.786 2.144   1.00 17.50 ? 339 PHE A CG  1 
ATOM   1250 C  CD1 . PHE A 1 161 ? 21.161  -14.729 3.067   1.00 18.78 ? 339 PHE A CD1 1 
ATOM   1251 C  CD2 . PHE A 1 161 ? 22.512  -13.647 1.410   1.00 19.35 ? 339 PHE A CD2 1 
ATOM   1252 C  CE1 . PHE A 1 161 ? 20.433  -13.550 3.252   1.00 21.03 ? 339 PHE A CE1 1 
ATOM   1253 C  CE2 . PHE A 1 161 ? 21.787  -12.465 1.587   1.00 20.84 ? 339 PHE A CE2 1 
ATOM   1254 C  CZ  . PHE A 1 161 ? 20.749  -12.421 2.507   1.00 19.00 ? 339 PHE A CZ  1 
ATOM   1255 N  N   . LYS A 1 162 ? 20.720  -16.569 -0.822  1.00 17.48 ? 340 LYS A N   1 
ATOM   1256 C  CA  . LYS A 1 162 ? 20.353  -16.046 -2.131  1.00 18.19 ? 340 LYS A CA  1 
ATOM   1257 C  C   . LYS A 1 162 ? 21.277  -16.556 -3.239  1.00 19.24 ? 340 LYS A C   1 
ATOM   1258 O  O   . LYS A 1 162 ? 21.632  -15.819 -4.157  1.00 19.94 ? 340 LYS A O   1 
ATOM   1259 C  CB  . LYS A 1 162 ? 20.338  -14.513 -2.086  1.00 20.04 ? 340 LYS A CB  1 
ATOM   1260 C  CG  . LYS A 1 162 ? 19.383  -13.974 -1.024  1.00 22.80 ? 340 LYS A CG  1 
ATOM   1261 C  CD  . LYS A 1 162 ? 19.407  -12.456 -0.911  1.00 25.54 ? 340 LYS A CD  1 
ATOM   1262 C  CE  . LYS A 1 162 ? 18.759  -11.791 -2.105  1.00 28.92 ? 340 LYS A CE  1 
ATOM   1263 N  NZ  . LYS A 1 162 ? 18.658  -10.320 -1.896  1.00 31.19 ? 340 LYS A NZ  1 
ATOM   1264 N  N   . HIS A 1 163 ? 21.664  -17.826 -3.135  1.00 19.60 ? 341 HIS A N   1 
ATOM   1265 C  CA  . HIS A 1 163 ? 22.512  -18.482 -4.132  1.00 20.76 ? 341 HIS A CA  1 
ATOM   1266 C  C   . HIS A 1 163 ? 22.637  -19.964 -3.790  1.00 22.82 ? 341 HIS A C   1 
ATOM   1267 O  O   . HIS A 1 163 ? 22.085  -20.360 -2.742  1.00 22.84 ? 341 HIS A O   1 
ATOM   1268 C  CB  . HIS A 1 163 ? 23.903  -17.815 -4.208  1.00 20.52 ? 341 HIS A CB  1 
ATOM   1269 C  CG  . HIS A 1 163 ? 24.808  -18.132 -3.055  1.00 20.71 ? 341 HIS A CG  1 
ATOM   1270 N  ND1 . HIS A 1 163 ? 25.652  -19.222 -3.047  1.00 23.13 ? 341 HIS A ND1 1 
ATOM   1271 C  CD2 . HIS A 1 163 ? 25.014  -17.490 -1.880  1.00 18.54 ? 341 HIS A CD2 1 
ATOM   1272 C  CE1 . HIS A 1 163 ? 26.339  -19.237 -1.918  1.00 20.69 ? 341 HIS A CE1 1 
ATOM   1273 N  NE2 . HIS A 1 163 ? 25.970  -18.197 -1.193  1.00 21.54 ? 341 HIS A NE2 1 
ATOM   1274 O  OXT . HIS A 1 163 ? 23.265  -20.717 -4.568  1.00 23.80 ? 341 HIS A OXT 1 
HETATM 1275 NA NA  . NA  B 2 .   ? 13.317  -3.921  8.165   1.00 15.26 ? 342 NA  A NA  1 
HETATM 1276 O  O   . HOH C 3 .   ? 2.449   -7.700  -1.207  1.00 22.92 ? 1   HOH A O   1 
HETATM 1277 O  O   . HOH C 3 .   ? 5.350   -5.083  -0.545  1.00 12.25 ? 2   HOH A O   1 
HETATM 1278 O  O   . HOH C 3 .   ? -1.869  -7.480  -8.193  1.00 22.93 ? 3   HOH A O   1 
HETATM 1279 O  O   . HOH C 3 .   ? 11.393  -12.004 -10.008 1.00 29.28 ? 4   HOH A O   1 
HETATM 1280 O  O   . HOH C 3 .   ? 9.039   -6.710  -12.217 1.00 19.49 ? 5   HOH A O   1 
HETATM 1281 O  O   . HOH C 3 .   ? 8.597   3.380   -17.188 1.00 26.92 ? 6   HOH A O   1 
HETATM 1282 O  O   . HOH C 3 .   ? 8.948   4.635   -14.664 1.00 21.27 ? 7   HOH A O   1 
HETATM 1283 O  O   . HOH C 3 .   ? 6.818   5.538   -18.142 1.00 25.14 ? 8   HOH A O   1 
HETATM 1284 O  O   . HOH C 3 .   ? 3.044   6.537   -17.878 1.00 26.34 ? 9   HOH A O   1 
HETATM 1285 O  O   . HOH C 3 .   ? 0.998   0.110   -10.386 1.00 19.04 ? 10  HOH A O   1 
HETATM 1286 O  O   . HOH C 3 .   ? 3.685   -5.852  -12.845 1.00 22.44 ? 11  HOH A O   1 
HETATM 1287 O  O   . HOH C 3 .   ? 2.581   -8.257  -12.641 1.00 19.17 ? 12  HOH A O   1 
HETATM 1288 O  O   . HOH C 3 .   ? -14.528 -7.639  -2.841  1.00 22.05 ? 13  HOH A O   1 
HETATM 1289 O  O   . HOH C 3 .   ? 10.177  0.945   11.974  1.00 21.10 ? 14  HOH A O   1 
HETATM 1290 O  O   . HOH C 3 .   ? 10.713  3.527   11.497  1.00 34.23 ? 15  HOH A O   1 
HETATM 1291 O  O   . HOH C 3 .   ? 11.739  -14.577 -10.340 1.00 28.98 ? 16  HOH A O   1 
HETATM 1292 O  O   . HOH C 3 .   ? -0.906  8.341   13.351  1.00 26.47 ? 17  HOH A O   1 
HETATM 1293 O  O   . HOH C 3 .   ? -17.567 4.970   -2.025  1.00 28.79 ? 18  HOH A O   1 
HETATM 1294 O  O   . HOH C 3 .   ? 4.970   13.708  -2.847  1.00 20.73 ? 19  HOH A O   1 
HETATM 1295 O  O   . HOH C 3 .   ? -13.235 0.083   5.516   1.00 24.38 ? 20  HOH A O   1 
HETATM 1296 O  O   . HOH C 3 .   ? -13.485 2.494   3.812   1.00 20.77 ? 21  HOH A O   1 
HETATM 1297 O  O   . HOH C 3 .   ? -15.005 -0.187  7.464   1.00 27.09 ? 22  HOH A O   1 
HETATM 1298 O  O   . HOH C 3 .   ? -11.788 5.986   4.876   1.00 19.42 ? 23  HOH A O   1 
HETATM 1299 O  O   . HOH C 3 .   ? -8.576  -4.026  10.997  1.00 29.70 ? 24  HOH A O   1 
HETATM 1300 O  O   . HOH C 3 .   ? -1.413  -6.265  9.151   1.00 25.80 ? 25  HOH A O   1 
HETATM 1301 O  O   . HOH C 3 .   ? -0.373  17.837  7.369   1.00 22.46 ? 26  HOH A O   1 
HETATM 1302 O  O   . HOH C 3 .   ? 4.230   -12.457 -5.873  1.00 26.00 ? 27  HOH A O   1 
HETATM 1303 O  O   . HOH C 3 .   ? -5.050  -3.699  -18.045 1.00 22.78 ? 28  HOH A O   1 
HETATM 1304 O  O   . HOH C 3 .   ? -9.150  -2.398  9.060   1.00 30.06 ? 29  HOH A O   1 
HETATM 1305 O  O   . HOH C 3 .   ? -0.715  17.120  -4.679  1.00 25.99 ? 30  HOH A O   1 
HETATM 1306 O  O   . HOH C 3 .   ? -0.391  10.455  -13.164 1.00 24.71 ? 31  HOH A O   1 
HETATM 1307 O  O   . HOH C 3 .   ? -1.493  -12.246 -10.026 1.00 27.30 ? 32  HOH A O   1 
HETATM 1308 O  O   . HOH C 3 .   ? -2.545  22.900  3.984   1.00 24.63 ? 33  HOH A O   1 
HETATM 1309 O  O   . HOH C 3 .   ? 14.743  -2.434  3.891   1.00 17.84 ? 34  HOH A O   1 
HETATM 1310 O  O   . HOH C 3 .   ? 9.734   1.428   14.679  1.00 19.85 ? 35  HOH A O   1 
HETATM 1311 O  O   . HOH C 3 .   ? 14.312  -1.838  8.853   1.00 18.43 ? 36  HOH A O   1 
HETATM 1312 O  O   . HOH C 3 .   ? 0.836   -6.794  0.832   1.00 31.09 ? 37  HOH A O   1 
HETATM 1313 O  O   . HOH C 3 .   ? 16.799  -1.131  9.978   1.00 25.09 ? 38  HOH A O   1 
HETATM 1314 O  O   . HOH C 3 .   ? 16.550  -2.437  5.828   1.00 23.08 ? 39  HOH A O   1 
HETATM 1315 O  O   . HOH C 3 .   ? 28.315  -16.081 11.356  1.00 21.52 ? 40  HOH A O   1 
HETATM 1316 O  O   . HOH C 3 .   ? 26.541  -15.823 1.317   1.00 19.88 ? 41  HOH A O   1 
HETATM 1317 O  O   . HOH C 3 .   ? 26.439  -21.776 -0.678  1.00 25.35 ? 42  HOH A O   1 
HETATM 1318 O  O   . HOH C 3 .   ? 22.722  -21.596 5.513   1.00 17.15 ? 43  HOH A O   1 
HETATM 1319 O  O   . HOH C 3 .   ? -7.224  8.587   -10.022 1.00 26.48 ? 44  HOH A O   1 
HETATM 1320 O  O   . HOH C 3 .   ? -15.906 5.699   0.006   1.00 25.27 ? 45  HOH A O   1 
HETATM 1321 O  O   . HOH C 3 .   ? -2.849  -3.992  13.274  1.00 31.04 ? 46  HOH A O   1 
HETATM 1322 O  O   . HOH C 3 .   ? -7.869  -6.477  9.801   1.00 31.40 ? 47  HOH A O   1 
HETATM 1323 O  O   . HOH C 3 .   ? 5.263   14.981  -0.435  1.00 24.24 ? 48  HOH A O   1 
HETATM 1324 O  O   . HOH C 3 .   ? -15.169 7.253   -7.672  1.00 24.47 ? 49  HOH A O   1 
HETATM 1325 O  O   . HOH C 3 .   ? -17.564 0.013   3.975   1.00 29.31 ? 50  HOH A O   1 
HETATM 1326 O  O   . HOH C 3 .   ? -8.545  3.611   -18.100 1.00 40.31 ? 51  HOH A O   1 
HETATM 1327 O  O   . HOH C 3 .   ? -12.975 -10.902 7.277   1.00 31.21 ? 52  HOH A O   1 
HETATM 1328 O  O   . HOH C 3 .   ? 7.756   3.441   14.936  1.00 19.56 ? 53  HOH A O   1 
HETATM 1329 O  O   . HOH C 3 .   ? -2.125  -9.334  -0.719  1.00 32.62 ? 54  HOH A O   1 
HETATM 1330 O  O   . HOH C 3 .   ? -17.460 0.394   15.573  0.50 25.11 ? 55  HOH A O   1 
HETATM 1331 O  O   . HOH C 3 .   ? -5.961  -3.816  11.165  1.00 26.94 ? 56  HOH A O   1 
HETATM 1332 O  O   . HOH C 3 .   ? 6.957   11.789  -3.008  1.00 21.26 ? 57  HOH A O   1 
HETATM 1333 O  O   . HOH C 3 .   ? -11.017 -15.236 -1.492  1.00 41.42 ? 58  HOH A O   1 
HETATM 1334 O  O   . HOH C 3 .   ? -15.831 2.137   10.703  1.00 39.64 ? 59  HOH A O   1 
HETATM 1335 O  O   . HOH C 3 .   ? -15.294 -7.120  7.778   1.00 30.68 ? 60  HOH A O   1 
HETATM 1336 O  O   . HOH C 3 .   ? -18.930 -6.767  -4.494  1.00 35.56 ? 61  HOH A O   1 
HETATM 1337 O  O   . HOH C 3 .   ? 6.017   17.484  3.552   1.00 30.07 ? 62  HOH A O   1 
HETATM 1338 O  O   . HOH C 3 .   ? 4.325   16.571  13.420  1.00 25.32 ? 63  HOH A O   1 
HETATM 1339 O  O   . HOH C 3 .   ? 0.475   -6.142  3.200   1.00 33.31 ? 64  HOH A O   1 
HETATM 1340 O  O   . HOH C 3 .   ? -0.578  -2.427  13.372  1.00 35.27 ? 65  HOH A O   1 
HETATM 1341 O  O   . HOH C 3 .   ? -10.633 8.086   1.596   1.00 27.64 ? 66  HOH A O   1 
HETATM 1342 O  O   . HOH C 3 .   ? -5.391  3.385   -19.506 1.00 31.88 ? 67  HOH A O   1 
HETATM 1343 O  O   . HOH C 3 .   ? 7.541   0.864   -16.382 1.00 32.22 ? 68  HOH A O   1 
HETATM 1344 O  O   . HOH C 3 .   ? 0.240   8.962   15.549  1.00 34.76 ? 69  HOH A O   1 
HETATM 1345 O  O   . HOH C 3 .   ? -2.539  -8.976  -3.401  1.00 35.91 ? 70  HOH A O   1 
HETATM 1346 O  O   . HOH C 3 .   ? 25.899  -11.943 0.136   1.00 36.55 ? 71  HOH A O   1 
HETATM 1347 O  O   . HOH C 3 .   ? -1.896  -11.862 0.529   1.00 34.41 ? 72  HOH A O   1 
HETATM 1348 O  O   . HOH C 3 .   ? 24.915  -22.496 -2.994  1.00 38.55 ? 73  HOH A O   1 
HETATM 1349 O  O   . HOH C 3 .   ? -17.449 1.188   -11.988 1.00 38.24 ? 74  HOH A O   1 
HETATM 1350 O  O   . HOH C 3 .   ? 1.920   -9.128  -15.340 1.00 35.70 ? 75  HOH A O   1 
HETATM 1351 O  O   . HOH C 3 .   ? 29.816  -18.206 6.444   1.00 30.63 ? 76  HOH A O   1 
HETATM 1352 O  O   . HOH C 3 .   ? -7.289  -10.238 -14.032 1.00 33.75 ? 77  HOH A O   1 
HETATM 1353 O  O   . HOH C 3 .   ? -18.784 7.114   -3.417  1.00 34.08 ? 78  HOH A O   1 
HETATM 1354 O  O   . HOH C 3 .   ? 7.017   9.690   -13.033 1.00 34.60 ? 79  HOH A O   1 
HETATM 1355 O  O   . HOH C 3 .   ? 5.424   2.896   16.531  1.00 33.58 ? 80  HOH A O   1 
HETATM 1356 O  O   . HOH C 3 .   ? -8.192  -3.920  6.817   1.00 36.04 ? 81  HOH A O   1 
HETATM 1357 O  O   . HOH C 3 .   ? -14.101 6.180   6.219   1.00 37.33 ? 82  HOH A O   1 
HETATM 1358 O  O   . HOH C 3 .   ? 10.505  12.032  -8.256  1.00 33.18 ? 83  HOH A O   1 
HETATM 1359 O  O   . HOH C 3 .   ? 6.711   15.392  -4.316  1.00 34.91 ? 84  HOH A O   1 
HETATM 1360 O  O   . HOH C 3 .   ? 28.250  -23.752 0.082   1.00 36.09 ? 85  HOH A O   1 
HETATM 1361 O  O   . HOH C 3 .   ? -7.052  14.066  9.789   1.00 34.54 ? 86  HOH A O   1 
HETATM 1362 O  O   . HOH C 3 .   ? 7.674   10.345  -10.420 1.00 31.16 ? 87  HOH A O   1 
HETATM 1363 O  O   . HOH C 3 .   ? -3.352  -1.502  15.247  1.00 39.04 ? 88  HOH A O   1 
HETATM 1364 O  O   . HOH C 3 .   ? -13.997 -8.546  10.231  1.00 43.18 ? 89  HOH A O   1 
HETATM 1365 O  O   . HOH C 3 .   ? -18.659 -7.514  5.404   1.00 45.71 ? 90  HOH A O   1 
HETATM 1366 O  O   . HOH C 3 .   ? -19.540 -6.887  -7.302  1.00 40.18 ? 91  HOH A O   1 
HETATM 1367 O  O   . HOH C 3 .   ? -22.392 -7.049  -7.893  1.00 45.13 ? 92  HOH A O   1 
HETATM 1368 O  O   . HOH C 3 .   ? -17.487 -12.091 -5.722  1.00 47.99 ? 93  HOH A O   1 
HETATM 1369 O  O   . HOH C 3 .   ? 1.734   16.951  13.629  1.00 33.58 ? 94  HOH A O   1 
HETATM 1370 O  O   . HOH C 3 .   ? 8.207   -0.668  -18.645 1.00 37.18 ? 95  HOH A O   1 
HETATM 1371 O  O   . HOH C 3 .   ? -6.475  21.493  5.191   1.00 40.23 ? 96  HOH A O   1 
HETATM 1372 O  O   . HOH C 3 .   ? 0.203   20.400  7.684   1.00 45.51 ? 97  HOH A O   1 
HETATM 1373 O  O   . HOH C 3 .   ? 27.578  -25.858 -1.757  1.00 40.02 ? 98  HOH A O   1 
HETATM 1374 O  O   . HOH C 3 .   ? 16.360  -23.856 -3.746  1.00 37.78 ? 99  HOH A O   1 
HETATM 1375 O  O   . HOH C 3 .   ? -14.692 6.891   -10.319 1.00 42.14 ? 100 HOH A O   1 
HETATM 1376 O  O   . HOH C 3 .   ? 15.071  -22.267 -5.306  1.00 47.70 ? 101 HOH A O   1 
HETATM 1377 O  O   . HOH C 3 .   ? 0.658   17.524  11.272  1.00 46.42 ? 102 HOH A O   1 
HETATM 1378 O  O   . HOH C 3 .   ? 6.398   20.378  4.166   1.00 50.86 ? 103 HOH A O   1 
HETATM 1379 O  O   . HOH C 3 .   ? -5.202  11.646  16.150  1.00 37.74 ? 104 HOH A O   1 
HETATM 1380 O  O   . HOH C 3 .   ? 26.844  -14.058 -0.937  1.00 36.90 ? 105 HOH A O   1 
HETATM 1381 O  O   . HOH C 3 .   ? 9.283   -12.536 -11.731 1.00 54.73 ? 106 HOH A O   1 
HETATM 1382 O  O   . HOH C 3 .   ? 25.001  -25.467 -2.687  1.00 50.05 ? 107 HOH A O   1 
HETATM 1383 O  O   . HOH C 3 .   ? -6.046  20.128  7.512   1.00 47.62 ? 108 HOH A O   1 
HETATM 1384 O  O   . HOH C 3 .   ? 5.281   -5.783  10.456  1.00 28.02 ? 109 HOH A O   1 
HETATM 1385 O  O   . HOH C 3 .   ? -11.402 0.822   -18.549 1.00 33.66 ? 110 HOH A O   1 
HETATM 1386 O  O   . HOH C 3 .   ? 1.940   22.986  7.758   1.00 52.85 ? 111 HOH A O   1 
HETATM 1387 O  O   . HOH C 3 .   ? -7.845  10.382  14.225  1.00 31.16 ? 112 HOH A O   1 
HETATM 1388 O  O   . HOH C 3 .   ? -10.059 12.270  -0.499  1.00 32.96 ? 113 HOH A O   1 
HETATM 1389 O  O   . HOH C 3 .   ? -4.547  -3.216  -21.001 1.00 41.44 ? 114 HOH A O   1 
HETATM 1390 O  O   . HOH C 3 .   ? -7.343  3.841   -21.721 1.00 47.62 ? 115 HOH A O   1 
HETATM 1391 O  O   . HOH C 3 .   ? -11.761 3.869   -20.180 1.00 52.28 ? 116 HOH A O   1 
HETATM 1392 O  O   . HOH C 3 .   ? -10.643 9.327   -1.098  1.00 50.60 ? 117 HOH A O   1 
HETATM 1393 O  O   . HOH C 3 .   ? -16.838 -8.698  -4.377  1.00 45.05 ? 118 HOH A O   1 
HETATM 1394 O  O   . HOH C 3 .   ? -0.354  -0.423  15.697  1.00 46.53 ? 119 HOH A O   1 
HETATM 1395 O  O   . HOH C 3 .   ? -16.961 -5.329  9.345   1.00 47.75 ? 120 HOH A O   1 
HETATM 1396 O  O   . HOH C 3 .   ? 26.696  -7.396  11.792  1.00 37.11 ? 121 HOH A O   1 
HETATM 1397 O  O   . HOH C 3 .   ? 1.037   -10.090 0.843   1.00 54.49 ? 122 HOH A O   1 
HETATM 1398 O  O   . HOH C 3 .   ? 5.978   17.174  16.068  1.00 49.52 ? 123 HOH A O   1 
HETATM 1399 O  O   . HOH C 3 .   ? -10.075 -7.917  -18.842 1.00 35.18 ? 124 HOH A O   1 
HETATM 1400 O  O   . HOH C 3 .   ? -2.060  11.210  14.790  1.00 33.21 ? 125 HOH A O   1 
HETATM 1401 O  O   . HOH C 3 .   ? 20.667  -8.686  0.018   1.00 34.08 ? 126 HOH A O   1 
HETATM 1402 O  O   . HOH C 3 .   ? 29.498  -13.962 12.844  1.00 38.67 ? 127 HOH A O   1 
HETATM 1403 O  O   . HOH C 3 .   ? -4.332  9.873   -10.605 1.00 38.68 ? 128 HOH A O   1 
HETATM 1404 O  O   . HOH C 3 .   ? 5.593   12.774  11.922  1.00 33.64 ? 129 HOH A O   1 
HETATM 1405 O  O   . HOH C 3 .   ? 14.327  -10.722 -10.626 1.00 51.16 ? 130 HOH A O   1 
HETATM 1406 O  O   . HOH C 3 .   ? 22.807  -5.840  4.161   1.00 36.87 ? 131 HOH A O   1 
HETATM 1407 O  O   . HOH C 3 .   ? -16.601 2.177   7.690   1.00 46.89 ? 132 HOH A O   1 
HETATM 1408 O  O   . HOH C 3 .   ? 15.903  -9.847  -1.935  1.00 45.86 ? 133 HOH A O   1 
HETATM 1409 O  O   . HOH C 3 .   ? -16.080 -2.326  -11.338 1.00 36.35 ? 134 HOH A O   1 
HETATM 1410 O  O   . HOH C 3 .   ? -12.740 11.066  -0.711  1.00 49.72 ? 135 HOH A O   1 
HETATM 1411 O  O   . HOH C 3 .   ? -13.145 -14.138 6.608   1.00 41.80 ? 136 HOH A O   1 
HETATM 1412 O  O   . HOH C 3 .   ? -10.829 -5.299  12.920  1.00 50.60 ? 137 HOH A O   1 
# 
